data_2FNB
#
_entry.id   2FNB
#
_cell.length_a   1.000
_cell.length_b   1.000
_cell.length_c   1.000
_cell.angle_alpha   90.00
_cell.angle_beta   90.00
_cell.angle_gamma   90.00
#
_symmetry.space_group_name_H-M   'P 1'
#
_entity_poly.entity_id   1
_entity_poly.type   'polypeptide(L)'
_entity_poly.pdbx_seq_one_letter_code
;MRGSEVPQLTDLSFVDITDSSIGLRWTPLNSSTIIGYRITVVAAGEGIPIFEDFVDSSVGYYTVTGLEPGIDYDISVITL
INGGESAPTTLTQQT
;
_entity_poly.pdbx_strand_id   A
#
# COMPACT_ATOMS: atom_id res chain seq x y z
N MET A 1 -12.43 -3.53 -13.51
CA MET A 1 -11.64 -4.72 -13.86
C MET A 1 -12.56 -5.87 -14.27
N ARG A 2 -12.13 -7.13 -14.30
CA ARG A 2 -13.03 -8.27 -14.48
C ARG A 2 -12.67 -9.34 -13.45
N GLY A 3 -13.57 -9.59 -12.50
CA GLY A 3 -13.31 -10.38 -11.30
C GLY A 3 -12.04 -9.85 -10.62
N SER A 4 -10.98 -10.64 -10.67
CA SER A 4 -9.60 -10.23 -10.46
C SER A 4 -8.76 -10.86 -11.57
N GLU A 5 -7.53 -10.38 -11.83
CA GLU A 5 -6.68 -10.92 -12.88
C GLU A 5 -5.26 -11.09 -12.31
N VAL A 6 -4.48 -10.01 -12.18
CA VAL A 6 -3.16 -10.06 -11.56
C VAL A 6 -3.37 -10.31 -10.06
N PRO A 7 -2.62 -11.24 -9.44
CA PRO A 7 -2.75 -11.52 -8.01
C PRO A 7 -2.27 -10.31 -7.20
N GLN A 8 -3.07 -9.95 -6.19
CA GLN A 8 -2.89 -8.81 -5.31
C GLN A 8 -2.59 -9.33 -3.91
N LEU A 9 -2.02 -8.47 -3.07
CA LEU A 9 -1.67 -8.79 -1.70
C LEU A 9 -2.94 -8.95 -0.88
N THR A 10 -3.49 -10.16 -0.86
CA THR A 10 -4.78 -10.48 -0.28
C THR A 10 -4.72 -10.46 1.26
N ASP A 11 -3.53 -10.25 1.86
CA ASP A 11 -3.29 -10.11 3.29
C ASP A 11 -2.80 -8.71 3.68
N LEU A 12 -2.78 -7.77 2.73
CA LEU A 12 -2.47 -6.35 2.95
C LEU A 12 -3.37 -5.82 4.07
N SER A 13 -2.81 -5.49 5.23
CA SER A 13 -3.50 -4.79 6.31
C SER A 13 -2.53 -4.03 7.22
N PHE A 14 -3.07 -3.13 8.02
CA PHE A 14 -2.34 -2.06 8.70
C PHE A 14 -2.32 -2.33 10.20
N VAL A 15 -1.26 -1.87 10.86
CA VAL A 15 -0.95 -2.03 12.28
C VAL A 15 -0.22 -0.76 12.76
N ASP A 16 0.07 -0.67 14.06
CA ASP A 16 0.84 0.39 14.72
C ASP A 16 0.37 1.77 14.26
N ILE A 17 -0.94 1.98 14.37
CA ILE A 17 -1.73 3.05 13.77
C ILE A 17 -1.66 4.28 14.70
N THR A 18 -0.43 4.65 15.04
CA THR A 18 -0.12 5.80 15.87
C THR A 18 -0.25 7.09 15.06
N ASP A 19 -0.08 8.22 15.74
CA ASP A 19 -0.20 9.56 15.15
C ASP A 19 1.07 9.95 14.37
N SER A 20 2.10 9.09 14.42
CA SER A 20 3.48 9.38 14.06
C SER A 20 4.07 8.47 12.97
N SER A 21 3.34 7.44 12.59
CA SER A 21 3.53 6.61 11.40
C SER A 21 2.37 5.61 11.34
N ILE A 22 2.30 4.83 10.26
CA ILE A 22 1.32 3.75 10.08
C ILE A 22 2.12 2.54 9.54
N GLY A 23 2.08 1.38 10.22
CA GLY A 23 2.91 0.23 9.88
C GLY A 23 2.09 -0.79 9.09
N LEU A 24 2.63 -1.35 8.01
CA LEU A 24 1.88 -2.18 7.08
C LEU A 24 2.33 -3.62 7.26
N ARG A 25 1.49 -4.59 6.91
CA ARG A 25 1.98 -5.96 6.70
C ARG A 25 1.38 -6.47 5.40
N TRP A 26 2.13 -7.27 4.66
CA TRP A 26 1.64 -8.09 3.54
C TRP A 26 2.60 -9.26 3.30
N THR A 27 2.27 -10.21 2.40
CA THR A 27 3.13 -11.38 2.20
C THR A 27 4.13 -11.06 1.09
N PRO A 28 5.39 -11.52 1.17
CA PRO A 28 6.37 -11.19 0.15
C PRO A 28 6.24 -12.09 -1.09
N LEU A 29 6.09 -11.48 -2.27
CA LEU A 29 5.83 -12.12 -3.55
C LEU A 29 7.12 -12.33 -4.32
N ASN A 30 7.80 -13.45 -4.09
CA ASN A 30 9.01 -13.81 -4.83
C ASN A 30 8.68 -14.39 -6.21
N SER A 31 7.70 -13.80 -6.89
CA SER A 31 7.30 -14.16 -8.25
C SER A 31 8.44 -14.60 -9.18
N SER A 32 9.39 -13.70 -9.48
CA SER A 32 10.55 -13.85 -10.37
C SER A 32 11.09 -12.50 -10.85
N THR A 33 10.30 -11.42 -10.86
CA THR A 33 10.54 -10.33 -11.79
C THR A 33 9.76 -9.06 -11.38
N ILE A 34 8.95 -9.15 -10.32
CA ILE A 34 8.15 -8.06 -9.77
C ILE A 34 9.00 -6.79 -9.69
N ILE A 35 8.39 -5.62 -9.94
CA ILE A 35 9.13 -4.37 -9.87
C ILE A 35 9.14 -3.97 -8.40
N GLY A 36 7.98 -3.98 -7.76
CA GLY A 36 7.90 -3.64 -6.36
C GLY A 36 6.45 -3.54 -5.90
N TYR A 37 6.27 -2.82 -4.82
CA TYR A 37 4.98 -2.36 -4.35
C TYR A 37 5.18 -0.86 -4.17
N ARG A 38 4.17 -0.08 -4.53
CA ARG A 38 4.18 1.36 -4.50
C ARG A 38 3.09 1.77 -3.53
N ILE A 39 3.45 2.34 -2.39
CA ILE A 39 2.48 2.90 -1.48
C ILE A 39 2.21 4.31 -2.00
N THR A 40 0.97 4.77 -1.87
CA THR A 40 0.59 6.16 -2.07
C THR A 40 -0.27 6.50 -0.85
N VAL A 41 -0.29 7.76 -0.47
CA VAL A 41 -1.27 8.32 0.45
C VAL A 41 -1.96 9.53 -0.13
N VAL A 42 -3.24 9.65 0.23
CA VAL A 42 -4.05 10.85 0.03
C VAL A 42 -4.76 11.13 1.36
N ALA A 43 -5.30 12.34 1.54
CA ALA A 43 -6.19 12.65 2.65
C ALA A 43 -7.61 12.27 2.24
N ALA A 44 -8.07 11.11 2.70
CA ALA A 44 -9.37 10.55 2.36
C ALA A 44 -10.46 11.54 2.77
N GLY A 45 -11.25 11.94 1.79
CA GLY A 45 -12.20 13.04 1.89
C GLY A 45 -12.04 13.92 0.66
N GLU A 46 -10.82 14.04 0.15
CA GLU A 46 -10.49 14.74 -1.07
C GLU A 46 -9.46 13.91 -1.85
N GLY A 47 -9.08 14.34 -3.05
CA GLY A 47 -7.98 13.78 -3.81
C GLY A 47 -6.64 14.45 -3.52
N ILE A 48 -6.56 15.32 -2.51
CA ILE A 48 -5.32 15.88 -1.98
C ILE A 48 -4.27 14.77 -1.78
N PRO A 49 -3.24 14.68 -2.65
CA PRO A 49 -2.21 13.67 -2.55
C PRO A 49 -1.19 14.07 -1.48
N ILE A 50 -0.35 13.14 -1.04
CA ILE A 50 0.73 13.39 -0.09
C ILE A 50 2.03 12.95 -0.78
N PHE A 51 2.39 11.67 -0.75
CA PHE A 51 3.52 11.13 -1.50
C PHE A 51 3.23 9.69 -1.91
N GLU A 52 4.02 9.18 -2.86
CA GLU A 52 4.11 7.77 -3.16
C GLU A 52 5.54 7.33 -2.87
N ASP A 53 5.69 6.33 -2.02
CA ASP A 53 6.95 5.70 -1.63
C ASP A 53 7.01 4.32 -2.30
N PHE A 54 8.21 3.78 -2.49
CA PHE A 54 8.43 2.50 -3.14
C PHE A 54 9.28 1.62 -2.24
N VAL A 55 9.13 0.31 -2.39
CA VAL A 55 9.92 -0.65 -1.65
C VAL A 55 10.62 -1.58 -2.64
N ASP A 56 11.33 -2.56 -2.10
CA ASP A 56 12.42 -3.24 -2.81
C ASP A 56 11.89 -4.11 -3.96
N SER A 57 11.07 -5.10 -3.60
CA SER A 57 10.50 -6.20 -4.37
C SER A 57 10.18 -7.38 -3.44
N SER A 58 10.85 -7.43 -2.28
CA SER A 58 10.97 -8.58 -1.40
C SER A 58 10.48 -8.27 0.03
N VAL A 59 9.88 -7.09 0.22
CA VAL A 59 9.37 -6.61 1.50
C VAL A 59 8.08 -7.36 1.85
N GLY A 60 7.90 -7.74 3.12
CA GLY A 60 6.59 -8.05 3.70
C GLY A 60 6.16 -7.09 4.83
N TYR A 61 7.02 -6.17 5.26
CA TYR A 61 6.75 -5.23 6.36
C TYR A 61 7.31 -3.84 5.99
N TYR A 62 6.49 -2.79 5.95
CA TYR A 62 6.95 -1.39 5.71
C TYR A 62 6.23 -0.50 6.73
N THR A 63 6.67 0.75 6.89
CA THR A 63 6.06 1.73 7.78
C THR A 63 6.10 3.09 7.09
N VAL A 64 4.92 3.67 6.85
CA VAL A 64 4.78 4.96 6.23
C VAL A 64 4.92 5.99 7.35
N THR A 65 5.54 7.11 7.05
CA THR A 65 5.70 8.23 7.95
C THR A 65 5.14 9.45 7.20
N GLY A 66 5.31 10.67 7.72
CA GLY A 66 4.87 11.86 7.03
C GLY A 66 3.36 12.03 7.07
N LEU A 67 2.70 11.47 8.08
CA LEU A 67 1.32 11.78 8.40
C LEU A 67 1.24 13.04 9.29
N GLU A 68 0.06 13.61 9.43
CA GLU A 68 -0.37 14.52 10.49
C GLU A 68 -1.75 14.07 10.96
N PRO A 69 -2.01 14.00 12.27
CA PRO A 69 -3.30 13.58 12.79
C PRO A 69 -4.42 14.57 12.46
N GLY A 70 -5.66 14.12 12.62
CA GLY A 70 -6.89 14.88 12.55
C GLY A 70 -7.74 14.46 11.36
N ILE A 71 -7.14 13.98 10.28
CA ILE A 71 -7.81 13.63 9.03
C ILE A 71 -7.67 12.13 8.82
N ASP A 72 -8.47 11.58 7.90
CA ASP A 72 -8.42 10.19 7.48
C ASP A 72 -7.57 10.12 6.23
N TYR A 73 -6.78 9.07 6.05
CA TYR A 73 -5.88 8.91 4.92
C TYR A 73 -6.22 7.58 4.25
N ASP A 74 -6.44 7.63 2.93
CA ASP A 74 -6.62 6.44 2.11
C ASP A 74 -5.23 5.99 1.69
N ILE A 75 -4.65 5.06 2.44
CA ILE A 75 -3.32 4.58 2.17
C ILE A 75 -3.43 3.47 1.12
N SER A 76 -3.07 3.78 -0.13
CA SER A 76 -3.05 2.82 -1.23
C SER A 76 -1.71 2.11 -1.29
N VAL A 77 -1.70 0.86 -1.72
CA VAL A 77 -0.52 0.00 -1.70
C VAL A 77 -0.61 -0.88 -2.94
N ILE A 78 -0.29 -0.33 -4.11
CA ILE A 78 -0.50 -1.03 -5.37
C ILE A 78 0.72 -1.93 -5.60
N THR A 79 0.45 -3.17 -5.99
CA THR A 79 1.47 -4.14 -6.39
C THR A 79 1.57 -4.06 -7.90
N LEU A 80 2.80 -4.07 -8.41
CA LEU A 80 3.12 -3.96 -9.82
C LEU A 80 4.15 -5.05 -10.15
N ILE A 81 3.73 -6.00 -10.96
CA ILE A 81 4.46 -7.21 -11.32
C ILE A 81 4.91 -7.10 -12.78
N ASN A 82 5.52 -8.18 -13.30
CA ASN A 82 5.70 -8.43 -14.73
C ASN A 82 4.52 -7.90 -15.54
N GLY A 83 4.72 -6.77 -16.21
CA GLY A 83 3.82 -6.19 -17.19
C GLY A 83 2.35 -6.11 -16.75
N GLY A 84 2.08 -5.99 -15.45
CA GLY A 84 0.72 -6.05 -14.92
C GLY A 84 0.66 -5.47 -13.51
N GLU A 85 -0.44 -4.81 -13.19
CA GLU A 85 -0.73 -4.17 -11.91
C GLU A 85 -1.85 -4.97 -11.26
N SER A 86 -1.82 -5.17 -9.94
CA SER A 86 -2.88 -5.91 -9.26
C SER A 86 -4.05 -4.98 -8.97
N ALA A 87 -5.15 -5.51 -8.46
CA ALA A 87 -6.29 -4.66 -8.13
C ALA A 87 -5.85 -3.77 -6.96
N PRO A 88 -6.14 -2.47 -6.97
CA PRO A 88 -5.80 -1.59 -5.86
C PRO A 88 -6.60 -2.07 -4.63
N THR A 89 -5.92 -2.28 -3.52
CA THR A 89 -6.49 -2.51 -2.21
C THR A 89 -5.90 -1.41 -1.35
N THR A 90 -6.67 -0.36 -1.14
CA THR A 90 -6.36 0.73 -0.23
C THR A 90 -7.04 0.38 1.09
N LEU A 91 -6.66 1.03 2.19
CA LEU A 91 -7.46 1.01 3.41
C LEU A 91 -7.54 2.45 3.90
N THR A 92 -8.75 2.83 4.31
CA THR A 92 -9.11 4.12 4.88
C THR A 92 -8.80 4.01 6.37
N GLN A 93 -8.03 4.93 6.97
CA GLN A 93 -7.74 4.91 8.39
C GLN A 93 -7.42 6.32 8.88
N GLN A 94 -7.77 6.65 10.12
CA GLN A 94 -7.52 7.95 10.69
C GLN A 94 -6.22 7.96 11.48
N THR A 95 -5.79 9.16 11.83
CA THR A 95 -4.61 9.49 12.60
C THR A 95 -5.13 10.52 13.61
N MET A 1 -8.54 -10.27 -20.26
CA MET A 1 -9.29 -11.30 -20.98
C MET A 1 -9.24 -12.69 -20.30
N ARG A 2 -8.81 -12.82 -19.04
CA ARG A 2 -8.52 -14.12 -18.42
C ARG A 2 -8.89 -14.10 -16.95
N GLY A 3 -9.01 -15.29 -16.36
CA GLY A 3 -9.21 -15.45 -14.93
C GLY A 3 -8.01 -14.89 -14.17
N SER A 4 -8.29 -14.24 -13.03
CA SER A 4 -7.31 -13.68 -12.10
C SER A 4 -6.23 -12.87 -12.85
N GLU A 5 -6.61 -11.72 -13.43
CA GLU A 5 -5.79 -10.92 -14.34
C GLU A 5 -4.37 -10.75 -13.76
N VAL A 6 -4.28 -10.13 -12.58
CA VAL A 6 -3.11 -10.15 -11.72
C VAL A 6 -3.61 -10.31 -10.27
N PRO A 7 -3.01 -11.20 -9.45
CA PRO A 7 -3.36 -11.32 -8.04
C PRO A 7 -2.72 -10.22 -7.19
N GLN A 8 -3.43 -9.73 -6.17
CA GLN A 8 -3.02 -8.67 -5.24
C GLN A 8 -2.38 -9.25 -3.98
N LEU A 9 -1.87 -8.38 -3.10
CA LEU A 9 -1.47 -8.74 -1.75
C LEU A 9 -2.74 -8.83 -0.91
N THR A 10 -3.40 -9.98 -0.90
CA THR A 10 -4.59 -10.23 -0.08
C THR A 10 -4.26 -9.98 1.40
N ASP A 11 -3.04 -10.32 1.81
CA ASP A 11 -2.49 -10.21 3.18
C ASP A 11 -2.17 -8.75 3.57
N LEU A 12 -2.52 -7.77 2.74
CA LEU A 12 -2.38 -6.35 3.03
C LEU A 12 -3.12 -5.97 4.31
N SER A 13 -2.39 -5.64 5.38
CA SER A 13 -2.92 -4.92 6.53
C SER A 13 -2.07 -3.67 6.81
N PHE A 14 -2.61 -2.76 7.61
CA PHE A 14 -1.80 -1.82 8.37
C PHE A 14 -1.50 -2.46 9.72
N VAL A 15 -0.55 -1.91 10.46
CA VAL A 15 -0.25 -2.16 11.85
C VAL A 15 0.22 -0.81 12.43
N ASP A 16 0.51 -0.74 13.72
CA ASP A 16 1.31 0.30 14.34
C ASP A 16 0.71 1.68 14.05
N ILE A 17 -0.55 1.89 14.42
CA ILE A 17 -1.28 3.12 14.19
C ILE A 17 -0.85 4.15 15.25
N THR A 18 0.45 4.46 15.29
CA THR A 18 1.03 5.56 16.06
C THR A 18 0.58 6.91 15.48
N ASP A 19 0.92 8.00 16.16
CA ASP A 19 0.70 9.39 15.69
C ASP A 19 1.97 9.99 15.09
N SER A 20 2.88 9.11 14.66
CA SER A 20 4.16 9.46 14.07
C SER A 20 4.37 8.92 12.66
N SER A 21 3.53 7.99 12.23
CA SER A 21 3.78 6.99 11.21
C SER A 21 2.62 6.00 11.22
N ILE A 22 2.58 5.10 10.25
CA ILE A 22 1.73 3.92 10.26
C ILE A 22 2.60 2.77 9.75
N GLY A 23 2.37 1.56 10.24
CA GLY A 23 3.02 0.36 9.72
C GLY A 23 2.12 -0.31 8.68
N LEU A 24 2.70 -1.20 7.89
CA LEU A 24 2.01 -2.12 7.01
C LEU A 24 2.54 -3.53 7.26
N ARG A 25 1.75 -4.53 6.88
CA ARG A 25 2.22 -5.89 6.83
C ARG A 25 1.58 -6.57 5.63
N TRP A 26 2.35 -7.33 4.85
CA TRP A 26 1.83 -8.16 3.75
C TRP A 26 2.80 -9.33 3.50
N THR A 27 2.53 -10.17 2.50
CA THR A 27 3.28 -11.39 2.22
C THR A 27 4.12 -11.15 0.98
N PRO A 28 5.45 -10.96 1.11
CA PRO A 28 6.30 -10.66 -0.03
C PRO A 28 6.30 -11.83 -1.00
N LEU A 29 6.07 -11.50 -2.26
CA LEU A 29 6.07 -12.35 -3.42
C LEU A 29 7.46 -12.26 -3.98
N ASN A 30 8.34 -13.13 -3.51
CA ASN A 30 9.69 -13.28 -4.05
C ASN A 30 9.57 -14.08 -5.36
N SER A 31 8.67 -13.64 -6.24
CA SER A 31 8.54 -14.07 -7.62
C SER A 31 9.56 -13.33 -8.50
N SER A 32 10.39 -14.07 -9.22
CA SER A 32 11.42 -13.67 -10.18
C SER A 32 10.87 -12.95 -11.45
N THR A 33 9.87 -12.10 -11.29
CA THR A 33 9.10 -11.45 -12.36
C THR A 33 8.21 -10.34 -11.77
N ILE A 34 8.06 -10.30 -10.45
CA ILE A 34 7.58 -9.15 -9.70
C ILE A 34 8.50 -7.95 -9.97
N ILE A 35 8.03 -6.74 -9.69
CA ILE A 35 8.85 -5.53 -9.67
C ILE A 35 8.96 -5.08 -8.22
N GLY A 36 7.82 -4.81 -7.59
CA GLY A 36 7.79 -4.17 -6.29
C GLY A 36 6.36 -3.95 -5.85
N TYR A 37 6.18 -3.11 -4.84
CA TYR A 37 4.87 -2.62 -4.42
C TYR A 37 5.01 -1.11 -4.30
N ARG A 38 3.94 -0.41 -4.63
CA ARG A 38 3.85 1.03 -4.69
C ARG A 38 2.82 1.45 -3.67
N ILE A 39 3.13 2.40 -2.81
CA ILE A 39 2.20 2.92 -1.82
C ILE A 39 1.95 4.38 -2.19
N THR A 40 0.70 4.81 -2.21
CA THR A 40 0.33 6.21 -2.33
C THR A 40 -0.64 6.50 -1.20
N VAL A 41 -0.50 7.66 -0.56
CA VAL A 41 -1.32 8.11 0.54
C VAL A 41 -1.91 9.46 0.17
N VAL A 42 -3.24 9.56 0.20
CA VAL A 42 -3.94 10.81 -0.07
C VAL A 42 -4.84 11.15 1.13
N ALA A 43 -5.30 12.40 1.23
CA ALA A 43 -6.17 12.85 2.30
C ALA A 43 -7.61 12.56 1.84
N ALA A 44 -8.19 11.53 2.46
CA ALA A 44 -9.51 11.00 2.16
C ALA A 44 -10.56 12.06 2.48
N GLY A 45 -11.03 12.79 1.46
CA GLY A 45 -12.04 13.81 1.59
C GLY A 45 -11.76 15.04 0.72
N GLU A 46 -10.53 15.24 0.25
CA GLU A 46 -10.24 16.22 -0.78
C GLU A 46 -9.37 15.63 -1.90
N GLY A 47 -8.90 14.38 -1.76
CA GLY A 47 -8.05 13.72 -2.74
C GLY A 47 -6.63 14.25 -2.77
N ILE A 48 -6.34 15.25 -1.94
CA ILE A 48 -5.06 15.86 -1.69
C ILE A 48 -3.97 14.79 -1.57
N PRO A 49 -3.11 14.64 -2.59
CA PRO A 49 -2.05 13.65 -2.55
C PRO A 49 -1.03 14.12 -1.50
N ILE A 50 -0.69 13.24 -0.55
CA ILE A 50 0.33 13.53 0.43
C ILE A 50 1.62 13.15 -0.30
N PHE A 51 1.98 11.87 -0.32
CA PHE A 51 3.12 11.36 -1.06
C PHE A 51 2.85 9.95 -1.54
N GLU A 52 3.79 9.43 -2.31
CA GLU A 52 3.89 8.03 -2.66
C GLU A 52 5.29 7.54 -2.27
N ASP A 53 5.46 6.24 -2.11
CA ASP A 53 6.69 5.58 -1.72
C ASP A 53 6.70 4.20 -2.39
N PHE A 54 7.85 3.53 -2.44
CA PHE A 54 8.03 2.28 -3.16
C PHE A 54 8.96 1.36 -2.37
N VAL A 55 8.86 0.04 -2.55
CA VAL A 55 9.65 -0.92 -1.79
C VAL A 55 10.41 -1.87 -2.74
N ASP A 56 11.14 -2.84 -2.18
CA ASP A 56 12.17 -3.60 -2.90
C ASP A 56 11.60 -4.55 -3.95
N SER A 57 10.78 -5.49 -3.47
CA SER A 57 10.17 -6.67 -4.07
C SER A 57 9.90 -7.68 -2.97
N SER A 58 10.86 -7.80 -2.05
CA SER A 58 10.96 -8.84 -1.05
C SER A 58 10.53 -8.36 0.35
N VAL A 59 10.16 -7.08 0.46
CA VAL A 59 9.71 -6.46 1.70
C VAL A 59 8.29 -6.95 1.99
N GLY A 60 8.05 -7.42 3.22
CA GLY A 60 6.74 -7.78 3.74
C GLY A 60 6.28 -6.87 4.88
N TYR A 61 7.13 -5.97 5.34
CA TYR A 61 6.86 -5.06 6.45
C TYR A 61 7.45 -3.69 6.10
N TYR A 62 6.60 -2.67 5.96
CA TYR A 62 7.04 -1.32 5.62
C TYR A 62 6.32 -0.31 6.53
N THR A 63 7.04 0.67 7.05
CA THR A 63 6.51 1.72 7.90
C THR A 63 6.60 3.03 7.11
N VAL A 64 5.46 3.71 6.98
CA VAL A 64 5.31 5.01 6.33
C VAL A 64 5.60 6.08 7.39
N THR A 65 5.81 7.32 6.97
CA THR A 65 5.85 8.47 7.86
C THR A 65 5.15 9.66 7.16
N GLY A 66 5.17 10.86 7.73
CA GLY A 66 4.52 12.03 7.14
C GLY A 66 3.02 12.03 7.35
N LEU A 67 2.59 11.57 8.52
CA LEU A 67 1.22 11.64 8.99
C LEU A 67 1.03 12.87 9.88
N GLU A 68 -0.23 13.25 10.08
CA GLU A 68 -0.75 14.13 11.12
C GLU A 68 -2.16 13.60 11.44
N PRO A 69 -2.57 13.45 12.71
CA PRO A 69 -3.91 12.98 13.06
C PRO A 69 -5.01 13.99 12.75
N GLY A 70 -6.28 13.57 12.86
CA GLY A 70 -7.43 14.46 12.78
C GLY A 70 -8.05 14.56 11.38
N ILE A 71 -7.45 13.95 10.37
CA ILE A 71 -7.90 13.93 8.97
C ILE A 71 -7.91 12.47 8.52
N ASP A 72 -8.82 12.09 7.63
CA ASP A 72 -8.86 10.72 7.12
C ASP A 72 -7.86 10.61 5.97
N TYR A 73 -7.18 9.47 5.86
CA TYR A 73 -6.01 9.25 5.02
C TYR A 73 -6.23 7.90 4.31
N ASP A 74 -6.39 7.93 2.98
CA ASP A 74 -6.56 6.77 2.11
C ASP A 74 -5.17 6.25 1.77
N ILE A 75 -4.73 5.15 2.41
CA ILE A 75 -3.44 4.55 2.08
C ILE A 75 -3.72 3.49 1.02
N SER A 76 -3.33 3.76 -0.22
CA SER A 76 -3.36 2.82 -1.32
C SER A 76 -2.05 2.09 -1.45
N VAL A 77 -2.13 0.82 -1.82
CA VAL A 77 -1.01 -0.07 -2.03
C VAL A 77 -1.31 -0.89 -3.28
N ILE A 78 -0.47 -0.77 -4.30
CA ILE A 78 -0.63 -1.45 -5.57
C ILE A 78 0.58 -2.36 -5.73
N THR A 79 0.30 -3.61 -6.05
CA THR A 79 1.27 -4.60 -6.41
C THR A 79 1.43 -4.51 -7.94
N LEU A 80 2.66 -4.47 -8.41
CA LEU A 80 3.00 -4.42 -9.80
C LEU A 80 3.90 -5.61 -10.11
N ILE A 81 3.51 -6.39 -11.10
CA ILE A 81 4.22 -7.58 -11.54
C ILE A 81 4.65 -7.38 -12.99
N ASN A 82 5.26 -8.41 -13.56
CA ASN A 82 5.58 -8.55 -14.98
C ASN A 82 4.48 -7.92 -15.83
N GLY A 83 4.78 -6.77 -16.47
CA GLY A 83 3.90 -6.03 -17.35
C GLY A 83 2.46 -5.85 -16.87
N GLY A 84 2.20 -5.88 -15.55
CA GLY A 84 0.86 -6.00 -15.01
C GLY A 84 0.73 -5.27 -13.67
N GLU A 85 -0.49 -4.94 -13.27
CA GLU A 85 -0.85 -4.35 -11.97
C GLU A 85 -2.02 -5.13 -11.39
N SER A 86 -2.00 -5.34 -10.07
CA SER A 86 -3.07 -5.99 -9.34
C SER A 86 -4.15 -4.97 -8.96
N ALA A 87 -5.11 -5.40 -8.15
CA ALA A 87 -6.19 -4.57 -7.66
C ALA A 87 -5.64 -3.40 -6.84
N PRO A 88 -6.14 -2.16 -7.02
CA PRO A 88 -5.63 -0.97 -6.36
C PRO A 88 -6.10 -0.99 -4.90
N THR A 89 -5.31 -1.63 -4.05
CA THR A 89 -5.75 -2.03 -2.72
C THR A 89 -5.54 -0.85 -1.78
N THR A 90 -6.59 -0.04 -1.63
CA THR A 90 -6.61 1.02 -0.64
C THR A 90 -7.29 0.49 0.62
N LEU A 91 -6.89 1.03 1.78
CA LEU A 91 -7.66 0.98 3.01
C LEU A 91 -7.61 2.40 3.62
N THR A 92 -8.71 2.81 4.26
CA THR A 92 -8.94 4.17 4.72
C THR A 92 -9.26 4.09 6.22
N GLN A 93 -8.57 4.88 7.05
CA GLN A 93 -8.81 5.00 8.48
C GLN A 93 -8.33 6.39 8.91
N GLN A 94 -9.17 7.12 9.65
CA GLN A 94 -8.75 8.35 10.29
C GLN A 94 -7.95 8.00 11.53
N THR A 95 -6.83 8.70 11.77
CA THR A 95 -6.19 8.69 13.07
C THR A 95 -6.86 9.75 13.95
N MET A 1 -12.71 -10.10 -16.52
CA MET A 1 -13.45 -9.23 -15.60
C MET A 1 -13.87 -9.90 -14.28
N ARG A 2 -14.08 -11.23 -14.20
CA ARG A 2 -14.79 -11.91 -13.09
C ARG A 2 -14.11 -11.91 -11.72
N GLY A 3 -13.20 -10.99 -11.42
CA GLY A 3 -12.36 -11.03 -10.23
C GLY A 3 -11.41 -12.21 -10.35
N SER A 4 -10.56 -12.19 -11.37
CA SER A 4 -9.69 -13.28 -11.78
C SER A 4 -8.74 -12.72 -12.84
N GLU A 5 -7.73 -11.93 -12.44
CA GLU A 5 -6.75 -11.39 -13.35
C GLU A 5 -5.35 -11.53 -12.74
N VAL A 6 -4.71 -10.47 -12.26
CA VAL A 6 -3.41 -10.53 -11.58
C VAL A 6 -3.70 -10.68 -10.08
N PRO A 7 -3.03 -11.59 -9.34
CA PRO A 7 -3.30 -11.76 -7.92
C PRO A 7 -2.75 -10.55 -7.15
N GLN A 8 -3.46 -10.10 -6.13
CA GLN A 8 -3.17 -8.94 -5.29
C GLN A 8 -2.78 -9.37 -3.88
N LEU A 9 -2.13 -8.49 -3.11
CA LEU A 9 -1.74 -8.75 -1.73
C LEU A 9 -2.98 -8.87 -0.86
N THR A 10 -3.56 -10.06 -0.83
CA THR A 10 -4.75 -10.40 -0.09
C THR A 10 -4.47 -10.48 1.43
N ASP A 11 -3.23 -10.21 1.81
CA ASP A 11 -2.69 -10.17 3.16
C ASP A 11 -2.32 -8.73 3.60
N LEU A 12 -2.60 -7.74 2.74
CA LEU A 12 -2.35 -6.30 2.95
C LEU A 12 -3.18 -5.81 4.13
N SER A 13 -2.53 -5.37 5.21
CA SER A 13 -3.18 -4.63 6.29
C SER A 13 -2.19 -3.71 6.99
N PHE A 14 -2.67 -2.75 7.78
CA PHE A 14 -1.83 -1.79 8.48
C PHE A 14 -1.61 -2.26 9.91
N VAL A 15 -0.58 -1.77 10.57
CA VAL A 15 -0.22 -2.07 11.95
C VAL A 15 0.39 -0.81 12.55
N ASP A 16 0.61 -0.82 13.87
CA ASP A 16 1.39 0.18 14.61
C ASP A 16 0.96 1.58 14.19
N ILE A 17 -0.36 1.78 14.17
CA ILE A 17 -1.02 3.02 13.80
C ILE A 17 -0.95 3.93 15.04
N THR A 18 0.27 4.27 15.43
CA THR A 18 0.55 5.40 16.31
C THR A 18 0.31 6.68 15.51
N ASP A 19 0.21 7.82 16.21
CA ASP A 19 -0.10 9.10 15.57
C ASP A 19 1.12 9.66 14.82
N SER A 20 2.27 8.98 14.87
CA SER A 20 3.55 9.50 14.39
C SER A 20 4.01 8.89 13.08
N SER A 21 3.42 7.79 12.68
CA SER A 21 3.81 6.92 11.58
C SER A 21 2.88 5.72 11.56
N ILE A 22 2.67 5.11 10.39
CA ILE A 22 1.82 3.92 10.24
C ILE A 22 2.70 2.78 9.71
N GLY A 23 2.51 1.57 10.22
CA GLY A 23 3.13 0.36 9.70
C GLY A 23 2.19 -0.31 8.70
N LEU A 24 2.74 -1.11 7.80
CA LEU A 24 2.01 -1.99 6.91
C LEU A 24 2.53 -3.39 7.16
N ARG A 25 1.71 -4.38 6.88
CA ARG A 25 2.16 -5.76 6.79
C ARG A 25 1.47 -6.38 5.59
N TRP A 26 2.22 -7.18 4.85
CA TRP A 26 1.70 -8.06 3.82
C TRP A 26 2.64 -9.25 3.67
N THR A 27 2.25 -10.22 2.83
CA THR A 27 3.01 -11.39 2.51
C THR A 27 3.84 -11.10 1.27
N PRO A 28 5.18 -10.92 1.38
CA PRO A 28 6.01 -10.70 0.20
C PRO A 28 5.90 -11.92 -0.72
N LEU A 29 5.73 -11.67 -2.02
CA LEU A 29 5.79 -12.71 -3.03
C LEU A 29 7.19 -12.93 -3.57
N ASN A 30 8.03 -11.87 -3.59
CA ASN A 30 9.40 -11.91 -4.12
C ASN A 30 9.48 -12.70 -5.45
N SER A 31 8.46 -12.55 -6.29
CA SER A 31 8.25 -13.41 -7.45
C SER A 31 9.42 -13.27 -8.44
N SER A 32 9.48 -14.13 -9.46
CA SER A 32 10.48 -14.09 -10.51
C SER A 32 10.35 -12.86 -11.45
N THR A 33 9.36 -11.99 -11.26
CA THR A 33 8.97 -11.01 -12.27
C THR A 33 8.18 -9.83 -11.70
N ILE A 34 7.87 -9.88 -10.40
CA ILE A 34 7.44 -8.73 -9.64
C ILE A 34 8.51 -7.65 -9.80
N ILE A 35 8.10 -6.39 -9.84
CA ILE A 35 8.98 -5.27 -9.58
C ILE A 35 8.99 -5.12 -8.07
N GLY A 36 7.86 -4.76 -7.48
CA GLY A 36 7.79 -4.26 -6.12
C GLY A 36 6.35 -3.98 -5.75
N TYR A 37 6.16 -3.06 -4.81
CA TYR A 37 4.86 -2.55 -4.41
C TYR A 37 5.00 -1.04 -4.29
N ARG A 38 3.96 -0.31 -4.66
CA ARG A 38 3.92 1.14 -4.73
C ARG A 38 2.85 1.59 -3.78
N ILE A 39 3.22 2.43 -2.82
CA ILE A 39 2.28 3.00 -1.86
C ILE A 39 2.02 4.44 -2.30
N THR A 40 0.82 4.92 -2.06
CA THR A 40 0.39 6.29 -2.28
C THR A 40 -0.62 6.67 -1.20
N VAL A 41 -0.24 7.59 -0.32
CA VAL A 41 -1.13 8.14 0.70
C VAL A 41 -1.70 9.48 0.24
N VAL A 42 -3.02 9.61 0.40
CA VAL A 42 -3.72 10.84 0.12
C VAL A 42 -4.68 11.11 1.29
N ALA A 43 -5.20 12.35 1.41
CA ALA A 43 -6.29 12.67 2.31
C ALA A 43 -7.58 12.31 1.60
N ALA A 44 -8.29 11.32 2.13
CA ALA A 44 -9.53 10.78 1.56
C ALA A 44 -10.67 11.81 1.51
N GLY A 45 -10.49 13.01 2.06
CA GLY A 45 -11.50 14.07 2.11
C GLY A 45 -11.45 15.06 0.94
N GLU A 46 -10.34 15.13 0.18
CA GLU A 46 -10.30 15.96 -1.03
C GLU A 46 -9.33 15.40 -2.08
N GLY A 47 -8.94 14.12 -1.96
CA GLY A 47 -7.97 13.47 -2.83
C GLY A 47 -6.55 14.04 -2.75
N ILE A 48 -6.32 15.03 -1.89
CA ILE A 48 -5.06 15.73 -1.63
C ILE A 48 -3.92 14.71 -1.52
N PRO A 49 -3.04 14.57 -2.52
CA PRO A 49 -1.96 13.61 -2.50
C PRO A 49 -0.85 14.08 -1.56
N ILE A 50 -0.47 13.27 -0.57
CA ILE A 50 0.64 13.61 0.32
C ILE A 50 1.95 13.16 -0.34
N PHE A 51 2.13 11.87 -0.64
CA PHE A 51 3.24 11.38 -1.46
C PHE A 51 2.96 9.95 -1.94
N GLU A 52 3.80 9.50 -2.88
CA GLU A 52 3.98 8.10 -3.24
C GLU A 52 5.33 7.64 -2.68
N ASP A 53 5.49 6.33 -2.49
CA ASP A 53 6.69 5.68 -1.99
C ASP A 53 6.72 4.25 -2.54
N PHE A 54 7.86 3.58 -2.45
CA PHE A 54 8.10 2.26 -2.99
C PHE A 54 8.79 1.39 -1.96
N VAL A 55 8.71 0.08 -2.17
CA VAL A 55 9.40 -0.94 -1.42
C VAL A 55 10.17 -1.81 -2.42
N ASP A 56 10.82 -2.88 -1.93
CA ASP A 56 11.87 -3.52 -2.72
C ASP A 56 11.30 -4.51 -3.71
N SER A 57 10.63 -5.55 -3.20
CA SER A 57 10.19 -6.80 -3.81
C SER A 57 10.05 -7.84 -2.70
N SER A 58 11.02 -7.88 -1.80
CA SER A 58 11.14 -8.88 -0.73
C SER A 58 10.59 -8.43 0.61
N VAL A 59 10.17 -7.17 0.70
CA VAL A 59 9.62 -6.59 1.90
C VAL A 59 8.15 -7.03 2.01
N GLY A 60 7.80 -7.63 3.15
CA GLY A 60 6.44 -7.84 3.65
C GLY A 60 6.12 -6.90 4.81
N TYR A 61 7.08 -6.11 5.30
CA TYR A 61 6.91 -5.22 6.45
C TYR A 61 7.57 -3.87 6.20
N TYR A 62 6.77 -2.81 6.11
CA TYR A 62 7.15 -1.45 5.71
C TYR A 62 6.42 -0.46 6.62
N THR A 63 6.91 0.77 6.73
CA THR A 63 6.35 1.78 7.62
C THR A 63 6.53 3.15 6.97
N VAL A 64 5.63 4.08 7.28
CA VAL A 64 5.52 5.35 6.58
C VAL A 64 5.39 6.45 7.63
N THR A 65 5.95 7.62 7.36
CA THR A 65 5.88 8.80 8.22
C THR A 65 5.30 9.94 7.37
N GLY A 66 5.20 11.16 7.91
CA GLY A 66 4.62 12.32 7.23
C GLY A 66 3.10 12.24 7.10
N LEU A 67 2.45 11.26 7.72
CA LEU A 67 1.04 11.33 8.04
C LEU A 67 0.87 12.48 9.01
N GLU A 68 -0.25 13.19 8.90
CA GLU A 68 -0.61 14.35 9.70
C GLU A 68 -1.96 13.97 10.31
N PRO A 69 -1.99 13.49 11.57
CA PRO A 69 -3.11 12.71 12.07
C PRO A 69 -4.36 13.55 12.28
N GLY A 70 -5.49 12.86 12.45
CA GLY A 70 -6.80 13.45 12.63
C GLY A 70 -7.56 13.63 11.34
N ILE A 71 -6.95 13.36 10.19
CA ILE A 71 -7.56 13.44 8.87
C ILE A 71 -7.80 11.99 8.42
N ASP A 72 -8.80 11.81 7.57
CA ASP A 72 -9.16 10.53 6.96
C ASP A 72 -8.16 10.34 5.82
N TYR A 73 -7.26 9.37 5.90
CA TYR A 73 -6.18 9.13 4.93
C TYR A 73 -6.44 7.80 4.21
N ASP A 74 -6.50 7.84 2.88
CA ASP A 74 -6.50 6.63 2.07
C ASP A 74 -5.04 6.25 1.91
N ILE A 75 -4.68 5.01 2.24
CA ILE A 75 -3.34 4.50 2.05
C ILE A 75 -3.47 3.46 0.93
N SER A 76 -3.18 3.88 -0.29
CA SER A 76 -3.30 3.11 -1.52
C SER A 76 -2.04 2.28 -1.70
N VAL A 77 -2.14 1.00 -2.01
CA VAL A 77 -1.02 0.09 -2.14
C VAL A 77 -1.34 -0.83 -3.31
N ILE A 78 -0.41 -0.99 -4.25
CA ILE A 78 -0.58 -1.82 -5.44
C ILE A 78 0.70 -2.64 -5.58
N THR A 79 0.59 -3.85 -6.11
CA THR A 79 1.73 -4.69 -6.47
C THR A 79 2.05 -4.48 -7.94
N LEU A 80 3.33 -4.37 -8.26
CA LEU A 80 3.83 -4.08 -9.59
C LEU A 80 4.49 -5.34 -10.13
N ILE A 81 4.12 -5.77 -11.33
CA ILE A 81 4.71 -6.95 -11.99
C ILE A 81 5.03 -6.59 -13.44
N ASN A 82 5.62 -7.52 -14.18
CA ASN A 82 5.78 -7.44 -15.64
C ASN A 82 4.56 -6.79 -16.30
N GLY A 83 4.76 -5.58 -16.80
CA GLY A 83 3.84 -4.83 -17.62
C GLY A 83 2.42 -4.70 -17.03
N GLY A 84 2.25 -4.86 -15.72
CA GLY A 84 0.94 -5.14 -15.16
C GLY A 84 0.92 -4.93 -13.66
N GLU A 85 -0.25 -4.69 -13.10
CA GLU A 85 -0.45 -4.50 -11.67
C GLU A 85 -1.66 -5.30 -11.19
N SER A 86 -1.74 -5.53 -9.88
CA SER A 86 -2.84 -6.25 -9.26
C SER A 86 -4.01 -5.32 -8.98
N ALA A 87 -5.03 -5.83 -8.29
CA ALA A 87 -6.10 -5.01 -7.75
C ALA A 87 -5.49 -4.04 -6.71
N PRO A 88 -5.88 -2.75 -6.72
CA PRO A 88 -5.43 -1.80 -5.71
C PRO A 88 -6.13 -2.12 -4.39
N THR A 89 -5.40 -2.23 -3.29
CA THR A 89 -6.00 -2.21 -1.96
C THR A 89 -5.73 -0.82 -1.39
N THR A 90 -6.78 0.00 -1.31
CA THR A 90 -6.72 1.33 -0.75
C THR A 90 -7.53 1.27 0.53
N LEU A 91 -6.89 0.85 1.62
CA LEU A 91 -7.49 0.84 2.93
C LEU A 91 -7.46 2.29 3.45
N THR A 92 -8.40 2.64 4.33
CA THR A 92 -8.56 3.99 4.86
C THR A 92 -8.67 3.86 6.38
N GLN A 93 -8.04 4.76 7.15
CA GLN A 93 -8.42 5.06 8.54
C GLN A 93 -8.12 6.53 8.84
N GLN A 94 -9.13 7.22 9.41
CA GLN A 94 -8.88 8.38 10.24
C GLN A 94 -8.29 7.87 11.55
N THR A 95 -7.10 8.35 11.89
CA THR A 95 -6.53 8.27 13.21
C THR A 95 -5.93 9.65 13.46
N MET A 1 -10.43 -16.43 -18.38
CA MET A 1 -10.70 -17.80 -18.86
C MET A 1 -9.63 -18.77 -18.34
N ARG A 2 -9.11 -18.56 -17.12
CA ARG A 2 -8.00 -19.32 -16.56
C ARG A 2 -7.90 -19.10 -15.06
N GLY A 3 -8.33 -17.96 -14.55
CA GLY A 3 -8.39 -17.70 -13.12
C GLY A 3 -8.73 -16.23 -12.90
N SER A 4 -7.89 -15.54 -12.14
CA SER A 4 -8.01 -14.11 -11.89
C SER A 4 -7.49 -13.33 -13.11
N GLU A 5 -7.23 -12.02 -12.97
CA GLU A 5 -6.42 -11.27 -13.91
C GLU A 5 -5.00 -11.13 -13.36
N VAL A 6 -4.73 -10.20 -12.43
CA VAL A 6 -3.47 -10.19 -11.69
C VAL A 6 -3.85 -10.35 -10.20
N PRO A 7 -3.18 -11.24 -9.45
CA PRO A 7 -3.45 -11.46 -8.04
C PRO A 7 -2.75 -10.39 -7.20
N GLN A 8 -3.48 -9.81 -6.24
CA GLN A 8 -3.00 -8.76 -5.35
C GLN A 8 -2.50 -9.29 -4.00
N LEU A 9 -1.95 -8.38 -3.19
CA LEU A 9 -1.63 -8.57 -1.78
C LEU A 9 -2.92 -8.70 -0.98
N THR A 10 -3.55 -9.86 -1.07
CA THR A 10 -4.73 -10.25 -0.31
C THR A 10 -4.47 -10.08 1.20
N ASP A 11 -3.20 -10.18 1.64
CA ASP A 11 -2.77 -10.03 3.02
C ASP A 11 -2.55 -8.57 3.48
N LEU A 12 -2.77 -7.61 2.59
CA LEU A 12 -2.48 -6.18 2.83
C LEU A 12 -3.15 -5.70 4.11
N SER A 13 -2.36 -5.32 5.10
CA SER A 13 -2.79 -4.87 6.42
C SER A 13 -1.89 -3.72 6.90
N PHE A 14 -2.33 -3.00 7.93
CA PHE A 14 -1.57 -1.96 8.61
C PHE A 14 -1.37 -2.40 10.06
N VAL A 15 -0.32 -1.90 10.69
CA VAL A 15 0.05 -2.16 12.08
C VAL A 15 0.70 -0.88 12.64
N ASP A 16 0.96 -0.83 13.94
CA ASP A 16 1.78 0.18 14.61
C ASP A 16 1.35 1.58 14.23
N ILE A 17 0.05 1.84 14.38
CA ILE A 17 -0.69 3.02 13.96
C ILE A 17 -0.44 4.15 14.98
N THR A 18 0.82 4.49 15.23
CA THR A 18 1.21 5.58 16.12
C THR A 18 0.83 6.95 15.51
N ASP A 19 0.89 8.01 16.33
CA ASP A 19 0.60 9.39 15.94
C ASP A 19 1.73 10.02 15.10
N SER A 20 2.73 9.20 14.74
CA SER A 20 3.94 9.62 14.02
C SER A 20 4.23 8.84 12.75
N SER A 21 3.56 7.73 12.51
CA SER A 21 3.81 6.84 11.41
C SER A 21 2.76 5.74 11.42
N ILE A 22 2.58 5.10 10.27
CA ILE A 22 1.78 3.89 10.15
C ILE A 22 2.74 2.79 9.67
N GLY A 23 2.56 1.58 10.18
CA GLY A 23 3.20 0.40 9.65
C GLY A 23 2.26 -0.27 8.65
N LEU A 24 2.83 -1.00 7.71
CA LEU A 24 2.16 -1.89 6.78
C LEU A 24 2.71 -3.27 6.98
N ARG A 25 1.87 -4.26 6.71
CA ARG A 25 2.27 -5.66 6.75
C ARG A 25 1.57 -6.35 5.60
N TRP A 26 2.27 -7.23 4.91
CA TRP A 26 1.68 -8.09 3.89
C TRP A 26 2.51 -9.37 3.74
N THR A 27 2.22 -10.17 2.73
CA THR A 27 2.92 -11.42 2.43
C THR A 27 3.80 -11.18 1.20
N PRO A 28 5.13 -11.06 1.36
CA PRO A 28 6.02 -10.84 0.24
C PRO A 28 6.03 -12.03 -0.70
N LEU A 29 5.94 -11.75 -1.99
CA LEU A 29 6.01 -12.70 -3.08
C LEU A 29 7.42 -12.76 -3.61
N ASN A 30 8.15 -13.81 -3.28
CA ASN A 30 9.51 -14.07 -3.78
C ASN A 30 9.47 -14.56 -5.23
N SER A 31 8.62 -13.96 -6.07
CA SER A 31 8.76 -14.03 -7.51
C SER A 31 10.07 -13.31 -7.90
N SER A 32 10.67 -13.66 -9.04
CA SER A 32 11.74 -12.88 -9.65
C SER A 32 11.18 -11.65 -10.37
N THR A 33 10.17 -11.89 -11.21
CA THR A 33 9.72 -10.98 -12.26
C THR A 33 8.93 -9.77 -11.73
N ILE A 34 8.33 -9.95 -10.55
CA ILE A 34 7.67 -8.93 -9.76
C ILE A 34 8.61 -7.73 -9.64
N ILE A 35 8.09 -6.51 -9.80
CA ILE A 35 8.93 -5.35 -9.63
C ILE A 35 8.98 -5.03 -8.14
N GLY A 36 7.83 -4.67 -7.58
CA GLY A 36 7.74 -4.18 -6.22
C GLY A 36 6.30 -3.94 -5.85
N TYR A 37 6.11 -3.14 -4.81
CA TYR A 37 4.82 -2.66 -4.40
C TYR A 37 5.01 -1.15 -4.26
N ARG A 38 3.96 -0.39 -4.57
CA ARG A 38 3.97 1.06 -4.64
C ARG A 38 2.86 1.54 -3.73
N ILE A 39 3.15 2.44 -2.81
CA ILE A 39 2.16 3.01 -1.92
C ILE A 39 1.92 4.45 -2.41
N THR A 40 0.67 4.90 -2.28
CA THR A 40 0.27 6.28 -2.48
C THR A 40 -0.64 6.57 -1.28
N VAL A 41 -0.30 7.55 -0.47
CA VAL A 41 -1.17 8.01 0.61
C VAL A 41 -1.78 9.35 0.16
N VAL A 42 -3.12 9.48 0.18
CA VAL A 42 -3.82 10.75 -0.07
C VAL A 42 -4.77 11.02 1.09
N ALA A 43 -5.28 12.25 1.23
CA ALA A 43 -6.32 12.48 2.22
C ALA A 43 -7.61 11.90 1.66
N ALA A 44 -8.31 11.09 2.45
CA ALA A 44 -9.68 10.70 2.17
C ALA A 44 -10.62 11.89 2.36
N GLY A 45 -10.22 12.88 3.16
CA GLY A 45 -11.01 14.10 3.37
C GLY A 45 -11.20 14.90 2.09
N GLU A 46 -10.12 15.06 1.32
CA GLU A 46 -10.11 15.76 0.03
C GLU A 46 -8.91 15.18 -0.74
N GLY A 47 -9.02 14.97 -2.06
CA GLY A 47 -8.05 14.29 -2.92
C GLY A 47 -6.72 15.05 -3.14
N ILE A 48 -6.40 15.99 -2.27
CA ILE A 48 -5.06 16.41 -1.91
C ILE A 48 -4.19 15.16 -1.64
N PRO A 49 -3.25 14.79 -2.53
CA PRO A 49 -2.31 13.72 -2.26
C PRO A 49 -1.36 14.15 -1.14
N ILE A 50 -0.78 13.19 -0.45
CA ILE A 50 0.35 13.43 0.43
C ILE A 50 1.58 13.16 -0.42
N PHE A 51 1.94 11.89 -0.58
CA PHE A 51 3.15 11.43 -1.26
C PHE A 51 2.94 10.00 -1.76
N GLU A 52 3.94 9.49 -2.48
CA GLU A 52 4.06 8.09 -2.84
C GLU A 52 5.42 7.56 -2.41
N ASP A 53 5.54 6.23 -2.34
CA ASP A 53 6.75 5.51 -1.99
C ASP A 53 6.76 4.14 -2.66
N PHE A 54 7.93 3.51 -2.63
CA PHE A 54 8.17 2.18 -3.13
C PHE A 54 8.83 1.35 -2.03
N VAL A 55 8.72 0.03 -2.19
CA VAL A 55 9.46 -0.94 -1.38
C VAL A 55 10.23 -1.87 -2.33
N ASP A 56 10.93 -2.86 -1.78
CA ASP A 56 12.06 -3.47 -2.49
C ASP A 56 11.63 -4.38 -3.64
N SER A 57 10.87 -5.42 -3.28
CA SER A 57 10.30 -6.49 -4.07
C SER A 57 9.81 -7.63 -3.20
N SER A 58 10.45 -7.84 -2.05
CA SER A 58 10.10 -8.95 -1.15
C SER A 58 10.05 -8.49 0.30
N VAL A 59 9.72 -7.21 0.48
CA VAL A 59 9.46 -6.64 1.79
C VAL A 59 8.10 -7.16 2.25
N GLY A 60 7.98 -7.58 3.53
CA GLY A 60 6.72 -8.04 4.12
C GLY A 60 6.22 -7.15 5.27
N TYR A 61 7.02 -6.17 5.65
CA TYR A 61 6.75 -5.20 6.71
C TYR A 61 7.38 -3.88 6.25
N TYR A 62 6.62 -2.77 6.26
CA TYR A 62 7.13 -1.46 5.87
C TYR A 62 6.56 -0.41 6.84
N THR A 63 7.16 0.78 6.94
CA THR A 63 6.70 1.88 7.78
C THR A 63 6.70 3.16 6.96
N VAL A 64 5.65 3.97 7.09
CA VAL A 64 5.45 5.25 6.42
C VAL A 64 5.42 6.30 7.53
N THR A 65 6.17 7.38 7.36
CA THR A 65 6.02 8.58 8.18
C THR A 65 5.19 9.58 7.34
N GLY A 66 5.12 10.84 7.74
CA GLY A 66 4.49 11.88 6.95
C GLY A 66 2.99 11.73 6.94
N LEU A 67 2.42 11.23 8.04
CA LEU A 67 1.00 11.25 8.34
C LEU A 67 0.72 12.46 9.24
N GLU A 68 -0.51 12.94 9.28
CA GLU A 68 -0.93 14.04 10.13
C GLU A 68 -2.36 13.76 10.57
N PRO A 69 -2.64 13.65 11.89
CA PRO A 69 -3.91 13.13 12.40
C PRO A 69 -5.10 14.06 12.13
N GLY A 70 -6.29 13.59 12.49
CA GLY A 70 -7.50 14.40 12.52
C GLY A 70 -8.29 14.41 11.20
N ILE A 71 -7.68 13.96 10.11
CA ILE A 71 -8.28 13.81 8.79
C ILE A 71 -8.21 12.32 8.48
N ASP A 72 -9.16 11.80 7.68
CA ASP A 72 -9.12 10.41 7.23
C ASP A 72 -8.18 10.32 6.03
N TYR A 73 -7.40 9.24 5.96
CA TYR A 73 -6.25 9.05 5.09
C TYR A 73 -6.46 7.78 4.28
N ASP A 74 -6.47 7.89 2.95
CA ASP A 74 -6.59 6.77 2.01
C ASP A 74 -5.17 6.26 1.84
N ILE A 75 -4.81 5.11 2.42
CA ILE A 75 -3.53 4.49 2.06
C ILE A 75 -3.82 3.50 0.94
N SER A 76 -3.37 3.83 -0.26
CA SER A 76 -3.40 2.96 -1.43
C SER A 76 -2.06 2.23 -1.53
N VAL A 77 -2.09 0.94 -1.88
CA VAL A 77 -0.94 0.08 -2.05
C VAL A 77 -1.25 -0.74 -3.29
N ILE A 78 -0.55 -0.48 -4.39
CA ILE A 78 -0.74 -1.18 -5.64
C ILE A 78 0.45 -2.12 -5.82
N THR A 79 0.17 -3.36 -6.20
CA THR A 79 1.18 -4.31 -6.58
C THR A 79 1.33 -4.26 -8.09
N LEU A 80 2.59 -4.23 -8.55
CA LEU A 80 2.97 -4.22 -9.93
C LEU A 80 3.87 -5.43 -10.17
N ILE A 81 3.55 -6.20 -11.20
CA ILE A 81 4.28 -7.40 -11.60
C ILE A 81 4.84 -7.14 -13.00
N ASN A 82 5.56 -8.12 -13.57
CA ASN A 82 5.96 -8.13 -14.97
C ASN A 82 4.81 -7.60 -15.84
N GLY A 83 5.02 -6.42 -16.44
CA GLY A 83 4.07 -5.67 -17.25
C GLY A 83 2.61 -5.98 -16.90
N GLY A 84 2.21 -5.72 -15.66
CA GLY A 84 0.90 -6.05 -15.18
C GLY A 84 0.64 -5.35 -13.85
N GLU A 85 -0.59 -4.93 -13.62
CA GLU A 85 -1.02 -4.20 -12.44
C GLU A 85 -2.14 -4.98 -11.78
N SER A 86 -2.15 -5.01 -10.45
CA SER A 86 -3.08 -5.80 -9.67
C SER A 86 -4.39 -5.02 -9.46
N ALA A 87 -5.26 -5.55 -8.60
CA ALA A 87 -6.31 -4.73 -8.00
C ALA A 87 -5.62 -3.68 -7.11
N PRO A 88 -5.99 -2.40 -7.13
CA PRO A 88 -5.41 -1.38 -6.27
C PRO A 88 -5.99 -1.50 -4.85
N THR A 89 -5.19 -1.98 -3.90
CA THR A 89 -5.65 -2.21 -2.54
C THR A 89 -5.56 -0.90 -1.77
N THR A 90 -6.70 -0.25 -1.49
CA THR A 90 -6.73 0.95 -0.67
C THR A 90 -7.51 0.63 0.60
N LEU A 91 -6.96 1.02 1.75
CA LEU A 91 -7.62 0.97 3.04
C LEU A 91 -7.56 2.37 3.64
N THR A 92 -8.71 3.03 3.65
CA THR A 92 -8.95 4.33 4.28
C THR A 92 -9.14 4.13 5.78
N GLN A 93 -8.67 5.07 6.60
CA GLN A 93 -9.07 5.20 8.00
C GLN A 93 -8.64 6.57 8.56
N GLN A 94 -9.27 6.98 9.65
CA GLN A 94 -8.89 8.18 10.39
C GLN A 94 -7.93 7.76 11.49
N THR A 95 -6.67 8.17 11.37
CA THR A 95 -5.58 7.71 12.20
C THR A 95 -4.98 8.93 12.86
N MET A 1 -11.93 -23.10 -12.30
CA MET A 1 -11.33 -23.45 -13.61
C MET A 1 -10.17 -22.52 -13.91
N ARG A 2 -10.36 -21.44 -14.69
CA ARG A 2 -9.35 -20.38 -14.83
C ARG A 2 -10.01 -19.02 -14.81
N GLY A 3 -9.34 -18.03 -14.24
CA GLY A 3 -9.89 -16.68 -14.10
C GLY A 3 -9.17 -15.98 -12.98
N SER A 4 -7.95 -15.49 -13.22
CA SER A 4 -7.33 -14.55 -12.32
C SER A 4 -6.64 -13.43 -13.10
N GLU A 5 -6.72 -12.20 -12.60
CA GLU A 5 -6.07 -11.04 -13.18
C GLU A 5 -4.58 -11.09 -12.80
N VAL A 6 -4.17 -10.32 -11.80
CA VAL A 6 -2.83 -10.25 -11.24
C VAL A 6 -3.03 -10.30 -9.73
N PRO A 7 -2.24 -11.10 -8.98
CA PRO A 7 -2.41 -11.22 -7.54
C PRO A 7 -2.06 -9.91 -6.86
N GLN A 8 -3.01 -9.34 -6.13
CA GLN A 8 -2.78 -8.30 -5.15
C GLN A 8 -2.18 -8.91 -3.89
N LEU A 9 -1.74 -8.04 -2.99
CA LEU A 9 -1.33 -8.43 -1.66
C LEU A 9 -2.58 -8.71 -0.83
N THR A 10 -3.09 -9.93 -0.93
CA THR A 10 -4.26 -10.36 -0.18
C THR A 10 -4.05 -10.26 1.33
N ASP A 11 -2.81 -10.23 1.83
CA ASP A 11 -2.52 -10.09 3.27
C ASP A 11 -2.33 -8.62 3.69
N LEU A 12 -2.47 -7.67 2.76
CA LEU A 12 -2.22 -6.23 2.97
C LEU A 12 -3.03 -5.72 4.15
N SER A 13 -2.32 -5.29 5.18
CA SER A 13 -2.85 -4.79 6.43
C SER A 13 -2.01 -3.63 6.92
N PHE A 14 -2.56 -2.79 7.80
CA PHE A 14 -1.80 -1.78 8.52
C PHE A 14 -1.68 -2.25 9.97
N VAL A 15 -0.64 -1.77 10.64
CA VAL A 15 -0.28 -1.99 12.02
C VAL A 15 0.25 -0.67 12.57
N ASP A 16 0.51 -0.62 13.89
CA ASP A 16 1.18 0.49 14.55
C ASP A 16 0.66 1.84 14.07
N ILE A 17 -0.64 2.02 14.27
CA ILE A 17 -1.45 3.17 13.84
C ILE A 17 -1.16 4.35 14.80
N THR A 18 0.11 4.62 15.05
CA THR A 18 0.55 5.62 16.00
C THR A 18 0.23 7.02 15.42
N ASP A 19 0.31 8.06 16.25
CA ASP A 19 -0.08 9.43 15.87
C ASP A 19 0.94 10.08 14.93
N SER A 20 2.05 9.39 14.66
CA SER A 20 3.24 9.90 14.00
C SER A 20 3.60 9.18 12.71
N SER A 21 2.96 8.06 12.43
CA SER A 21 3.35 7.13 11.40
C SER A 21 2.35 5.97 11.34
N ILE A 22 2.42 5.16 10.28
CA ILE A 22 1.59 3.96 10.17
C ILE A 22 2.49 2.82 9.68
N GLY A 23 2.38 1.64 10.28
CA GLY A 23 3.08 0.45 9.84
C GLY A 23 2.19 -0.35 8.88
N LEU A 24 2.79 -1.27 8.13
CA LEU A 24 2.10 -2.15 7.20
C LEU A 24 2.64 -3.55 7.37
N ARG A 25 1.79 -4.55 7.14
CA ARG A 25 2.22 -5.91 6.93
C ARG A 25 1.54 -6.43 5.68
N TRP A 26 2.24 -7.27 4.93
CA TRP A 26 1.67 -8.09 3.87
C TRP A 26 2.57 -9.32 3.72
N THR A 27 2.26 -10.24 2.80
CA THR A 27 3.18 -11.36 2.59
C THR A 27 4.02 -11.07 1.35
N PRO A 28 5.32 -11.42 1.34
CA PRO A 28 6.15 -11.23 0.15
C PRO A 28 5.80 -12.30 -0.89
N LEU A 29 5.43 -11.89 -2.10
CA LEU A 29 5.00 -12.79 -3.19
C LEU A 29 6.18 -13.43 -3.90
N ASN A 30 7.23 -12.65 -4.17
CA ASN A 30 8.44 -13.05 -4.89
C ASN A 30 8.16 -13.97 -6.07
N SER A 31 7.18 -13.59 -6.91
CA SER A 31 6.80 -14.38 -8.08
C SER A 31 8.02 -14.65 -8.98
N SER A 32 8.64 -13.62 -9.55
CA SER A 32 9.63 -13.72 -10.61
C SER A 32 10.14 -12.31 -10.95
N THR A 33 9.69 -11.76 -12.09
CA THR A 33 10.12 -10.51 -12.68
C THR A 33 9.49 -9.30 -11.92
N ILE A 34 8.60 -9.57 -10.94
CA ILE A 34 8.00 -8.59 -10.03
C ILE A 34 8.96 -7.44 -9.66
N ILE A 35 8.48 -6.21 -9.83
CA ILE A 35 9.30 -5.05 -9.56
C ILE A 35 9.19 -4.76 -8.07
N GLY A 36 7.99 -4.47 -7.57
CA GLY A 36 7.86 -3.99 -6.21
C GLY A 36 6.42 -3.74 -5.83
N TYR A 37 6.21 -2.95 -4.77
CA TYR A 37 4.92 -2.53 -4.30
C TYR A 37 5.02 -1.01 -4.12
N ARG A 38 3.98 -0.28 -4.50
CA ARG A 38 3.99 1.18 -4.58
C ARG A 38 2.87 1.70 -3.69
N ILE A 39 3.23 2.41 -2.63
CA ILE A 39 2.26 2.96 -1.69
C ILE A 39 1.95 4.38 -2.18
N THR A 40 0.70 4.81 -2.00
CA THR A 40 0.23 6.15 -2.26
C THR A 40 -0.69 6.43 -1.08
N VAL A 41 -0.51 7.54 -0.38
CA VAL A 41 -1.52 8.07 0.54
C VAL A 41 -2.18 9.28 -0.08
N VAL A 42 -3.48 9.44 0.18
CA VAL A 42 -4.24 10.65 -0.10
C VAL A 42 -5.12 10.91 1.13
N ALA A 43 -5.67 12.12 1.25
CA ALA A 43 -6.72 12.39 2.23
C ALA A 43 -8.01 11.83 1.66
N ALA A 44 -8.71 10.97 2.41
CA ALA A 44 -10.10 10.66 2.15
C ALA A 44 -10.92 11.92 2.44
N GLY A 45 -11.20 12.73 1.41
CA GLY A 45 -12.09 13.89 1.50
C GLY A 45 -11.59 15.13 0.76
N GLU A 46 -10.31 15.21 0.40
CA GLU A 46 -9.86 16.15 -0.62
C GLU A 46 -8.71 15.50 -1.40
N GLY A 47 -8.49 15.91 -2.64
CA GLY A 47 -7.52 15.29 -3.55
C GLY A 47 -6.06 15.55 -3.16
N ILE A 48 -5.81 16.07 -1.95
CA ILE A 48 -4.54 16.16 -1.24
C ILE A 48 -3.81 14.81 -1.34
N PRO A 49 -2.74 14.68 -2.15
CA PRO A 49 -1.88 13.51 -2.15
C PRO A 49 -0.72 13.67 -1.15
N ILE A 50 -0.15 12.56 -0.71
CA ILE A 50 0.78 12.48 0.40
C ILE A 50 1.96 11.60 -0.06
N PHE A 51 2.72 12.08 -1.06
CA PHE A 51 3.79 11.34 -1.73
C PHE A 51 3.36 9.98 -2.30
N GLU A 52 4.28 9.33 -2.98
CA GLU A 52 4.20 7.94 -3.37
C GLU A 52 5.50 7.31 -2.91
N ASP A 53 5.44 6.25 -2.11
CA ASP A 53 6.62 5.53 -1.63
C ASP A 53 6.74 4.22 -2.40
N PHE A 54 7.91 3.60 -2.34
CA PHE A 54 8.20 2.31 -2.92
C PHE A 54 8.93 1.48 -1.88
N VAL A 55 8.95 0.17 -2.08
CA VAL A 55 9.77 -0.73 -1.27
C VAL A 55 10.67 -1.55 -2.21
N ASP A 56 11.46 -2.48 -1.67
CA ASP A 56 12.55 -3.13 -2.40
C ASP A 56 12.02 -3.90 -3.61
N SER A 57 11.23 -4.96 -3.33
CA SER A 57 10.94 -6.12 -4.17
C SER A 57 10.51 -7.26 -3.28
N SER A 58 11.15 -7.48 -2.14
CA SER A 58 11.04 -8.73 -1.38
C SER A 58 10.51 -8.44 0.02
N VAL A 59 9.95 -7.25 0.20
CA VAL A 59 9.46 -6.77 1.48
C VAL A 59 8.14 -7.46 1.84
N GLY A 60 7.94 -7.80 3.13
CA GLY A 60 6.63 -8.08 3.73
C GLY A 60 6.26 -7.15 4.90
N TYR A 61 7.13 -6.20 5.25
CA TYR A 61 6.92 -5.27 6.36
C TYR A 61 7.50 -3.90 6.02
N TYR A 62 6.70 -2.84 6.18
CA TYR A 62 7.07 -1.45 5.83
C TYR A 62 6.34 -0.46 6.77
N THR A 63 6.71 0.81 6.75
CA THR A 63 6.18 1.87 7.61
C THR A 63 6.27 3.23 6.88
N VAL A 64 5.25 4.07 7.02
CA VAL A 64 5.15 5.40 6.41
C VAL A 64 5.16 6.43 7.53
N THR A 65 5.62 7.65 7.24
CA THR A 65 5.56 8.82 8.11
C THR A 65 5.09 10.00 7.24
N GLY A 66 5.14 11.23 7.75
CA GLY A 66 4.61 12.40 7.06
C GLY A 66 3.10 12.35 6.94
N LEU A 67 2.44 11.64 7.86
CA LEU A 67 1.02 11.71 8.15
C LEU A 67 0.77 12.92 9.06
N GLU A 68 -0.51 13.30 9.17
CA GLU A 68 -1.03 14.43 9.94
C GLU A 68 -2.29 13.93 10.68
N PRO A 69 -2.21 13.68 12.00
CA PRO A 69 -3.21 12.90 12.72
C PRO A 69 -4.56 13.63 12.81
N GLY A 70 -5.64 12.87 12.65
CA GLY A 70 -7.01 13.28 12.83
C GLY A 70 -7.73 13.54 11.50
N ILE A 71 -7.01 13.54 10.38
CA ILE A 71 -7.63 13.41 9.07
C ILE A 71 -7.72 11.92 8.75
N ASP A 72 -8.64 11.61 7.85
CA ASP A 72 -8.97 10.29 7.37
C ASP A 72 -8.23 10.10 6.05
N TYR A 73 -7.50 9.00 5.89
CA TYR A 73 -6.58 8.78 4.78
C TYR A 73 -7.02 7.55 4.02
N ASP A 74 -7.07 7.63 2.68
CA ASP A 74 -7.04 6.46 1.82
C ASP A 74 -5.58 6.12 1.66
N ILE A 75 -5.16 4.94 2.15
CA ILE A 75 -3.82 4.44 1.96
C ILE A 75 -3.91 3.33 0.91
N SER A 76 -3.47 3.62 -0.30
CA SER A 76 -3.36 2.68 -1.41
C SER A 76 -1.98 2.05 -1.47
N VAL A 77 -1.93 0.79 -1.87
CA VAL A 77 -0.75 -0.02 -1.91
C VAL A 77 -0.99 -0.91 -3.14
N ILE A 78 -0.41 -0.52 -4.28
CA ILE A 78 -0.60 -1.19 -5.55
C ILE A 78 0.61 -2.07 -5.81
N THR A 79 0.31 -3.31 -6.14
CA THR A 79 1.27 -4.36 -6.45
C THR A 79 1.46 -4.33 -7.97
N LEU A 80 2.71 -4.22 -8.45
CA LEU A 80 3.08 -4.14 -9.84
C LEU A 80 4.09 -5.25 -10.15
N ILE A 81 3.77 -6.09 -11.11
CA ILE A 81 4.48 -7.33 -11.42
C ILE A 81 5.11 -7.23 -12.83
N ASN A 82 5.53 -8.36 -13.41
CA ASN A 82 5.69 -8.52 -14.85
C ASN A 82 4.56 -7.83 -15.63
N GLY A 83 4.83 -6.63 -16.15
CA GLY A 83 3.99 -5.87 -17.06
C GLY A 83 2.52 -5.80 -16.64
N GLY A 84 2.21 -5.83 -15.35
CA GLY A 84 0.84 -6.00 -14.88
C GLY A 84 0.66 -5.32 -13.53
N GLU A 85 -0.52 -4.76 -13.30
CA GLU A 85 -0.94 -4.17 -12.03
C GLU A 85 -1.99 -5.06 -11.41
N SER A 86 -1.96 -5.20 -10.08
CA SER A 86 -3.03 -5.84 -9.34
C SER A 86 -4.13 -4.82 -9.03
N ALA A 87 -5.15 -5.26 -8.29
CA ALA A 87 -6.22 -4.39 -7.82
C ALA A 87 -5.63 -3.35 -6.85
N PRO A 88 -6.24 -2.16 -6.74
CA PRO A 88 -5.87 -1.20 -5.72
C PRO A 88 -6.30 -1.76 -4.36
N THR A 89 -5.34 -2.25 -3.58
CA THR A 89 -5.60 -2.63 -2.21
C THR A 89 -5.47 -1.33 -1.42
N THR A 90 -6.61 -0.71 -1.14
CA THR A 90 -6.72 0.58 -0.51
C THR A 90 -7.57 0.38 0.75
N LEU A 91 -7.03 0.80 1.88
CA LEU A 91 -7.68 0.75 3.19
C LEU A 91 -7.79 2.19 3.68
N THR A 92 -8.89 2.52 4.37
CA THR A 92 -9.13 3.87 4.87
C THR A 92 -8.78 3.88 6.36
N GLN A 93 -7.70 4.54 6.78
CA GLN A 93 -7.38 4.76 8.19
C GLN A 93 -7.59 6.24 8.58
N GLN A 94 -8.41 6.54 9.59
CA GLN A 94 -8.15 7.74 10.39
C GLN A 94 -6.98 7.41 11.31
N THR A 95 -6.00 8.30 11.41
CA THR A 95 -4.80 8.16 12.21
C THR A 95 -4.89 9.15 13.35
N MET A 1 -8.74 -17.44 -17.10
CA MET A 1 -9.67 -16.73 -17.99
C MET A 1 -10.70 -15.89 -17.23
N ARG A 2 -10.88 -16.08 -15.91
CA ARG A 2 -11.58 -15.16 -15.03
C ARG A 2 -11.00 -15.33 -13.63
N GLY A 3 -11.46 -14.56 -12.66
CA GLY A 3 -11.19 -14.75 -11.25
C GLY A 3 -10.38 -13.58 -10.72
N SER A 4 -9.54 -13.84 -9.71
CA SER A 4 -8.52 -12.91 -9.29
C SER A 4 -7.46 -12.84 -10.40
N GLU A 5 -7.57 -11.89 -11.33
CA GLU A 5 -6.80 -11.83 -12.56
C GLU A 5 -5.29 -11.76 -12.22
N VAL A 6 -4.85 -10.68 -11.57
CA VAL A 6 -3.47 -10.51 -11.11
C VAL A 6 -3.48 -10.60 -9.58
N PRO A 7 -2.56 -11.36 -8.95
CA PRO A 7 -2.51 -11.51 -7.51
C PRO A 7 -2.02 -10.22 -6.83
N GLN A 8 -2.78 -9.75 -5.85
CA GLN A 8 -2.55 -8.56 -5.02
C GLN A 8 -2.08 -8.98 -3.62
N LEU A 9 -1.79 -7.99 -2.79
CA LEU A 9 -1.45 -8.17 -1.39
C LEU A 9 -2.72 -8.37 -0.56
N THR A 10 -3.22 -9.61 -0.51
CA THR A 10 -4.38 -10.03 0.27
C THR A 10 -4.17 -9.93 1.79
N ASP A 11 -2.91 -9.92 2.22
CA ASP A 11 -2.48 -9.87 3.62
C ASP A 11 -2.14 -8.44 4.06
N LEU A 12 -2.43 -7.45 3.20
CA LEU A 12 -2.22 -6.03 3.43
C LEU A 12 -3.04 -5.59 4.65
N SER A 13 -2.40 -5.44 5.80
CA SER A 13 -3.00 -4.89 7.01
C SER A 13 -2.03 -3.90 7.63
N PHE A 14 -2.52 -2.70 7.99
CA PHE A 14 -1.70 -1.75 8.73
C PHE A 14 -1.57 -2.21 10.17
N VAL A 15 -0.54 -1.75 10.84
CA VAL A 15 -0.24 -2.08 12.22
C VAL A 15 0.39 -0.87 12.89
N ASP A 16 0.43 -0.91 14.22
CA ASP A 16 1.26 -0.07 15.07
C ASP A 16 1.11 1.39 14.66
N ILE A 17 -0.15 1.78 14.44
CA ILE A 17 -0.65 3.08 14.00
C ILE A 17 -0.55 4.02 15.19
N THR A 18 0.69 4.30 15.59
CA THR A 18 1.08 5.40 16.44
C THR A 18 0.65 6.74 15.80
N ASP A 19 0.70 7.82 16.56
CA ASP A 19 0.38 9.19 16.12
C ASP A 19 1.49 9.80 15.25
N SER A 20 2.55 9.05 14.93
CA SER A 20 3.74 9.54 14.23
C SER A 20 4.03 8.92 12.88
N SER A 21 3.36 7.82 12.56
CA SER A 21 3.71 6.89 11.52
C SER A 21 2.72 5.73 11.50
N ILE A 22 2.68 5.00 10.37
CA ILE A 22 1.79 3.86 10.19
C ILE A 22 2.63 2.69 9.69
N GLY A 23 2.55 1.55 10.37
CA GLY A 23 3.18 0.32 9.93
C GLY A 23 2.25 -0.40 8.95
N LEU A 24 2.80 -1.29 8.13
CA LEU A 24 2.12 -2.10 7.14
C LEU A 24 2.69 -3.50 7.24
N ARG A 25 1.83 -4.51 7.15
CA ARG A 25 2.25 -5.85 6.80
C ARG A 25 1.67 -6.15 5.42
N TRP A 26 2.26 -7.10 4.71
CA TRP A 26 1.71 -7.86 3.59
C TRP A 26 2.59 -9.11 3.42
N THR A 27 2.40 -9.93 2.38
CA THR A 27 3.36 -11.01 2.12
C THR A 27 4.22 -10.62 0.92
N PRO A 28 5.53 -10.92 0.89
CA PRO A 28 6.35 -10.64 -0.27
C PRO A 28 6.03 -11.66 -1.36
N LEU A 29 5.66 -11.17 -2.53
CA LEU A 29 5.29 -11.95 -3.70
C LEU A 29 6.59 -12.17 -4.44
N ASN A 30 7.38 -13.16 -4.05
CA ASN A 30 8.69 -13.40 -4.66
C ASN A 30 8.57 -14.03 -6.06
N SER A 31 7.64 -13.53 -6.87
CA SER A 31 7.18 -14.18 -8.10
C SER A 31 8.32 -14.67 -8.99
N SER A 32 9.18 -13.75 -9.46
CA SER A 32 9.93 -13.89 -10.72
C SER A 32 10.55 -12.55 -11.11
N THR A 33 9.65 -11.59 -11.33
CA THR A 33 9.83 -10.41 -12.16
C THR A 33 9.07 -9.22 -11.54
N ILE A 34 8.35 -9.47 -10.44
CA ILE A 34 7.81 -8.47 -9.53
C ILE A 34 8.78 -7.27 -9.40
N ILE A 35 8.29 -6.07 -9.73
CA ILE A 35 9.16 -4.90 -9.76
C ILE A 35 9.24 -4.39 -8.32
N GLY A 36 8.08 -4.10 -7.72
CA GLY A 36 8.01 -3.59 -6.37
C GLY A 36 6.57 -3.54 -5.93
N TYR A 37 6.31 -2.73 -4.91
CA TYR A 37 4.97 -2.30 -4.54
C TYR A 37 5.09 -0.78 -4.44
N ARG A 38 3.98 -0.08 -4.70
CA ARG A 38 3.88 1.35 -4.82
C ARG A 38 2.83 1.82 -3.82
N ILE A 39 3.23 2.58 -2.81
CA ILE A 39 2.29 3.11 -1.81
C ILE A 39 2.01 4.57 -2.19
N THR A 40 0.77 5.01 -1.99
CA THR A 40 0.32 6.35 -2.33
C THR A 40 -0.71 6.76 -1.29
N VAL A 41 -0.37 7.75 -0.47
CA VAL A 41 -1.22 8.32 0.55
C VAL A 41 -1.73 9.68 0.10
N VAL A 42 -3.03 9.85 0.23
CA VAL A 42 -3.69 11.12 -0.04
C VAL A 42 -4.65 11.39 1.15
N ALA A 43 -5.12 12.63 1.32
CA ALA A 43 -6.00 12.98 2.44
C ALA A 43 -7.44 12.76 2.00
N ALA A 44 -8.08 11.73 2.56
CA ALA A 44 -9.39 11.20 2.16
C ALA A 44 -9.53 11.15 0.63
N GLY A 45 -10.76 11.27 0.12
CA GLY A 45 -11.07 11.16 -1.30
C GLY A 45 -10.67 12.36 -2.13
N GLU A 46 -9.93 13.33 -1.58
CA GLU A 46 -9.76 14.61 -2.21
C GLU A 46 -8.60 14.54 -3.20
N GLY A 47 -8.40 15.61 -3.97
CA GLY A 47 -7.20 15.77 -4.78
C GLY A 47 -5.93 15.73 -3.94
N ILE A 48 -6.01 16.27 -2.71
CA ILE A 48 -4.92 16.49 -1.77
C ILE A 48 -4.00 15.27 -1.67
N PRO A 49 -2.83 15.28 -2.33
CA PRO A 49 -1.80 14.28 -2.13
C PRO A 49 -1.07 14.55 -0.82
N ILE A 50 -0.46 13.52 -0.25
CA ILE A 50 0.49 13.67 0.84
C ILE A 50 1.83 13.20 0.30
N PHE A 51 1.92 11.93 -0.09
CA PHE A 51 3.18 11.25 -0.31
C PHE A 51 2.95 10.02 -1.20
N GLU A 52 4.02 9.55 -1.83
CA GLU A 52 4.07 8.34 -2.63
C GLU A 52 5.45 7.73 -2.38
N ASP A 53 5.53 6.41 -2.29
CA ASP A 53 6.77 5.67 -2.09
C ASP A 53 6.74 4.36 -2.86
N PHE A 54 7.93 3.78 -2.95
CA PHE A 54 8.19 2.49 -3.53
C PHE A 54 9.02 1.72 -2.52
N VAL A 55 8.94 0.39 -2.60
CA VAL A 55 9.72 -0.53 -1.79
C VAL A 55 10.45 -1.49 -2.73
N ASP A 56 11.19 -2.47 -2.19
CA ASP A 56 12.16 -3.23 -2.98
C ASP A 56 11.53 -4.17 -4.00
N SER A 57 10.78 -5.14 -3.49
CA SER A 57 10.10 -6.29 -4.09
C SER A 57 9.99 -7.38 -3.01
N SER A 58 11.05 -7.53 -2.21
CA SER A 58 11.19 -8.60 -1.21
C SER A 58 10.60 -8.21 0.15
N VAL A 59 10.03 -7.01 0.23
CA VAL A 59 9.45 -6.44 1.42
C VAL A 59 8.11 -7.11 1.67
N GLY A 60 7.84 -7.50 2.91
CA GLY A 60 6.52 -7.83 3.44
C GLY A 60 6.14 -7.00 4.67
N TYR A 61 6.99 -6.08 5.10
CA TYR A 61 6.75 -5.17 6.22
C TYR A 61 7.37 -3.82 5.86
N TYR A 62 6.59 -2.75 5.92
CA TYR A 62 7.16 -1.39 5.79
C TYR A 62 6.42 -0.48 6.77
N THR A 63 6.96 0.71 7.05
CA THR A 63 6.38 1.71 7.92
C THR A 63 6.64 3.08 7.32
N VAL A 64 5.57 3.86 7.12
CA VAL A 64 5.58 5.20 6.55
C VAL A 64 5.64 6.18 7.73
N THR A 65 6.19 7.36 7.51
CA THR A 65 6.22 8.47 8.46
C THR A 65 5.53 9.67 7.77
N GLY A 66 5.78 10.92 8.18
CA GLY A 66 5.22 12.09 7.50
C GLY A 66 3.70 12.06 7.45
N LEU A 67 3.10 11.60 8.54
CA LEU A 67 1.68 11.48 8.74
C LEU A 67 1.30 12.39 9.90
N GLU A 68 0.05 12.82 9.90
CA GLU A 68 -0.50 13.78 10.82
C GLU A 68 -1.96 13.36 11.10
N PRO A 69 -2.27 12.83 12.30
CA PRO A 69 -3.51 12.08 12.56
C PRO A 69 -4.74 12.97 12.64
N GLY A 70 -5.92 12.35 12.79
CA GLY A 70 -7.19 13.01 13.00
C GLY A 70 -7.93 13.27 11.69
N ILE A 71 -7.21 13.56 10.61
CA ILE A 71 -7.75 13.63 9.26
C ILE A 71 -7.73 12.20 8.73
N ASP A 72 -8.75 11.86 7.95
CA ASP A 72 -8.88 10.59 7.23
C ASP A 72 -7.93 10.59 6.02
N TYR A 73 -7.21 9.50 5.78
CA TYR A 73 -6.29 9.31 4.65
C TYR A 73 -6.76 8.09 3.89
N ASP A 74 -6.68 8.13 2.55
CA ASP A 74 -6.81 6.93 1.74
C ASP A 74 -5.37 6.47 1.54
N ILE A 75 -4.98 5.34 2.15
CA ILE A 75 -3.63 4.80 2.06
C ILE A 75 -3.69 3.67 1.03
N SER A 76 -3.24 3.93 -0.19
CA SER A 76 -3.27 2.99 -1.30
C SER A 76 -1.95 2.26 -1.41
N VAL A 77 -1.98 0.98 -1.80
CA VAL A 77 -0.82 0.11 -1.97
C VAL A 77 -1.07 -0.71 -3.24
N ILE A 78 -0.50 -0.27 -4.35
CA ILE A 78 -0.59 -0.95 -5.64
C ILE A 78 0.58 -1.93 -5.72
N THR A 79 0.31 -3.10 -6.27
CA THR A 79 1.28 -4.14 -6.55
C THR A 79 1.51 -4.13 -8.06
N LEU A 80 2.77 -4.17 -8.51
CA LEU A 80 3.11 -4.13 -9.93
C LEU A 80 4.08 -5.28 -10.24
N ILE A 81 3.75 -6.08 -11.26
CA ILE A 81 4.47 -7.31 -11.58
C ILE A 81 4.74 -7.40 -13.09
N ASN A 82 5.15 -8.58 -13.56
CA ASN A 82 5.20 -9.00 -14.97
C ASN A 82 4.03 -8.40 -15.76
N GLY A 83 4.32 -7.47 -16.66
CA GLY A 83 3.38 -6.75 -17.53
C GLY A 83 1.97 -6.62 -16.94
N GLY A 84 1.85 -6.14 -15.70
CA GLY A 84 0.63 -6.30 -14.96
C GLY A 84 0.66 -5.53 -13.65
N GLU A 85 -0.52 -5.30 -13.10
CA GLU A 85 -0.77 -4.58 -11.85
C GLU A 85 -1.97 -5.29 -11.23
N SER A 86 -1.99 -5.36 -9.91
CA SER A 86 -3.06 -6.02 -9.19
C SER A 86 -4.15 -5.01 -8.83
N ALA A 87 -5.17 -5.48 -8.09
CA ALA A 87 -6.22 -4.60 -7.61
C ALA A 87 -5.63 -3.51 -6.72
N PRO A 88 -6.22 -2.31 -6.72
CA PRO A 88 -5.85 -1.26 -5.80
C PRO A 88 -6.35 -1.66 -4.40
N THR A 89 -5.47 -2.20 -3.56
CA THR A 89 -5.82 -2.40 -2.17
C THR A 89 -5.53 -1.07 -1.51
N THR A 90 -6.59 -0.48 -0.95
CA THR A 90 -6.58 0.80 -0.30
C THR A 90 -7.31 0.56 1.03
N LEU A 91 -6.77 1.13 2.10
CA LEU A 91 -7.39 1.15 3.42
C LEU A 91 -7.55 2.62 3.74
N THR A 92 -8.70 2.99 4.26
CA THR A 92 -9.15 4.36 4.40
C THR A 92 -9.74 4.52 5.80
N GLN A 93 -10.20 5.72 6.14
CA GLN A 93 -10.60 6.19 7.45
C GLN A 93 -9.33 6.47 8.25
N GLN A 94 -9.35 7.50 9.10
CA GLN A 94 -8.23 7.82 9.96
C GLN A 94 -8.01 6.65 10.93
N THR A 95 -8.79 6.73 12.00
CA THR A 95 -8.62 6.07 13.28
C THR A 95 -7.16 5.92 13.68
N MET A 1 -12.00 -13.27 -18.17
CA MET A 1 -12.93 -12.35 -17.49
C MET A 1 -13.37 -12.98 -16.18
N ARG A 2 -13.96 -12.18 -15.27
CA ARG A 2 -14.32 -12.56 -13.90
C ARG A 2 -13.19 -13.36 -13.21
N GLY A 3 -11.96 -13.00 -13.53
CA GLY A 3 -10.74 -13.59 -13.00
C GLY A 3 -10.06 -12.60 -12.09
N SER A 4 -8.79 -12.86 -11.83
CA SER A 4 -7.94 -12.24 -10.83
C SER A 4 -6.54 -12.24 -11.44
N GLU A 5 -6.34 -11.42 -12.47
CA GLU A 5 -5.27 -11.60 -13.46
C GLU A 5 -3.89 -11.57 -12.81
N VAL A 6 -3.74 -10.73 -11.78
CA VAL A 6 -2.63 -10.78 -10.85
C VAL A 6 -3.19 -11.11 -9.46
N PRO A 7 -2.58 -12.03 -8.70
CA PRO A 7 -2.95 -12.31 -7.32
C PRO A 7 -2.64 -11.09 -6.46
N GLN A 8 -3.71 -10.41 -6.02
CA GLN A 8 -3.69 -9.25 -5.17
C GLN A 8 -3.06 -9.65 -3.84
N LEU A 9 -2.53 -8.66 -3.12
CA LEU A 9 -2.10 -8.83 -1.74
C LEU A 9 -3.34 -9.02 -0.85
N THR A 10 -3.93 -10.20 -0.88
CA THR A 10 -5.02 -10.56 0.01
C THR A 10 -4.58 -10.43 1.49
N ASP A 11 -3.29 -10.62 1.80
CA ASP A 11 -2.72 -10.52 3.14
C ASP A 11 -2.47 -9.08 3.58
N LEU A 12 -2.77 -8.09 2.73
CA LEU A 12 -2.57 -6.66 3.01
C LEU A 12 -3.26 -6.30 4.33
N SER A 13 -2.52 -5.71 5.26
CA SER A 13 -3.02 -5.24 6.54
C SER A 13 -2.23 -4.02 6.98
N PHE A 14 -2.83 -3.08 7.73
CA PHE A 14 -2.09 -1.97 8.32
C PHE A 14 -2.11 -2.15 9.84
N VAL A 15 -1.03 -1.76 10.50
CA VAL A 15 -0.73 -2.00 11.90
C VAL A 15 0.03 -0.80 12.45
N ASP A 16 0.21 -0.73 13.77
CA ASP A 16 1.05 0.24 14.46
C ASP A 16 0.66 1.66 14.04
N ILE A 17 -0.65 1.91 13.99
CA ILE A 17 -1.32 3.12 13.52
C ILE A 17 -1.21 4.17 14.63
N THR A 18 0.00 4.59 14.93
CA THR A 18 0.30 5.74 15.77
C THR A 18 0.06 7.04 14.96
N ASP A 19 -0.03 8.18 15.64
CA ASP A 19 -0.21 9.50 15.02
C ASP A 19 1.09 10.03 14.39
N SER A 20 2.14 9.21 14.32
CA SER A 20 3.49 9.64 13.98
C SER A 20 4.09 8.89 12.79
N SER A 21 3.47 7.78 12.40
CA SER A 21 3.86 6.86 11.36
C SER A 21 2.77 5.80 11.23
N ILE A 22 2.71 5.09 10.10
CA ILE A 22 1.73 4.01 9.90
C ILE A 22 2.48 2.78 9.43
N GLY A 23 2.21 1.61 10.02
CA GLY A 23 2.82 0.36 9.65
C GLY A 23 1.92 -0.39 8.66
N LEU A 24 2.56 -1.22 7.84
CA LEU A 24 1.90 -2.08 6.86
C LEU A 24 2.42 -3.48 7.02
N ARG A 25 1.61 -4.45 6.61
CA ARG A 25 1.99 -5.83 6.46
C ARG A 25 1.36 -6.38 5.20
N TRP A 26 1.99 -7.36 4.57
CA TRP A 26 1.40 -8.21 3.54
C TRP A 26 2.23 -9.50 3.47
N THR A 27 2.05 -10.28 2.40
CA THR A 27 2.79 -11.51 2.10
C THR A 27 3.65 -11.24 0.86
N PRO A 28 4.98 -11.10 0.99
CA PRO A 28 5.84 -10.73 -0.13
C PRO A 28 5.98 -11.86 -1.14
N LEU A 29 5.65 -11.55 -2.39
CA LEU A 29 5.64 -12.45 -3.54
C LEU A 29 6.97 -12.28 -4.25
N ASN A 30 7.92 -13.21 -4.04
CA ASN A 30 9.23 -13.18 -4.70
C ASN A 30 9.13 -13.74 -6.12
N SER A 31 8.07 -13.39 -6.84
CA SER A 31 7.60 -14.12 -8.01
C SER A 31 8.63 -14.26 -9.14
N SER A 32 9.47 -13.24 -9.40
CA SER A 32 10.60 -13.19 -10.34
C SER A 32 10.84 -11.73 -10.75
N THR A 33 10.30 -11.37 -11.91
CA THR A 33 10.48 -10.11 -12.62
C THR A 33 9.59 -9.02 -11.96
N ILE A 34 8.79 -9.39 -10.95
CA ILE A 34 8.04 -8.55 -10.04
C ILE A 34 8.87 -7.31 -9.66
N ILE A 35 8.31 -6.12 -9.85
CA ILE A 35 9.09 -4.88 -9.76
C ILE A 35 9.16 -4.49 -8.29
N GLY A 36 8.01 -4.30 -7.66
CA GLY A 36 7.94 -3.86 -6.28
C GLY A 36 6.49 -3.69 -5.90
N TYR A 37 6.26 -2.89 -4.86
CA TYR A 37 4.93 -2.47 -4.45
C TYR A 37 5.04 -0.95 -4.30
N ARG A 38 4.04 -0.22 -4.78
CA ARG A 38 3.98 1.24 -4.77
C ARG A 38 2.96 1.65 -3.72
N ILE A 39 3.40 2.25 -2.62
CA ILE A 39 2.49 2.85 -1.67
C ILE A 39 2.23 4.29 -2.13
N THR A 40 1.09 4.84 -1.77
CA THR A 40 0.66 6.21 -1.98
C THR A 40 -0.14 6.58 -0.74
N VAL A 41 -0.10 7.84 -0.34
CA VAL A 41 -0.97 8.39 0.69
C VAL A 41 -1.55 9.70 0.24
N VAL A 42 -2.87 9.78 0.39
CA VAL A 42 -3.61 11.00 0.19
C VAL A 42 -4.52 11.18 1.42
N ALA A 43 -5.06 12.38 1.61
CA ALA A 43 -6.04 12.68 2.64
C ALA A 43 -7.43 12.35 2.06
N ALA A 44 -8.06 11.31 2.61
CA ALA A 44 -9.39 10.86 2.25
C ALA A 44 -10.40 11.93 2.67
N GLY A 45 -10.94 12.68 1.72
CA GLY A 45 -11.87 13.78 1.97
C GLY A 45 -11.71 14.87 0.94
N GLU A 46 -10.53 15.00 0.34
CA GLU A 46 -10.35 15.72 -0.91
C GLU A 46 -9.47 14.92 -1.87
N GLY A 47 -8.93 13.78 -1.45
CA GLY A 47 -7.94 13.01 -2.19
C GLY A 47 -6.66 13.81 -2.43
N ILE A 48 -6.47 14.93 -1.73
CA ILE A 48 -5.25 15.73 -1.66
C ILE A 48 -4.05 14.80 -1.43
N PRO A 49 -3.20 14.56 -2.46
CA PRO A 49 -2.07 13.67 -2.30
C PRO A 49 -1.00 14.32 -1.43
N ILE A 50 -0.44 13.51 -0.52
CA ILE A 50 0.74 13.88 0.25
C ILE A 50 1.93 13.44 -0.61
N PHE A 51 2.20 12.14 -0.68
CA PHE A 51 3.31 11.59 -1.44
C PHE A 51 3.00 10.16 -1.89
N GLU A 52 3.90 9.60 -2.68
CA GLU A 52 3.95 8.17 -2.97
C GLU A 52 5.39 7.71 -2.82
N ASP A 53 5.57 6.42 -2.57
CA ASP A 53 6.83 5.82 -2.13
C ASP A 53 6.80 4.35 -2.54
N PHE A 54 7.95 3.70 -2.49
CA PHE A 54 8.11 2.35 -2.99
C PHE A 54 8.47 1.42 -1.84
N VAL A 55 8.56 0.12 -2.13
CA VAL A 55 9.34 -0.78 -1.32
C VAL A 55 10.30 -1.55 -2.24
N ASP A 56 11.05 -2.46 -1.63
CA ASP A 56 12.22 -3.11 -2.20
C ASP A 56 11.89 -3.96 -3.43
N SER A 57 11.16 -5.05 -3.20
CA SER A 57 10.91 -6.19 -4.06
C SER A 57 10.55 -7.47 -3.30
N SER A 58 10.86 -7.60 -2.00
CA SER A 58 10.33 -8.70 -1.20
C SER A 58 9.99 -8.26 0.23
N VAL A 59 9.71 -6.97 0.42
CA VAL A 59 9.34 -6.48 1.74
C VAL A 59 7.92 -6.97 2.01
N GLY A 60 7.68 -7.51 3.22
CA GLY A 60 6.37 -7.94 3.71
C GLY A 60 5.84 -7.08 4.85
N TYR A 61 6.62 -6.11 5.31
CA TYR A 61 6.30 -5.21 6.43
C TYR A 61 7.02 -3.89 6.16
N TYR A 62 6.31 -2.77 6.11
CA TYR A 62 6.87 -1.44 5.81
C TYR A 62 6.27 -0.43 6.79
N THR A 63 6.86 0.75 6.90
CA THR A 63 6.33 1.82 7.73
C THR A 63 6.54 3.16 7.01
N VAL A 64 5.50 3.98 7.02
CA VAL A 64 5.43 5.28 6.39
C VAL A 64 5.57 6.33 7.49
N THR A 65 6.10 7.51 7.14
CA THR A 65 6.02 8.70 7.96
C THR A 65 5.44 9.81 7.07
N GLY A 66 5.12 10.97 7.63
CA GLY A 66 4.48 12.09 6.94
C GLY A 66 2.95 11.98 6.96
N LEU A 67 2.40 11.28 7.95
CA LEU A 67 1.01 11.35 8.34
C LEU A 67 0.84 12.46 9.36
N GLU A 68 -0.38 12.99 9.47
CA GLU A 68 -0.77 14.14 10.28
C GLU A 68 -2.12 13.82 10.92
N PRO A 69 -2.33 14.08 12.23
CA PRO A 69 -3.49 13.57 12.93
C PRO A 69 -4.78 14.35 12.68
N GLY A 70 -5.90 13.70 12.98
CA GLY A 70 -7.25 14.25 12.88
C GLY A 70 -7.91 13.99 11.53
N ILE A 71 -7.15 13.58 10.52
CA ILE A 71 -7.58 13.48 9.14
C ILE A 71 -7.52 12.00 8.72
N ASP A 72 -8.46 11.63 7.87
CA ASP A 72 -8.63 10.30 7.31
C ASP A 72 -7.65 10.20 6.14
N TYR A 73 -6.84 9.16 6.08
CA TYR A 73 -5.85 8.98 5.03
C TYR A 73 -6.20 7.72 4.26
N ASP A 74 -6.28 7.85 2.94
CA ASP A 74 -6.48 6.74 2.02
C ASP A 74 -5.08 6.20 1.77
N ILE A 75 -4.59 5.27 2.58
CA ILE A 75 -3.25 4.73 2.35
C ILE A 75 -3.45 3.63 1.31
N SER A 76 -2.83 3.83 0.17
CA SER A 76 -3.07 3.13 -1.08
C SER A 76 -1.80 2.37 -1.43
N VAL A 77 -1.93 1.15 -1.92
CA VAL A 77 -0.83 0.23 -2.12
C VAL A 77 -1.17 -0.56 -3.38
N ILE A 78 -0.43 -0.36 -4.47
CA ILE A 78 -0.57 -1.15 -5.69
C ILE A 78 0.62 -2.10 -5.75
N THR A 79 0.39 -3.30 -6.26
CA THR A 79 1.47 -4.19 -6.65
C THR A 79 1.58 -4.21 -8.17
N LEU A 80 2.81 -4.28 -8.66
CA LEU A 80 3.19 -4.18 -10.05
C LEU A 80 4.16 -5.31 -10.36
N ILE A 81 3.77 -6.20 -11.28
CA ILE A 81 4.46 -7.45 -11.53
C ILE A 81 5.01 -7.47 -12.96
N ASN A 82 5.49 -8.63 -13.44
CA ASN A 82 5.74 -8.85 -14.86
C ASN A 82 4.52 -8.41 -15.69
N GLY A 83 4.61 -7.27 -16.37
CA GLY A 83 3.68 -6.85 -17.41
C GLY A 83 2.22 -6.97 -17.00
N GLY A 84 1.92 -6.72 -15.73
CA GLY A 84 0.65 -7.03 -15.12
C GLY A 84 0.53 -6.20 -13.87
N GLU A 85 -0.70 -5.77 -13.60
CA GLU A 85 -1.02 -4.88 -12.51
C GLU A 85 -2.06 -5.58 -11.63
N SER A 86 -1.97 -5.34 -10.32
CA SER A 86 -2.95 -5.82 -9.37
C SER A 86 -4.10 -4.79 -9.36
N ALA A 87 -4.99 -4.81 -8.38
CA ALA A 87 -5.93 -3.70 -8.19
C ALA A 87 -5.44 -2.82 -7.04
N PRO A 88 -5.92 -1.58 -6.88
CA PRO A 88 -5.45 -0.70 -5.83
C PRO A 88 -5.96 -1.20 -4.49
N THR A 89 -5.05 -1.74 -3.67
CA THR A 89 -5.35 -2.12 -2.31
C THR A 89 -5.20 -0.86 -1.44
N THR A 90 -6.27 -0.08 -1.34
CA THR A 90 -6.37 1.03 -0.40
C THR A 90 -7.06 0.55 0.87
N LEU A 91 -6.65 1.10 2.00
CA LEU A 91 -7.35 1.02 3.27
C LEU A 91 -7.38 2.46 3.79
N THR A 92 -8.56 3.03 4.03
CA THR A 92 -8.67 4.33 4.68
C THR A 92 -8.76 4.08 6.18
N GLN A 93 -8.10 4.92 6.98
CA GLN A 93 -8.38 5.08 8.40
C GLN A 93 -7.97 6.48 8.84
N GLN A 94 -8.49 6.92 9.99
CA GLN A 94 -8.08 8.14 10.67
C GLN A 94 -7.07 7.80 11.78
N THR A 95 -6.50 8.84 12.39
CA THR A 95 -5.87 8.76 13.69
C THR A 95 -6.63 9.77 14.56
N MET A 1 -9.22 -22.63 -9.26
CA MET A 1 -10.29 -22.93 -10.22
C MET A 1 -10.23 -21.92 -11.36
N ARG A 2 -11.06 -20.87 -11.37
CA ARG A 2 -11.05 -19.79 -12.37
C ARG A 2 -11.12 -18.45 -11.64
N GLY A 3 -11.02 -17.34 -12.36
CA GLY A 3 -10.99 -16.00 -11.78
C GLY A 3 -9.67 -15.74 -11.05
N SER A 4 -9.27 -14.46 -11.00
CA SER A 4 -8.01 -13.83 -10.60
C SER A 4 -7.17 -13.58 -11.85
N GLU A 5 -6.38 -12.50 -11.83
CA GLU A 5 -5.66 -12.01 -12.99
C GLU A 5 -4.19 -11.78 -12.64
N VAL A 6 -3.95 -10.84 -11.71
CA VAL A 6 -2.62 -10.52 -11.21
C VAL A 6 -2.73 -10.61 -9.68
N PRO A 7 -1.79 -11.26 -8.97
CA PRO A 7 -1.90 -11.49 -7.54
C PRO A 7 -1.62 -10.19 -6.80
N GLN A 8 -2.61 -9.74 -6.03
CA GLN A 8 -2.48 -8.55 -5.21
C GLN A 8 -1.79 -8.94 -3.90
N LEU A 9 -1.55 -7.96 -3.04
CA LEU A 9 -1.28 -8.20 -1.64
C LEU A 9 -2.61 -8.52 -0.97
N THR A 10 -2.93 -9.80 -0.92
CA THR A 10 -4.15 -10.33 -0.32
C THR A 10 -4.16 -9.97 1.17
N ASP A 11 -3.12 -10.39 1.88
CA ASP A 11 -2.89 -10.26 3.33
C ASP A 11 -2.53 -8.82 3.75
N LEU A 12 -2.83 -7.84 2.89
CA LEU A 12 -2.65 -6.42 3.16
C LEU A 12 -3.38 -6.06 4.46
N SER A 13 -2.64 -5.54 5.43
CA SER A 13 -3.13 -5.05 6.72
C SER A 13 -2.18 -4.02 7.27
N PHE A 14 -2.61 -3.25 8.27
CA PHE A 14 -1.80 -2.22 8.91
C PHE A 14 -1.75 -2.53 10.41
N VAL A 15 -0.67 -2.12 11.06
CA VAL A 15 -0.46 -2.19 12.49
C VAL A 15 0.34 -0.96 12.93
N ASP A 16 0.44 -0.74 14.24
CA ASP A 16 1.11 0.38 14.89
C ASP A 16 0.71 1.68 14.21
N ILE A 17 -0.59 1.98 14.31
CA ILE A 17 -1.22 3.19 13.83
C ILE A 17 -0.95 4.27 14.89
N THR A 18 0.31 4.61 15.06
CA THR A 18 0.79 5.66 15.96
C THR A 18 0.62 7.03 15.29
N ASP A 19 0.85 8.09 16.05
CA ASP A 19 0.75 9.49 15.60
C ASP A 19 1.94 9.90 14.71
N SER A 20 2.91 9.01 14.47
CA SER A 20 4.20 9.33 13.85
C SER A 20 4.56 8.50 12.61
N SER A 21 3.75 7.50 12.28
CA SER A 21 3.96 6.53 11.23
C SER A 21 2.72 5.63 11.14
N ILE A 22 2.64 4.79 10.10
CA ILE A 22 1.73 3.64 10.10
C ILE A 22 2.52 2.43 9.62
N GLY A 23 2.44 1.30 10.32
CA GLY A 23 3.01 0.05 9.86
C GLY A 23 2.04 -0.62 8.89
N LEU A 24 2.60 -1.38 7.95
CA LEU A 24 1.89 -2.22 7.00
C LEU A 24 2.44 -3.63 7.18
N ARG A 25 1.61 -4.63 6.91
CA ARG A 25 2.05 -6.01 6.73
C ARG A 25 1.32 -6.55 5.51
N TRP A 26 1.97 -7.41 4.74
CA TRP A 26 1.36 -8.20 3.68
C TRP A 26 2.23 -9.43 3.42
N THR A 27 1.91 -10.23 2.40
CA THR A 27 2.60 -11.47 2.11
C THR A 27 3.42 -11.28 0.83
N PRO A 28 4.76 -11.16 0.93
CA PRO A 28 5.57 -10.80 -0.21
C PRO A 28 5.62 -11.93 -1.22
N LEU A 29 5.22 -11.59 -2.43
CA LEU A 29 5.38 -12.34 -3.65
C LEU A 29 6.83 -12.15 -4.05
N ASN A 30 7.71 -13.08 -3.67
CA ASN A 30 9.14 -13.04 -4.01
C ASN A 30 9.33 -13.48 -5.48
N SER A 31 8.42 -13.07 -6.38
CA SER A 31 8.18 -13.70 -7.67
C SER A 31 9.26 -13.43 -8.74
N SER A 32 10.28 -12.61 -8.45
CA SER A 32 11.36 -12.17 -9.34
C SER A 32 10.89 -11.19 -10.43
N THR A 33 9.92 -11.58 -11.26
CA THR A 33 9.37 -10.77 -12.35
C THR A 33 8.62 -9.54 -11.79
N ILE A 34 8.07 -9.67 -10.59
CA ILE A 34 7.48 -8.61 -9.79
C ILE A 34 8.46 -7.44 -9.69
N ILE A 35 7.99 -6.21 -9.87
CA ILE A 35 8.86 -5.05 -9.72
C ILE A 35 8.86 -4.73 -8.24
N GLY A 36 7.72 -4.34 -7.68
CA GLY A 36 7.65 -4.00 -6.27
C GLY A 36 6.20 -3.80 -5.87
N TYR A 37 6.01 -3.10 -4.77
CA TYR A 37 4.71 -2.66 -4.32
C TYR A 37 4.87 -1.16 -4.09
N ARG A 38 3.91 -0.38 -4.58
CA ARG A 38 3.91 1.06 -4.55
C ARG A 38 2.85 1.48 -3.56
N ILE A 39 3.21 2.33 -2.60
CA ILE A 39 2.29 2.90 -1.65
C ILE A 39 2.00 4.33 -2.12
N THR A 40 0.82 4.83 -1.78
CA THR A 40 0.37 6.20 -1.91
C THR A 40 -0.39 6.52 -0.62
N VAL A 41 -0.43 7.80 -0.27
CA VAL A 41 -1.21 8.35 0.80
C VAL A 41 -1.81 9.65 0.30
N VAL A 42 -3.13 9.76 0.43
CA VAL A 42 -3.88 10.97 0.14
C VAL A 42 -4.74 11.28 1.37
N ALA A 43 -5.27 12.50 1.47
CA ALA A 43 -6.18 12.89 2.54
C ALA A 43 -7.61 12.70 2.02
N ALA A 44 -8.23 11.60 2.43
CA ALA A 44 -9.57 11.20 2.08
C ALA A 44 -9.84 11.29 0.57
N GLY A 45 -11.10 11.53 0.20
CA GLY A 45 -11.51 11.73 -1.17
C GLY A 45 -11.18 13.14 -1.70
N GLU A 46 -10.42 13.97 -0.98
CA GLU A 46 -10.32 15.39 -1.32
C GLU A 46 -9.34 15.64 -2.47
N GLY A 47 -8.63 14.60 -2.90
CA GLY A 47 -7.69 14.59 -4.02
C GLY A 47 -6.32 15.14 -3.66
N ILE A 48 -6.28 15.93 -2.58
CA ILE A 48 -5.13 16.33 -1.79
C ILE A 48 -4.23 15.11 -1.56
N PRO A 49 -3.09 15.00 -2.25
CA PRO A 49 -2.13 13.94 -2.00
C PRO A 49 -1.32 14.27 -0.74
N ILE A 50 -0.58 13.31 -0.24
CA ILE A 50 0.46 13.52 0.76
C ILE A 50 1.76 13.25 0.02
N PHE A 51 2.06 11.98 -0.25
CA PHE A 51 3.18 11.52 -1.05
C PHE A 51 2.88 10.10 -1.51
N GLU A 52 3.76 9.55 -2.33
CA GLU A 52 3.77 8.14 -2.69
C GLU A 52 5.19 7.60 -2.53
N ASP A 53 5.32 6.28 -2.40
CA ASP A 53 6.55 5.63 -1.95
C ASP A 53 6.64 4.22 -2.52
N PHE A 54 7.82 3.60 -2.44
CA PHE A 54 8.07 2.27 -2.96
C PHE A 54 8.70 1.40 -1.88
N VAL A 55 8.61 0.08 -2.06
CA VAL A 55 9.48 -0.86 -1.37
C VAL A 55 10.16 -1.77 -2.41
N ASP A 56 10.96 -2.73 -1.94
CA ASP A 56 12.04 -3.32 -2.74
C ASP A 56 11.51 -4.16 -3.90
N SER A 57 10.94 -5.30 -3.53
CA SER A 57 10.32 -6.34 -4.34
C SER A 57 9.88 -7.51 -3.47
N SER A 58 10.50 -7.72 -2.32
CA SER A 58 10.20 -8.85 -1.45
C SER A 58 9.89 -8.42 -0.01
N VAL A 59 9.62 -7.14 0.20
CA VAL A 59 9.35 -6.63 1.55
C VAL A 59 7.95 -7.12 1.93
N GLY A 60 7.79 -7.73 3.12
CA GLY A 60 6.48 -8.11 3.67
C GLY A 60 6.02 -7.26 4.84
N TYR A 61 6.87 -6.37 5.33
CA TYR A 61 6.59 -5.44 6.42
C TYR A 61 7.26 -4.12 6.14
N TYR A 62 6.50 -3.02 6.15
CA TYR A 62 6.94 -1.68 5.80
C TYR A 62 6.33 -0.67 6.77
N THR A 63 6.88 0.53 6.88
CA THR A 63 6.37 1.60 7.73
C THR A 63 6.39 2.89 6.90
N VAL A 64 5.22 3.51 6.74
CA VAL A 64 5.09 4.82 6.10
C VAL A 64 5.27 5.87 7.20
N THR A 65 5.70 7.07 6.80
CA THR A 65 5.78 8.24 7.66
C THR A 65 5.03 9.39 6.97
N GLY A 66 5.15 10.63 7.44
CA GLY A 66 4.59 11.80 6.78
C GLY A 66 3.08 11.93 6.98
N LEU A 67 2.51 11.11 7.86
CA LEU A 67 1.13 11.21 8.30
C LEU A 67 1.06 12.35 9.32
N GLU A 68 -0.13 12.90 9.50
CA GLU A 68 -0.50 13.83 10.55
C GLU A 68 -1.95 13.55 10.90
N PRO A 69 -2.35 13.43 12.18
CA PRO A 69 -3.68 13.00 12.58
C PRO A 69 -4.76 14.05 12.30
N GLY A 70 -6.00 13.74 12.67
CA GLY A 70 -7.18 14.58 12.56
C GLY A 70 -7.99 14.25 11.31
N ILE A 71 -7.39 13.58 10.33
CA ILE A 71 -7.87 13.44 8.94
C ILE A 71 -7.77 11.95 8.59
N ASP A 72 -8.62 11.45 7.68
CA ASP A 72 -8.72 10.05 7.30
C ASP A 72 -7.84 9.88 6.06
N TYR A 73 -6.72 9.18 6.19
CA TYR A 73 -5.72 9.11 5.12
C TYR A 73 -6.02 7.85 4.33
N ASP A 74 -6.22 7.99 3.02
CA ASP A 74 -6.49 6.89 2.11
C ASP A 74 -5.13 6.34 1.71
N ILE A 75 -4.65 5.33 2.46
CA ILE A 75 -3.34 4.74 2.18
C ILE A 75 -3.55 3.67 1.10
N SER A 76 -3.21 3.99 -0.15
CA SER A 76 -3.25 3.07 -1.28
C SER A 76 -1.99 2.25 -1.32
N VAL A 77 -2.10 0.97 -1.67
CA VAL A 77 -0.97 0.08 -1.86
C VAL A 77 -1.33 -0.78 -3.07
N ILE A 78 -0.56 -0.67 -4.16
CA ILE A 78 -0.70 -1.49 -5.36
C ILE A 78 0.54 -2.28 -5.72
N THR A 79 0.27 -3.46 -6.26
CA THR A 79 1.23 -4.48 -6.63
C THR A 79 1.36 -4.49 -8.16
N LEU A 80 2.60 -4.39 -8.63
CA LEU A 80 2.94 -4.25 -10.03
C LEU A 80 3.94 -5.35 -10.40
N ILE A 81 3.58 -6.14 -11.42
CA ILE A 81 4.36 -7.27 -11.93
C ILE A 81 4.78 -6.99 -13.37
N ASN A 82 5.39 -7.99 -14.02
CA ASN A 82 5.66 -8.07 -15.46
C ASN A 82 4.52 -7.43 -16.25
N GLY A 83 4.72 -6.17 -16.67
CA GLY A 83 3.74 -5.30 -17.30
C GLY A 83 2.32 -5.68 -16.91
N GLY A 84 1.99 -5.62 -15.62
CA GLY A 84 0.74 -6.13 -15.10
C GLY A 84 0.46 -5.45 -13.77
N GLU A 85 -0.82 -5.20 -13.51
CA GLU A 85 -1.31 -4.38 -12.42
C GLU A 85 -2.32 -5.22 -11.64
N SER A 86 -2.08 -5.37 -10.35
CA SER A 86 -3.04 -6.03 -9.46
C SER A 86 -4.06 -5.01 -8.99
N ALA A 87 -5.11 -5.51 -8.34
CA ALA A 87 -6.22 -4.67 -7.91
C ALA A 87 -5.71 -3.65 -6.89
N PRO A 88 -6.10 -2.35 -7.00
CA PRO A 88 -5.76 -1.35 -6.01
C PRO A 88 -6.39 -1.73 -4.68
N THR A 89 -5.62 -1.59 -3.61
CA THR A 89 -6.01 -1.99 -2.27
C THR A 89 -5.66 -0.80 -1.38
N THR A 90 -6.67 0.02 -1.09
CA THR A 90 -6.58 1.14 -0.17
C THR A 90 -7.30 0.76 1.12
N LEU A 91 -6.82 1.24 2.25
CA LEU A 91 -7.50 1.14 3.54
C LEU A 91 -7.41 2.52 4.20
N THR A 92 -8.49 3.29 4.21
CA THR A 92 -8.47 4.64 4.79
C THR A 92 -8.46 4.53 6.33
N GLN A 93 -7.38 4.98 6.97
CA GLN A 93 -7.24 5.06 8.43
C GLN A 93 -7.26 6.52 8.97
N GLN A 94 -7.97 6.77 10.09
CA GLN A 94 -7.98 8.06 10.79
C GLN A 94 -7.32 7.95 12.19
N THR A 95 -6.95 9.09 12.78
CA THR A 95 -6.67 9.34 14.20
C THR A 95 -7.18 10.76 14.50
N MET A 1 -4.42 -18.88 -17.97
CA MET A 1 -5.39 -19.63 -18.78
C MET A 1 -6.64 -18.79 -18.94
N ARG A 2 -7.52 -18.71 -17.93
CA ARG A 2 -8.71 -17.88 -17.96
C ARG A 2 -9.17 -17.67 -16.53
N GLY A 3 -9.51 -16.44 -16.18
CA GLY A 3 -9.97 -16.04 -14.85
C GLY A 3 -8.82 -15.99 -13.86
N SER A 4 -8.85 -15.01 -12.94
CA SER A 4 -7.69 -14.42 -12.28
C SER A 4 -6.89 -13.65 -13.33
N GLU A 5 -6.55 -12.39 -13.07
CA GLU A 5 -5.71 -11.61 -13.96
C GLU A 5 -4.36 -11.43 -13.27
N VAL A 6 -4.30 -10.66 -12.19
CA VAL A 6 -3.08 -10.53 -11.41
C VAL A 6 -3.47 -10.69 -9.93
N PRO A 7 -2.71 -11.46 -9.13
CA PRO A 7 -2.98 -11.58 -7.70
C PRO A 7 -2.68 -10.26 -6.99
N GLN A 8 -3.56 -9.85 -6.09
CA GLN A 8 -3.33 -8.71 -5.21
C GLN A 8 -2.79 -9.20 -3.86
N LEU A 9 -2.29 -8.26 -3.05
CA LEU A 9 -1.89 -8.55 -1.68
C LEU A 9 -3.14 -8.69 -0.83
N THR A 10 -3.79 -9.85 -0.90
CA THR A 10 -4.96 -10.14 -0.09
C THR A 10 -4.58 -10.21 1.41
N ASP A 11 -3.30 -10.42 1.75
CA ASP A 11 -2.77 -10.39 3.11
C ASP A 11 -2.40 -8.96 3.58
N LEU A 12 -2.72 -7.92 2.79
CA LEU A 12 -2.41 -6.53 3.12
C LEU A 12 -3.18 -6.10 4.39
N SER A 13 -2.45 -5.67 5.41
CA SER A 13 -2.98 -4.97 6.57
C SER A 13 -2.09 -3.80 6.96
N PHE A 14 -2.60 -2.90 7.79
CA PHE A 14 -1.83 -1.86 8.45
C PHE A 14 -1.74 -2.23 9.92
N VAL A 15 -0.67 -1.79 10.59
CA VAL A 15 -0.37 -2.08 11.99
C VAL A 15 0.31 -0.84 12.57
N ASP A 16 0.47 -0.77 13.89
CA ASP A 16 1.09 0.33 14.63
C ASP A 16 0.64 1.68 14.09
N ILE A 17 -0.67 1.90 14.18
CA ILE A 17 -1.39 3.08 13.68
C ILE A 17 -1.21 4.22 14.71
N THR A 18 0.04 4.57 15.01
CA THR A 18 0.40 5.64 15.94
C THR A 18 0.43 6.99 15.21
N ASP A 19 0.56 8.09 15.97
CA ASP A 19 0.49 9.48 15.48
C ASP A 19 1.76 9.89 14.70
N SER A 20 2.70 8.96 14.52
CA SER A 20 4.07 9.20 14.13
C SER A 20 4.53 8.43 12.89
N SER A 21 3.77 7.41 12.52
CA SER A 21 3.99 6.55 11.37
C SER A 21 2.84 5.54 11.32
N ILE A 22 2.53 5.03 10.14
CA ILE A 22 1.64 3.89 9.96
C ILE A 22 2.52 2.73 9.52
N GLY A 23 2.36 1.57 10.16
CA GLY A 23 2.99 0.34 9.73
C GLY A 23 2.09 -0.37 8.73
N LEU A 24 2.69 -1.24 7.92
CA LEU A 24 2.02 -2.11 6.96
C LEU A 24 2.58 -3.51 7.13
N ARG A 25 1.74 -4.49 6.79
CA ARG A 25 2.12 -5.88 6.72
C ARG A 25 1.48 -6.48 5.48
N TRP A 26 2.17 -7.39 4.80
CA TRP A 26 1.57 -8.23 3.76
C TRP A 26 2.40 -9.51 3.61
N THR A 27 2.10 -10.35 2.62
CA THR A 27 2.85 -11.55 2.28
C THR A 27 3.55 -11.26 0.95
N PRO A 28 4.87 -11.04 0.94
CA PRO A 28 5.58 -10.70 -0.28
C PRO A 28 5.51 -11.87 -1.25
N LEU A 29 5.13 -11.55 -2.49
CA LEU A 29 5.19 -12.45 -3.61
C LEU A 29 6.63 -12.42 -4.09
N ASN A 30 7.38 -13.50 -3.83
CA ASN A 30 8.78 -13.67 -4.25
C ASN A 30 8.85 -13.92 -5.77
N SER A 31 8.07 -13.16 -6.54
CA SER A 31 7.75 -13.30 -7.95
C SER A 31 8.83 -12.79 -8.91
N SER A 32 9.99 -12.40 -8.38
CA SER A 32 11.27 -12.20 -9.07
C SER A 32 11.24 -11.11 -10.15
N THR A 33 10.68 -11.40 -11.31
CA THR A 33 10.35 -10.44 -12.37
C THR A 33 9.26 -9.43 -11.95
N ILE A 34 8.64 -9.62 -10.78
CA ILE A 34 7.92 -8.58 -10.07
C ILE A 34 8.74 -7.28 -10.07
N ILE A 35 8.07 -6.13 -10.09
CA ILE A 35 8.76 -4.86 -9.90
C ILE A 35 8.86 -4.63 -8.39
N GLY A 36 7.72 -4.53 -7.72
CA GLY A 36 7.65 -4.10 -6.33
C GLY A 36 6.22 -3.86 -5.90
N TYR A 37 6.07 -3.04 -4.87
CA TYR A 37 4.77 -2.54 -4.44
C TYR A 37 4.94 -1.03 -4.30
N ARG A 38 3.90 -0.29 -4.65
CA ARG A 38 3.83 1.17 -4.68
C ARG A 38 2.80 1.56 -3.64
N ILE A 39 3.08 2.57 -2.82
CA ILE A 39 2.14 3.05 -1.81
C ILE A 39 1.97 4.54 -2.06
N THR A 40 0.72 5.00 -2.22
CA THR A 40 0.38 6.42 -2.30
C THR A 40 -0.55 6.71 -1.13
N VAL A 41 -0.21 7.70 -0.32
CA VAL A 41 -1.00 8.19 0.79
C VAL A 41 -1.57 9.55 0.34
N VAL A 42 -2.89 9.73 0.36
CA VAL A 42 -3.60 10.99 0.14
C VAL A 42 -4.43 11.31 1.40
N ALA A 43 -4.89 12.54 1.60
CA ALA A 43 -5.81 12.89 2.66
C ALA A 43 -7.22 12.50 2.20
N ALA A 44 -7.75 11.49 2.86
CA ALA A 44 -9.10 10.96 2.74
C ALA A 44 -9.55 10.79 1.28
N GLY A 45 -10.85 10.81 1.06
CA GLY A 45 -11.46 10.92 -0.25
C GLY A 45 -11.46 12.35 -0.78
N GLU A 46 -10.64 13.25 -0.24
CA GLU A 46 -10.64 14.64 -0.63
C GLU A 46 -9.76 14.86 -1.87
N GLY A 47 -9.03 13.82 -2.28
CA GLY A 47 -8.16 13.74 -3.44
C GLY A 47 -6.84 14.48 -3.25
N ILE A 48 -6.76 15.34 -2.25
CA ILE A 48 -5.62 16.02 -1.68
C ILE A 48 -4.48 15.00 -1.49
N PRO A 49 -3.41 14.99 -2.31
CA PRO A 49 -2.32 14.04 -2.14
C PRO A 49 -1.50 14.36 -0.87
N ILE A 50 -0.64 13.43 -0.46
CA ILE A 50 0.42 13.68 0.52
C ILE A 50 1.72 13.34 -0.22
N PHE A 51 2.03 12.05 -0.39
CA PHE A 51 3.18 11.60 -1.16
C PHE A 51 2.97 10.15 -1.57
N GLU A 52 3.92 9.65 -2.35
CA GLU A 52 3.97 8.27 -2.79
C GLU A 52 5.40 7.75 -2.68
N ASP A 53 5.49 6.44 -2.52
CA ASP A 53 6.67 5.74 -2.06
C ASP A 53 6.70 4.34 -2.67
N PHE A 54 7.84 3.67 -2.57
CA PHE A 54 8.05 2.32 -3.06
C PHE A 54 8.58 1.44 -1.94
N VAL A 55 8.64 0.14 -2.22
CA VAL A 55 9.41 -0.81 -1.46
C VAL A 55 10.34 -1.59 -2.43
N ASP A 56 11.06 -2.56 -1.88
CA ASP A 56 12.15 -3.30 -2.54
C ASP A 56 11.66 -4.12 -3.73
N SER A 57 10.89 -5.16 -3.42
CA SER A 57 10.33 -6.19 -4.27
C SER A 57 9.83 -7.37 -3.45
N SER A 58 10.47 -7.69 -2.32
CA SER A 58 10.06 -8.80 -1.50
C SER A 58 9.94 -8.42 -0.03
N VAL A 59 9.75 -7.13 0.22
CA VAL A 59 9.46 -6.63 1.56
C VAL A 59 8.03 -7.05 1.86
N GLY A 60 7.80 -7.64 3.04
CA GLY A 60 6.48 -7.98 3.57
C GLY A 60 6.04 -7.08 4.72
N TYR A 61 6.88 -6.12 5.11
CA TYR A 61 6.70 -5.31 6.31
C TYR A 61 7.34 -3.95 6.04
N TYR A 62 6.56 -2.88 6.01
CA TYR A 62 7.02 -1.54 5.63
C TYR A 62 6.33 -0.53 6.55
N THR A 63 6.88 0.67 6.68
CA THR A 63 6.42 1.68 7.61
C THR A 63 6.54 3.04 6.90
N VAL A 64 5.49 3.85 6.97
CA VAL A 64 5.39 5.19 6.38
C VAL A 64 5.40 6.18 7.54
N THR A 65 5.94 7.37 7.35
CA THR A 65 6.12 8.40 8.37
C THR A 65 5.37 9.67 7.92
N GLY A 66 5.50 10.79 8.64
CA GLY A 66 5.02 12.09 8.17
C GLY A 66 3.50 12.26 8.30
N LEU A 67 2.86 11.41 9.09
CA LEU A 67 1.43 11.48 9.34
C LEU A 67 1.08 12.71 10.17
N GLU A 68 -0.14 13.21 9.98
CA GLU A 68 -0.65 14.48 10.47
C GLU A 68 -2.09 14.17 10.91
N PRO A 69 -2.35 13.99 12.22
CA PRO A 69 -3.54 13.31 12.74
C PRO A 69 -4.84 14.11 12.53
N GLY A 70 -5.97 13.42 12.65
CA GLY A 70 -7.30 14.03 12.70
C GLY A 70 -7.85 14.34 11.31
N ILE A 71 -6.99 14.49 10.31
CA ILE A 71 -7.34 14.36 8.91
C ILE A 71 -7.23 12.89 8.60
N ASP A 72 -8.18 12.35 7.84
CA ASP A 72 -8.21 10.94 7.44
C ASP A 72 -7.32 10.71 6.22
N TYR A 73 -6.88 9.48 5.98
CA TYR A 73 -5.82 9.12 5.04
C TYR A 73 -6.27 7.91 4.23
N ASP A 74 -6.30 8.02 2.90
CA ASP A 74 -6.60 6.93 1.95
C ASP A 74 -5.25 6.40 1.49
N ILE A 75 -4.86 5.19 1.90
CA ILE A 75 -3.52 4.63 1.71
C ILE A 75 -3.60 3.58 0.59
N SER A 76 -3.39 3.97 -0.67
CA SER A 76 -3.48 3.07 -1.83
C SER A 76 -2.18 2.32 -2.05
N VAL A 77 -2.19 1.04 -1.68
CA VAL A 77 -1.09 0.13 -1.90
C VAL A 77 -1.43 -0.67 -3.16
N ILE A 78 -0.58 -0.55 -4.17
CA ILE A 78 -0.72 -1.22 -5.46
C ILE A 78 0.47 -2.16 -5.62
N THR A 79 0.21 -3.36 -6.16
CA THR A 79 1.18 -4.38 -6.44
C THR A 79 1.36 -4.39 -7.96
N LEU A 80 2.63 -4.43 -8.40
CA LEU A 80 2.99 -4.40 -9.79
C LEU A 80 3.95 -5.55 -10.06
N ILE A 81 3.50 -6.49 -10.88
CA ILE A 81 4.19 -7.75 -11.20
C ILE A 81 4.81 -7.62 -12.59
N ASN A 82 5.21 -8.73 -13.21
CA ASN A 82 5.56 -8.81 -14.62
C ASN A 82 4.69 -7.86 -15.46
N GLY A 83 5.25 -6.69 -15.79
CA GLY A 83 4.67 -5.58 -16.52
C GLY A 83 3.15 -5.53 -16.43
N GLY A 84 2.61 -5.41 -15.23
CA GLY A 84 1.18 -5.57 -15.00
C GLY A 84 0.87 -5.17 -13.56
N GLU A 85 -0.42 -4.97 -13.25
CA GLU A 85 -0.89 -4.40 -12.00
C GLU A 85 -1.96 -5.32 -11.42
N SER A 86 -2.04 -5.40 -10.10
CA SER A 86 -3.06 -6.18 -9.44
C SER A 86 -4.35 -5.37 -9.32
N ALA A 87 -5.33 -5.90 -8.59
CA ALA A 87 -6.41 -5.09 -8.10
C ALA A 87 -5.87 -4.27 -6.92
N PRO A 88 -6.16 -2.97 -6.82
CA PRO A 88 -5.62 -2.11 -5.77
C PRO A 88 -6.21 -2.49 -4.41
N THR A 89 -5.49 -2.18 -3.33
CA THR A 89 -6.03 -2.20 -1.98
C THR A 89 -5.71 -0.85 -1.38
N THR A 90 -6.69 0.04 -1.40
CA THR A 90 -6.69 1.24 -0.58
C THR A 90 -7.47 0.85 0.66
N LEU A 91 -6.79 0.72 1.80
CA LEU A 91 -7.44 0.85 3.10
C LEU A 91 -7.37 2.33 3.47
N THR A 92 -8.29 2.80 4.31
CA THR A 92 -8.34 4.20 4.74
C THR A 92 -8.38 4.21 6.27
N GLN A 93 -7.82 5.22 6.94
CA GLN A 93 -7.71 5.25 8.39
C GLN A 93 -7.59 6.68 8.90
N GLN A 94 -8.49 7.06 9.82
CA GLN A 94 -8.62 8.47 10.20
C GLN A 94 -7.40 9.01 10.95
N THR A 95 -6.67 8.14 11.64
CA THR A 95 -5.33 8.30 12.21
C THR A 95 -5.13 9.62 13.00
N MET A 1 -15.50 -3.18 -10.24
CA MET A 1 -14.98 -3.19 -11.63
C MET A 1 -14.10 -4.43 -11.84
N ARG A 2 -13.87 -4.83 -13.10
CA ARG A 2 -12.98 -5.94 -13.44
C ARG A 2 -11.56 -5.73 -12.89
N GLY A 3 -10.73 -6.76 -12.91
CA GLY A 3 -9.31 -6.70 -12.59
C GLY A 3 -8.73 -7.97 -11.96
N SER A 4 -9.51 -9.06 -11.88
CA SER A 4 -9.13 -10.33 -11.28
C SER A 4 -8.20 -11.11 -12.21
N GLU A 5 -6.96 -10.67 -12.39
CA GLU A 5 -5.94 -11.37 -13.14
C GLU A 5 -4.63 -11.34 -12.37
N VAL A 6 -4.01 -10.16 -12.23
CA VAL A 6 -2.76 -10.04 -11.49
C VAL A 6 -3.09 -10.23 -9.99
N PRO A 7 -2.33 -11.03 -9.22
CA PRO A 7 -2.56 -11.19 -7.80
C PRO A 7 -2.21 -9.90 -7.07
N GLN A 8 -3.08 -9.44 -6.18
CA GLN A 8 -2.90 -8.29 -5.30
C GLN A 8 -2.45 -8.78 -3.93
N LEU A 9 -1.97 -7.85 -3.09
CA LEU A 9 -1.58 -8.16 -1.73
C LEU A 9 -2.81 -8.47 -0.90
N THR A 10 -3.20 -9.73 -0.90
CA THR A 10 -4.42 -10.20 -0.28
C THR A 10 -4.31 -10.22 1.26
N ASP A 11 -3.12 -10.05 1.84
CA ASP A 11 -2.92 -9.89 3.30
C ASP A 11 -2.61 -8.43 3.68
N LEU A 12 -2.85 -7.47 2.76
CA LEU A 12 -2.56 -6.05 2.98
C LEU A 12 -3.30 -5.54 4.21
N SER A 13 -2.55 -5.25 5.28
CA SER A 13 -3.04 -4.95 6.62
C SER A 13 -2.26 -3.77 7.20
N PHE A 14 -2.90 -2.92 8.01
CA PHE A 14 -2.25 -1.82 8.69
C PHE A 14 -2.23 -2.12 10.18
N VAL A 15 -1.17 -1.71 10.86
CA VAL A 15 -0.88 -1.88 12.28
C VAL A 15 -0.10 -0.63 12.75
N ASP A 16 0.24 -0.56 14.05
CA ASP A 16 1.09 0.45 14.67
C ASP A 16 0.64 1.84 14.20
N ILE A 17 -0.66 2.11 14.31
CA ILE A 17 -1.31 3.30 13.79
C ILE A 17 -1.09 4.39 14.84
N THR A 18 0.17 4.75 15.05
CA THR A 18 0.59 5.83 15.92
C THR A 18 0.59 7.15 15.13
N ASP A 19 0.59 8.28 15.83
CA ASP A 19 0.53 9.63 15.26
C ASP A 19 1.86 10.02 14.61
N SER A 20 2.85 9.13 14.70
CA SER A 20 4.22 9.34 14.27
C SER A 20 4.59 8.56 13.01
N SER A 21 3.79 7.56 12.63
CA SER A 21 4.03 6.67 11.51
C SER A 21 2.92 5.61 11.45
N ILE A 22 2.65 5.03 10.29
CA ILE A 22 1.66 3.96 10.11
C ILE A 22 2.43 2.74 9.59
N GLY A 23 2.27 1.55 10.21
CA GLY A 23 3.07 0.39 9.83
C GLY A 23 2.22 -0.61 9.07
N LEU A 24 2.71 -1.13 7.95
CA LEU A 24 1.95 -1.95 7.03
C LEU A 24 2.48 -3.36 7.12
N ARG A 25 1.62 -4.37 7.03
CA ARG A 25 2.05 -5.74 6.86
C ARG A 25 1.37 -6.29 5.60
N TRP A 26 2.05 -7.17 4.87
CA TRP A 26 1.40 -7.98 3.84
C TRP A 26 2.13 -9.32 3.69
N THR A 27 1.79 -10.13 2.68
CA THR A 27 2.49 -11.36 2.34
C THR A 27 3.35 -11.07 1.12
N PRO A 28 4.69 -10.99 1.26
CA PRO A 28 5.55 -10.79 0.10
C PRO A 28 5.34 -11.90 -0.92
N LEU A 29 5.34 -11.52 -2.20
CA LEU A 29 5.48 -12.39 -3.35
C LEU A 29 6.94 -12.55 -3.68
N ASN A 30 7.49 -13.73 -3.42
CA ASN A 30 8.89 -14.08 -3.65
C ASN A 30 9.21 -14.25 -5.15
N SER A 31 8.50 -13.55 -6.04
CA SER A 31 8.74 -13.63 -7.48
C SER A 31 9.94 -12.76 -7.86
N SER A 32 10.68 -13.12 -8.92
CA SER A 32 11.66 -12.23 -9.53
C SER A 32 11.00 -11.26 -10.52
N THR A 33 9.96 -11.71 -11.22
CA THR A 33 9.32 -10.98 -12.31
C THR A 33 8.38 -9.86 -11.80
N ILE A 34 8.08 -9.83 -10.49
CA ILE A 34 7.55 -8.66 -9.83
C ILE A 34 8.59 -7.53 -9.97
N ILE A 35 8.16 -6.28 -9.97
CA ILE A 35 9.05 -5.17 -9.67
C ILE A 35 8.96 -4.97 -8.16
N GLY A 36 7.81 -4.52 -7.66
CA GLY A 36 7.73 -4.04 -6.30
C GLY A 36 6.30 -3.75 -5.91
N TYR A 37 6.15 -2.95 -4.86
CA TYR A 37 4.87 -2.44 -4.40
C TYR A 37 5.06 -0.93 -4.23
N ARG A 38 4.04 -0.16 -4.58
CA ARG A 38 4.02 1.30 -4.58
C ARG A 38 2.96 1.71 -3.57
N ILE A 39 3.37 2.41 -2.52
CA ILE A 39 2.44 2.98 -1.54
C ILE A 39 2.15 4.40 -2.00
N THR A 40 0.91 4.87 -1.82
CA THR A 40 0.56 6.26 -1.99
C THR A 40 -0.44 6.59 -0.87
N VAL A 41 -0.24 7.69 -0.18
CA VAL A 41 -1.20 8.29 0.75
C VAL A 41 -1.87 9.51 0.17
N VAL A 42 -3.18 9.61 0.40
CA VAL A 42 -3.99 10.78 0.11
C VAL A 42 -4.91 11.01 1.32
N ALA A 43 -5.53 12.18 1.43
CA ALA A 43 -6.57 12.44 2.40
C ALA A 43 -7.86 11.84 1.85
N ALA A 44 -8.40 10.87 2.59
CA ALA A 44 -9.68 10.22 2.37
C ALA A 44 -10.01 10.00 0.88
N GLY A 45 -11.27 10.24 0.53
CA GLY A 45 -11.74 10.29 -0.83
C GLY A 45 -11.56 11.67 -1.45
N GLU A 46 -10.95 12.67 -0.78
CA GLU A 46 -11.03 14.04 -1.24
C GLU A 46 -9.96 14.33 -2.30
N GLY A 47 -9.12 13.34 -2.65
CA GLY A 47 -8.23 13.37 -3.79
C GLY A 47 -6.98 14.24 -3.60
N ILE A 48 -6.97 15.10 -2.58
CA ILE A 48 -5.82 15.73 -1.96
C ILE A 48 -4.71 14.68 -1.71
N PRO A 49 -3.62 14.66 -2.48
CA PRO A 49 -2.52 13.73 -2.30
C PRO A 49 -1.60 14.21 -1.17
N ILE A 50 -0.81 13.30 -0.61
CA ILE A 50 0.17 13.60 0.43
C ILE A 50 1.56 13.21 -0.09
N PHE A 51 1.87 11.91 -0.25
CA PHE A 51 3.20 11.40 -0.59
C PHE A 51 3.07 9.94 -1.09
N GLU A 52 4.11 9.43 -1.73
CA GLU A 52 4.21 8.10 -2.27
C GLU A 52 5.59 7.50 -2.00
N ASP A 53 5.66 6.19 -1.75
CA ASP A 53 6.87 5.45 -1.36
C ASP A 53 6.92 4.16 -2.19
N PHE A 54 8.07 3.47 -2.25
CA PHE A 54 8.22 2.21 -2.95
C PHE A 54 9.01 1.23 -2.09
N VAL A 55 8.77 -0.07 -2.28
CA VAL A 55 9.45 -1.11 -1.52
C VAL A 55 10.10 -2.11 -2.48
N ASP A 56 10.72 -3.15 -1.93
CA ASP A 56 11.87 -3.79 -2.57
C ASP A 56 11.44 -4.77 -3.67
N SER A 57 10.58 -5.71 -3.29
CA SER A 57 10.04 -6.86 -4.01
C SER A 57 9.63 -7.95 -3.02
N SER A 58 10.35 -8.02 -1.90
CA SER A 58 10.36 -9.15 -0.97
C SER A 58 9.99 -8.69 0.44
N VAL A 59 9.52 -7.45 0.56
CA VAL A 59 9.10 -6.85 1.82
C VAL A 59 7.74 -7.45 2.20
N GLY A 60 7.56 -7.78 3.47
CA GLY A 60 6.27 -8.10 4.10
C GLY A 60 5.96 -7.20 5.30
N TYR A 61 6.84 -6.26 5.64
CA TYR A 61 6.62 -5.23 6.64
C TYR A 61 7.32 -3.92 6.23
N TYR A 62 6.60 -2.79 6.13
CA TYR A 62 7.11 -1.45 5.77
C TYR A 62 6.39 -0.44 6.65
N THR A 63 7.01 0.71 6.97
CA THR A 63 6.41 1.72 7.84
C THR A 63 6.52 3.10 7.17
N VAL A 64 5.40 3.81 7.04
CA VAL A 64 5.34 5.15 6.47
C VAL A 64 5.64 6.14 7.59
N THR A 65 6.18 7.30 7.25
CA THR A 65 6.26 8.44 8.14
C THR A 65 5.81 9.66 7.32
N GLY A 66 5.74 10.85 7.93
CA GLY A 66 5.31 12.09 7.30
C GLY A 66 3.79 12.21 7.19
N LEU A 67 3.07 11.27 7.81
CA LEU A 67 1.65 11.42 8.09
C LEU A 67 1.47 12.57 9.07
N GLU A 68 0.27 13.11 9.12
CA GLU A 68 -0.14 14.16 10.02
C GLU A 68 -1.53 13.72 10.51
N PRO A 69 -1.80 13.66 11.82
CA PRO A 69 -3.11 13.27 12.30
C PRO A 69 -4.15 14.37 12.00
N GLY A 70 -5.42 14.07 12.23
CA GLY A 70 -6.51 15.05 12.17
C GLY A 70 -7.41 14.90 10.95
N ILE A 71 -7.01 14.12 9.95
CA ILE A 71 -7.80 13.78 8.78
C ILE A 71 -7.78 12.24 8.69
N ASP A 72 -8.71 11.68 7.92
CA ASP A 72 -8.86 10.27 7.63
C ASP A 72 -8.09 10.04 6.33
N TYR A 73 -7.15 9.10 6.28
CA TYR A 73 -6.24 8.93 5.15
C TYR A 73 -6.64 7.67 4.38
N ASP A 74 -6.53 7.73 3.05
CA ASP A 74 -6.64 6.58 2.17
C ASP A 74 -5.21 6.16 1.85
N ILE A 75 -4.78 5.01 2.35
CA ILE A 75 -3.44 4.53 2.13
C ILE A 75 -3.56 3.43 1.06
N SER A 76 -3.20 3.74 -0.19
CA SER A 76 -3.22 2.80 -1.30
C SER A 76 -1.86 2.14 -1.46
N VAL A 77 -1.85 0.87 -1.87
CA VAL A 77 -0.67 0.02 -1.82
C VAL A 77 -0.70 -0.94 -3.02
N ILE A 78 -0.47 -0.41 -4.21
CA ILE A 78 -0.68 -1.12 -5.46
C ILE A 78 0.58 -1.94 -5.75
N THR A 79 0.37 -3.21 -6.13
CA THR A 79 1.44 -4.08 -6.60
C THR A 79 1.55 -3.91 -8.10
N LEU A 80 2.79 -3.95 -8.59
CA LEU A 80 3.12 -3.85 -10.01
C LEU A 80 4.05 -5.01 -10.37
N ILE A 81 3.80 -5.61 -11.54
CA ILE A 81 4.49 -6.80 -12.04
C ILE A 81 4.87 -6.58 -13.50
N ASN A 82 5.32 -7.65 -14.18
CA ASN A 82 5.38 -7.78 -15.64
C ASN A 82 4.23 -7.03 -16.31
N GLY A 83 4.56 -5.89 -16.90
CA GLY A 83 3.71 -4.98 -17.64
C GLY A 83 2.30 -4.83 -17.06
N GLY A 84 2.13 -4.71 -15.75
CA GLY A 84 0.79 -4.73 -15.16
C GLY A 84 0.75 -4.24 -13.72
N GLU A 85 -0.48 -3.97 -13.27
CA GLU A 85 -0.83 -3.61 -11.89
C GLU A 85 -1.81 -4.68 -11.39
N SER A 86 -1.90 -4.88 -10.08
CA SER A 86 -3.02 -5.57 -9.46
C SER A 86 -4.17 -4.56 -9.24
N ALA A 87 -5.21 -4.94 -8.50
CA ALA A 87 -6.25 -4.01 -8.05
C ALA A 87 -5.70 -3.15 -6.90
N PRO A 88 -6.26 -1.95 -6.67
CA PRO A 88 -5.97 -1.13 -5.50
C PRO A 88 -6.73 -1.64 -4.27
N THR A 89 -6.05 -2.30 -3.34
CA THR A 89 -6.62 -2.68 -2.05
C THR A 89 -6.36 -1.52 -1.10
N THR A 90 -7.10 -0.44 -1.26
CA THR A 90 -6.81 0.83 -0.61
C THR A 90 -7.65 0.85 0.67
N LEU A 91 -6.99 0.86 1.83
CA LEU A 91 -7.67 0.90 3.11
C LEU A 91 -7.73 2.35 3.57
N THR A 92 -8.82 2.69 4.24
CA THR A 92 -9.05 3.99 4.87
C THR A 92 -8.88 3.77 6.37
N GLN A 93 -8.17 4.66 7.06
CA GLN A 93 -8.17 4.73 8.52
C GLN A 93 -7.79 6.16 8.91
N GLN A 94 -7.94 6.52 10.18
CA GLN A 94 -7.48 7.78 10.73
C GLN A 94 -6.10 7.57 11.34
N THR A 95 -5.20 8.52 11.09
CA THR A 95 -3.82 8.53 11.58
C THR A 95 -2.97 7.49 10.84
N MET A 1 -9.55 -14.63 -21.04
CA MET A 1 -9.12 -15.99 -20.71
C MET A 1 -7.69 -15.93 -20.20
N ARG A 2 -7.38 -16.59 -19.07
CA ARG A 2 -6.04 -16.74 -18.45
C ARG A 2 -6.12 -17.20 -16.99
N GLY A 3 -7.08 -16.69 -16.23
CA GLY A 3 -7.20 -16.92 -14.79
C GLY A 3 -6.75 -15.65 -14.08
N SER A 4 -7.70 -14.91 -13.53
CA SER A 4 -7.55 -13.55 -13.03
C SER A 4 -6.78 -12.68 -14.03
N GLU A 5 -5.99 -11.73 -13.52
CA GLU A 5 -5.04 -10.92 -14.26
C GLU A 5 -3.72 -10.88 -13.50
N VAL A 6 -3.75 -10.41 -12.25
CA VAL A 6 -2.63 -10.42 -11.31
C VAL A 6 -3.27 -10.62 -9.92
N PRO A 7 -2.70 -11.43 -9.01
CA PRO A 7 -3.18 -11.53 -7.64
C PRO A 7 -2.96 -10.22 -6.88
N GLN A 8 -3.96 -9.76 -6.12
CA GLN A 8 -3.76 -8.71 -5.12
C GLN A 8 -3.06 -9.29 -3.90
N LEU A 9 -2.53 -8.38 -3.07
CA LEU A 9 -2.11 -8.65 -1.71
C LEU A 9 -3.35 -8.84 -0.84
N THR A 10 -3.94 -10.04 -0.89
CA THR A 10 -5.02 -10.45 -0.01
C THR A 10 -4.60 -10.35 1.46
N ASP A 11 -3.29 -10.49 1.77
CA ASP A 11 -2.78 -10.49 3.14
C ASP A 11 -2.38 -9.08 3.60
N LEU A 12 -2.64 -8.06 2.79
CA LEU A 12 -2.43 -6.65 3.14
C LEU A 12 -3.08 -6.35 4.49
N SER A 13 -2.32 -5.75 5.40
CA SER A 13 -2.84 -5.12 6.59
C SER A 13 -1.96 -3.95 7.01
N PHE A 14 -2.46 -3.09 7.88
CA PHE A 14 -1.75 -2.00 8.51
C PHE A 14 -1.75 -2.31 10.01
N VAL A 15 -0.69 -1.94 10.72
CA VAL A 15 -0.55 -2.09 12.17
C VAL A 15 0.25 -0.92 12.73
N ASP A 16 0.20 -0.72 14.06
CA ASP A 16 0.79 0.42 14.77
C ASP A 16 0.44 1.72 14.06
N ILE A 17 -0.87 1.93 13.96
CA ILE A 17 -1.57 3.10 13.46
C ILE A 17 -1.41 4.18 14.57
N THR A 18 -0.17 4.63 14.76
CA THR A 18 0.22 5.61 15.76
C THR A 18 0.24 7.02 15.12
N ASP A 19 0.29 8.08 15.92
CA ASP A 19 0.08 9.48 15.50
C ASP A 19 1.27 10.07 14.72
N SER A 20 2.29 9.27 14.42
CA SER A 20 3.55 9.67 13.76
C SER A 20 3.94 8.88 12.51
N SER A 21 3.27 7.76 12.28
CA SER A 21 3.66 6.76 11.31
C SER A 21 2.57 5.69 11.25
N ILE A 22 2.45 5.05 10.09
CA ILE A 22 1.47 4.01 9.86
C ILE A 22 2.29 2.81 9.36
N GLY A 23 2.19 1.69 10.06
CA GLY A 23 2.92 0.48 9.70
C GLY A 23 2.09 -0.31 8.70
N LEU A 24 2.74 -1.09 7.84
CA LEU A 24 2.13 -1.99 6.87
C LEU A 24 2.68 -3.39 7.06
N ARG A 25 1.86 -4.36 6.68
CA ARG A 25 2.21 -5.76 6.57
C ARG A 25 1.54 -6.29 5.30
N TRP A 26 2.16 -7.19 4.57
CA TRP A 26 1.52 -8.01 3.55
C TRP A 26 2.43 -9.22 3.34
N THR A 27 1.98 -10.25 2.62
CA THR A 27 2.94 -11.30 2.32
C THR A 27 3.59 -10.93 1.00
N PRO A 28 4.91 -11.15 0.84
CA PRO A 28 5.60 -10.74 -0.37
C PRO A 28 5.51 -11.87 -1.40
N LEU A 29 5.33 -11.49 -2.66
CA LEU A 29 5.02 -12.44 -3.71
C LEU A 29 6.32 -13.07 -4.24
N ASN A 30 7.40 -12.30 -4.28
CA ASN A 30 8.75 -12.68 -4.76
C ASN A 30 8.70 -13.36 -6.13
N SER A 31 7.78 -12.93 -7.01
CA SER A 31 7.36 -13.69 -8.19
C SER A 31 8.53 -14.16 -9.05
N SER A 32 9.48 -13.25 -9.30
CA SER A 32 10.67 -13.29 -10.15
C SER A 32 10.93 -11.84 -10.54
N THR A 33 10.28 -11.38 -11.60
CA THR A 33 10.54 -10.10 -12.24
C THR A 33 9.72 -8.98 -11.58
N ILE A 34 8.83 -9.31 -10.63
CA ILE A 34 8.11 -8.36 -9.78
C ILE A 34 9.00 -7.15 -9.44
N ILE A 35 8.49 -5.94 -9.65
CA ILE A 35 9.29 -4.73 -9.53
C ILE A 35 9.35 -4.32 -8.08
N GLY A 36 8.20 -4.26 -7.41
CA GLY A 36 8.05 -3.65 -6.11
C GLY A 36 6.58 -3.63 -5.73
N TYR A 37 6.28 -2.83 -4.71
CA TYR A 37 4.93 -2.38 -4.40
C TYR A 37 5.07 -0.86 -4.32
N ARG A 38 4.00 -0.14 -4.64
CA ARG A 38 3.94 1.32 -4.69
C ARG A 38 2.88 1.70 -3.68
N ILE A 39 3.24 2.53 -2.71
CA ILE A 39 2.32 3.07 -1.73
C ILE A 39 2.09 4.54 -2.14
N THR A 40 0.87 5.02 -1.93
CA THR A 40 0.50 6.42 -1.99
C THR A 40 -0.57 6.62 -0.93
N VAL A 41 -0.27 7.34 0.14
CA VAL A 41 -1.28 7.93 1.00
C VAL A 41 -1.92 9.14 0.32
N VAL A 42 -3.23 9.29 0.53
CA VAL A 42 -3.95 10.51 0.21
C VAL A 42 -4.86 10.81 1.41
N ALA A 43 -5.38 12.03 1.49
CA ALA A 43 -6.39 12.39 2.47
C ALA A 43 -7.73 11.79 2.03
N ALA A 44 -8.39 11.03 2.91
CA ALA A 44 -9.79 10.68 2.80
C ALA A 44 -10.61 11.96 3.03
N GLY A 45 -10.78 12.73 1.95
CA GLY A 45 -11.57 13.96 1.94
C GLY A 45 -11.63 14.54 0.52
N GLU A 46 -10.48 14.59 -0.16
CA GLU A 46 -10.37 15.19 -1.49
C GLU A 46 -9.42 14.36 -2.39
N GLY A 47 -8.80 13.30 -1.87
CA GLY A 47 -7.83 12.52 -2.63
C GLY A 47 -6.57 13.29 -2.94
N ILE A 48 -6.36 14.45 -2.30
CA ILE A 48 -5.10 15.17 -2.15
C ILE A 48 -4.03 14.15 -1.75
N PRO A 49 -3.09 13.77 -2.64
CA PRO A 49 -2.05 12.82 -2.30
C PRO A 49 -1.02 13.47 -1.38
N ILE A 50 -0.59 12.73 -0.36
CA ILE A 50 0.48 13.09 0.54
C ILE A 50 1.58 12.11 0.14
N PHE A 51 2.45 12.58 -0.76
CA PHE A 51 3.64 11.90 -1.29
C PHE A 51 3.34 10.50 -1.86
N GLU A 52 4.37 9.87 -2.40
CA GLU A 52 4.36 8.43 -2.71
C GLU A 52 5.72 7.82 -2.40
N ASP A 53 5.74 6.50 -2.21
CA ASP A 53 6.91 5.70 -1.83
C ASP A 53 6.82 4.29 -2.42
N PHE A 54 7.96 3.60 -2.38
CA PHE A 54 8.17 2.30 -2.96
C PHE A 54 8.71 1.35 -1.90
N VAL A 55 8.67 0.06 -2.20
CA VAL A 55 9.42 -0.97 -1.49
C VAL A 55 10.25 -1.78 -2.51
N ASP A 56 10.98 -2.80 -2.05
CA ASP A 56 12.14 -3.30 -2.81
C ASP A 56 11.73 -4.27 -3.92
N SER A 57 10.93 -5.27 -3.55
CA SER A 57 10.24 -6.32 -4.30
C SER A 57 9.91 -7.52 -3.42
N SER A 58 10.59 -7.72 -2.30
CA SER A 58 10.39 -8.86 -1.41
C SER A 58 10.08 -8.46 0.03
N VAL A 59 9.84 -7.17 0.25
CA VAL A 59 9.45 -6.63 1.54
C VAL A 59 8.00 -7.05 1.76
N GLY A 60 7.69 -7.58 2.94
CA GLY A 60 6.34 -7.85 3.42
C GLY A 60 5.98 -7.02 4.66
N TYR A 61 6.84 -6.09 5.06
CA TYR A 61 6.64 -5.30 6.26
C TYR A 61 7.31 -3.95 6.02
N TYR A 62 6.59 -2.83 6.08
CA TYR A 62 7.21 -1.54 5.83
C TYR A 62 6.54 -0.52 6.77
N THR A 63 7.10 0.67 6.94
CA THR A 63 6.55 1.73 7.80
C THR A 63 6.56 3.04 7.03
N VAL A 64 5.42 3.76 6.97
CA VAL A 64 5.33 5.07 6.34
C VAL A 64 5.49 6.12 7.45
N THR A 65 5.93 7.31 7.09
CA THR A 65 5.95 8.51 7.95
C THR A 65 5.34 9.65 7.13
N GLY A 66 5.21 10.86 7.69
CA GLY A 66 4.75 12.03 6.96
C GLY A 66 3.23 12.20 7.00
N LEU A 67 2.55 11.34 7.76
CA LEU A 67 1.15 11.52 8.10
C LEU A 67 1.02 12.75 8.99
N GLU A 68 -0.20 13.29 9.02
CA GLU A 68 -0.56 14.50 9.73
C GLU A 68 -1.96 14.24 10.29
N PRO A 69 -2.10 13.97 11.61
CA PRO A 69 -3.37 13.57 12.20
C PRO A 69 -4.39 14.72 12.17
N GLY A 70 -5.64 14.43 12.48
CA GLY A 70 -6.73 15.40 12.42
C GLY A 70 -7.60 15.19 11.18
N ILE A 71 -7.09 14.49 10.17
CA ILE A 71 -7.79 14.07 8.97
C ILE A 71 -7.63 12.54 8.85
N ASP A 72 -8.59 11.89 8.19
CA ASP A 72 -8.58 10.46 7.83
C ASP A 72 -7.83 10.31 6.50
N TYR A 73 -7.10 9.22 6.30
CA TYR A 73 -6.27 8.99 5.12
C TYR A 73 -6.62 7.65 4.43
N ASP A 74 -6.73 7.70 3.10
CA ASP A 74 -6.78 6.54 2.20
C ASP A 74 -5.34 6.14 1.91
N ILE A 75 -4.83 5.06 2.51
CA ILE A 75 -3.51 4.54 2.18
C ILE A 75 -3.69 3.53 1.06
N SER A 76 -3.33 3.88 -0.19
CA SER A 76 -3.46 2.99 -1.34
C SER A 76 -2.14 2.35 -1.71
N VAL A 77 -2.20 1.05 -2.00
CA VAL A 77 -1.04 0.19 -2.15
C VAL A 77 -1.28 -0.67 -3.40
N ILE A 78 -0.54 -0.38 -4.47
CA ILE A 78 -0.62 -1.12 -5.73
C ILE A 78 0.59 -2.04 -5.80
N THR A 79 0.36 -3.27 -6.23
CA THR A 79 1.36 -4.28 -6.46
C THR A 79 1.65 -4.28 -7.96
N LEU A 80 2.93 -4.21 -8.34
CA LEU A 80 3.36 -4.15 -9.72
C LEU A 80 4.28 -5.33 -9.97
N ILE A 81 3.84 -6.28 -10.79
CA ILE A 81 4.53 -7.54 -11.04
C ILE A 81 5.19 -7.47 -12.41
N ASN A 82 5.62 -8.61 -12.96
CA ASN A 82 5.88 -8.71 -14.39
C ASN A 82 4.71 -8.13 -15.20
N GLY A 83 4.94 -7.01 -15.86
CA GLY A 83 4.17 -6.60 -17.02
C GLY A 83 2.67 -6.43 -16.77
N GLY A 84 2.29 -6.17 -15.52
CA GLY A 84 0.92 -6.18 -15.06
C GLY A 84 0.90 -5.74 -13.59
N GLU A 85 -0.24 -5.23 -13.13
CA GLU A 85 -0.48 -4.74 -11.78
C GLU A 85 -1.79 -5.33 -11.28
N SER A 86 -1.91 -5.46 -9.95
CA SER A 86 -3.14 -5.93 -9.33
C SER A 86 -4.09 -4.75 -9.15
N ALA A 87 -5.29 -5.02 -8.61
CA ALA A 87 -6.20 -3.94 -8.25
C ALA A 87 -5.67 -3.17 -7.02
N PRO A 88 -6.04 -1.88 -6.86
CA PRO A 88 -5.59 -1.04 -5.77
C PRO A 88 -6.20 -1.49 -4.45
N THR A 89 -5.35 -2.03 -3.57
CA THR A 89 -5.75 -2.28 -2.20
C THR A 89 -5.51 -0.98 -1.43
N THR A 90 -6.57 -0.19 -1.24
CA THR A 90 -6.57 0.90 -0.29
C THR A 90 -7.22 0.40 1.00
N LEU A 91 -6.87 0.98 2.15
CA LEU A 91 -7.66 0.93 3.37
C LEU A 91 -7.73 2.36 3.92
N THR A 92 -8.92 2.79 4.34
CA THR A 92 -9.22 4.05 5.02
C THR A 92 -8.80 3.93 6.49
N GLN A 93 -8.27 4.98 7.13
CA GLN A 93 -8.09 5.01 8.59
C GLN A 93 -7.83 6.43 9.08
N GLN A 94 -8.27 6.74 10.30
CA GLN A 94 -8.08 8.03 10.96
C GLN A 94 -7.10 7.87 12.12
N THR A 95 -6.25 8.88 12.36
CA THR A 95 -5.13 8.90 13.30
C THR A 95 -4.44 7.56 13.39
N MET A 1 -5.71 -22.56 -14.34
CA MET A 1 -6.67 -22.63 -15.45
C MET A 1 -6.99 -21.20 -15.87
N ARG A 2 -8.10 -20.60 -15.43
CA ARG A 2 -8.24 -19.15 -15.47
C ARG A 2 -8.76 -18.68 -14.13
N GLY A 3 -8.44 -17.45 -13.78
CA GLY A 3 -8.56 -16.91 -12.44
C GLY A 3 -8.57 -15.40 -12.51
N SER A 4 -8.37 -14.73 -11.38
CA SER A 4 -8.20 -13.29 -11.33
C SER A 4 -6.90 -12.90 -12.04
N GLU A 5 -6.74 -11.61 -12.36
CA GLU A 5 -5.67 -11.16 -13.24
C GLU A 5 -4.31 -11.40 -12.61
N VAL A 6 -4.13 -11.00 -11.35
CA VAL A 6 -2.91 -11.17 -10.59
C VAL A 6 -3.32 -11.50 -9.14
N PRO A 7 -2.64 -12.40 -8.43
CA PRO A 7 -2.83 -12.56 -6.99
C PRO A 7 -2.26 -11.34 -6.27
N GLN A 8 -3.13 -10.46 -5.77
CA GLN A 8 -2.81 -9.42 -4.82
C GLN A 8 -2.27 -9.93 -3.50
N LEU A 9 -1.78 -8.95 -2.73
CA LEU A 9 -1.48 -9.01 -1.32
C LEU A 9 -2.76 -9.17 -0.52
N THR A 10 -3.37 -10.33 -0.59
CA THR A 10 -4.40 -10.78 0.33
C THR A 10 -3.96 -10.61 1.80
N ASP A 11 -2.65 -10.65 2.12
CA ASP A 11 -2.12 -10.47 3.47
C ASP A 11 -1.88 -8.99 3.82
N LEU A 12 -2.25 -8.06 2.93
CA LEU A 12 -2.19 -6.61 3.16
C LEU A 12 -2.95 -6.26 4.43
N SER A 13 -2.27 -5.71 5.43
CA SER A 13 -2.90 -5.24 6.66
C SER A 13 -2.06 -4.13 7.27
N PHE A 14 -2.66 -3.02 7.70
CA PHE A 14 -1.90 -1.98 8.37
C PHE A 14 -1.95 -2.26 9.87
N VAL A 15 -0.87 -1.94 10.57
CA VAL A 15 -0.65 -2.06 11.99
C VAL A 15 0.12 -0.82 12.48
N ASP A 16 0.31 -0.71 13.79
CA ASP A 16 0.98 0.40 14.47
C ASP A 16 0.56 1.76 13.91
N ILE A 17 -0.76 1.91 13.73
CA ILE A 17 -1.47 3.10 13.29
C ILE A 17 -1.49 4.10 14.46
N THR A 18 -0.31 4.53 14.89
CA THR A 18 -0.12 5.64 15.81
C THR A 18 -0.40 6.96 15.07
N ASP A 19 -0.38 8.08 15.80
CA ASP A 19 -0.69 9.38 15.22
C ASP A 19 0.46 9.91 14.34
N SER A 20 1.58 9.21 14.29
CA SER A 20 2.90 9.73 13.90
C SER A 20 3.59 8.96 12.76
N SER A 21 3.03 7.81 12.39
CA SER A 21 3.43 6.92 11.32
C SER A 21 2.42 5.79 11.23
N ILE A 22 2.55 4.96 10.20
CA ILE A 22 1.77 3.74 10.08
C ILE A 22 2.70 2.63 9.62
N GLY A 23 2.43 1.40 10.06
CA GLY A 23 3.10 0.21 9.58
C GLY A 23 2.18 -0.52 8.61
N LEU A 24 2.76 -1.10 7.57
CA LEU A 24 2.09 -2.04 6.69
C LEU A 24 2.67 -3.41 6.94
N ARG A 25 1.84 -4.42 6.85
CA ARG A 25 2.29 -5.77 6.63
C ARG A 25 1.68 -6.22 5.32
N TRP A 26 2.39 -7.10 4.64
CA TRP A 26 1.88 -7.95 3.58
C TRP A 26 2.76 -9.20 3.59
N THR A 27 2.71 -10.03 2.56
CA THR A 27 3.66 -11.13 2.43
C THR A 27 4.36 -10.95 1.08
N PRO A 28 5.68 -11.25 0.96
CA PRO A 28 6.38 -11.04 -0.29
C PRO A 28 5.84 -12.01 -1.34
N LEU A 29 5.49 -11.47 -2.49
CA LEU A 29 5.12 -12.23 -3.66
C LEU A 29 6.41 -12.57 -4.37
N ASN A 30 6.94 -13.76 -4.13
CA ASN A 30 8.15 -14.27 -4.78
C ASN A 30 7.82 -14.66 -6.23
N SER A 31 7.08 -13.82 -6.97
CA SER A 31 6.68 -14.06 -8.35
C SER A 31 7.87 -13.99 -9.33
N SER A 32 9.11 -13.79 -8.83
CA SER A 32 10.40 -13.76 -9.55
C SER A 32 10.41 -12.90 -10.83
N THR A 33 9.53 -11.90 -10.86
CA THR A 33 9.25 -11.08 -12.03
C THR A 33 8.48 -9.81 -11.64
N ILE A 34 7.90 -9.82 -10.44
CA ILE A 34 7.55 -8.63 -9.69
C ILE A 34 8.64 -7.56 -9.85
N ILE A 35 8.26 -6.30 -9.98
CA ILE A 35 9.22 -5.22 -9.83
C ILE A 35 9.27 -4.95 -8.33
N GLY A 36 8.15 -4.52 -7.77
CA GLY A 36 8.05 -3.99 -6.42
C GLY A 36 6.59 -3.76 -6.09
N TYR A 37 6.35 -2.86 -5.14
CA TYR A 37 5.02 -2.41 -4.76
C TYR A 37 5.16 -0.90 -4.62
N ARG A 38 4.09 -0.17 -4.94
CA ARG A 38 4.00 1.27 -4.84
C ARG A 38 2.94 1.58 -3.80
N ILE A 39 3.23 2.49 -2.88
CA ILE A 39 2.24 3.06 -1.99
C ILE A 39 2.04 4.51 -2.46
N THR A 40 0.80 5.00 -2.39
CA THR A 40 0.51 6.43 -2.41
C THR A 40 -0.50 6.69 -1.30
N VAL A 41 -0.19 7.64 -0.45
CA VAL A 41 -1.06 8.10 0.64
C VAL A 41 -1.66 9.44 0.21
N VAL A 42 -2.95 9.66 0.44
CA VAL A 42 -3.64 10.93 0.24
C VAL A 42 -4.57 11.22 1.44
N ALA A 43 -5.04 12.44 1.59
CA ALA A 43 -6.15 12.74 2.50
C ALA A 43 -7.42 12.30 1.77
N ALA A 44 -8.21 11.47 2.43
CA ALA A 44 -9.52 11.07 1.96
C ALA A 44 -10.40 12.30 1.71
N GLY A 45 -10.43 13.24 2.66
CA GLY A 45 -11.44 14.29 2.70
C GLY A 45 -11.38 15.33 1.57
N GLU A 46 -10.25 15.49 0.84
CA GLU A 46 -10.17 16.48 -0.24
C GLU A 46 -9.36 15.97 -1.44
N GLY A 47 -8.87 14.73 -1.42
CA GLY A 47 -8.04 14.18 -2.48
C GLY A 47 -6.58 14.63 -2.43
N ILE A 48 -6.28 15.65 -1.62
CA ILE A 48 -4.96 16.23 -1.35
C ILE A 48 -3.93 15.12 -1.07
N PRO A 49 -3.00 14.83 -1.99
CA PRO A 49 -2.04 13.74 -1.83
C PRO A 49 -0.98 14.11 -0.78
N ILE A 50 -0.50 13.10 -0.06
CA ILE A 50 0.60 13.26 0.89
C ILE A 50 1.88 13.11 0.04
N PHE A 51 2.19 11.88 -0.36
CA PHE A 51 3.33 11.50 -1.18
C PHE A 51 3.13 10.08 -1.67
N GLU A 52 4.05 9.63 -2.51
CA GLU A 52 4.16 8.25 -2.96
C GLU A 52 5.52 7.67 -2.60
N ASP A 53 5.60 6.35 -2.52
CA ASP A 53 6.80 5.60 -2.16
C ASP A 53 6.82 4.25 -2.86
N PHE A 54 8.00 3.62 -2.82
CA PHE A 54 8.30 2.34 -3.42
C PHE A 54 9.06 1.47 -2.42
N VAL A 55 8.98 0.15 -2.61
CA VAL A 55 9.71 -0.85 -1.84
C VAL A 55 10.49 -1.77 -2.80
N ASP A 56 11.17 -2.78 -2.25
CA ASP A 56 12.28 -3.48 -2.93
C ASP A 56 11.77 -4.51 -3.95
N SER A 57 10.96 -5.46 -3.46
CA SER A 57 10.35 -6.63 -4.10
C SER A 57 10.05 -7.72 -3.07
N SER A 58 10.84 -7.76 -2.01
CA SER A 58 10.88 -8.87 -1.07
C SER A 58 10.60 -8.36 0.34
N VAL A 59 10.38 -7.05 0.48
CA VAL A 59 9.97 -6.46 1.75
C VAL A 59 8.50 -6.83 1.92
N GLY A 60 8.16 -7.46 3.05
CA GLY A 60 6.78 -7.73 3.47
C GLY A 60 6.34 -6.85 4.64
N TYR A 61 7.22 -5.97 5.12
CA TYR A 61 7.00 -5.13 6.30
C TYR A 61 7.60 -3.75 6.03
N TYR A 62 6.78 -2.71 5.94
CA TYR A 62 7.23 -1.38 5.52
C TYR A 62 6.43 -0.31 6.27
N THR A 63 7.09 0.75 6.75
CA THR A 63 6.50 1.81 7.57
C THR A 63 6.49 3.12 6.77
N VAL A 64 5.49 3.96 6.98
CA VAL A 64 5.32 5.26 6.33
C VAL A 64 5.27 6.31 7.44
N THR A 65 5.75 7.53 7.17
CA THR A 65 5.77 8.63 8.13
C THR A 65 5.04 9.82 7.47
N GLY A 66 5.11 11.03 8.04
CA GLY A 66 4.55 12.24 7.47
C GLY A 66 3.05 12.42 7.74
N LEU A 67 2.44 11.52 8.52
CA LEU A 67 1.05 11.60 8.93
C LEU A 67 0.84 12.79 9.86
N GLU A 68 -0.37 13.37 9.83
CA GLU A 68 -0.75 14.60 10.49
C GLU A 68 -2.23 14.51 10.92
N PRO A 69 -2.51 14.10 12.17
CA PRO A 69 -3.75 13.41 12.54
C PRO A 69 -5.02 14.27 12.49
N GLY A 70 -6.17 13.62 12.58
CA GLY A 70 -7.49 14.22 12.63
C GLY A 70 -8.13 14.37 11.25
N ILE A 71 -7.34 14.25 10.19
CA ILE A 71 -7.76 14.09 8.80
C ILE A 71 -7.79 12.58 8.54
N ASP A 72 -8.64 12.15 7.62
CA ASP A 72 -8.80 10.76 7.22
C ASP A 72 -7.84 10.49 6.07
N TYR A 73 -7.12 9.38 6.11
CA TYR A 73 -5.98 9.10 5.23
C TYR A 73 -6.30 7.86 4.40
N ASP A 74 -6.38 8.00 3.07
CA ASP A 74 -6.48 6.87 2.13
C ASP A 74 -5.05 6.41 1.88
N ILE A 75 -4.66 5.20 2.30
CA ILE A 75 -3.36 4.64 1.95
C ILE A 75 -3.60 3.61 0.86
N SER A 76 -3.25 3.96 -0.38
CA SER A 76 -3.35 3.05 -1.52
C SER A 76 -2.04 2.30 -1.68
N VAL A 77 -2.11 1.01 -1.96
CA VAL A 77 -0.96 0.15 -2.19
C VAL A 77 -1.30 -0.67 -3.43
N ILE A 78 -0.41 -0.71 -4.43
CA ILE A 78 -0.60 -1.47 -5.66
C ILE A 78 0.68 -2.26 -5.90
N THR A 79 0.53 -3.56 -6.18
CA THR A 79 1.64 -4.38 -6.61
C THR A 79 1.79 -4.17 -8.12
N LEU A 80 3.03 -4.17 -8.63
CA LEU A 80 3.32 -4.11 -10.03
C LEU A 80 4.22 -5.29 -10.37
N ILE A 81 3.86 -6.06 -11.40
CA ILE A 81 4.67 -7.15 -11.91
C ILE A 81 5.11 -6.84 -13.34
N ASN A 82 5.95 -7.73 -13.89
CA ASN A 82 6.29 -7.81 -15.30
C ASN A 82 5.08 -7.46 -16.16
N GLY A 83 5.07 -6.27 -16.75
CA GLY A 83 4.00 -5.73 -17.57
C GLY A 83 2.59 -5.94 -17.01
N GLY A 84 2.41 -6.08 -15.70
CA GLY A 84 1.23 -6.70 -15.14
C GLY A 84 0.77 -5.91 -13.92
N GLU A 85 -0.55 -5.84 -13.75
CA GLU A 85 -1.20 -4.87 -12.89
C GLU A 85 -2.13 -5.62 -11.94
N SER A 86 -1.88 -5.53 -10.63
CA SER A 86 -2.75 -6.13 -9.63
C SER A 86 -3.88 -5.13 -9.32
N ALA A 87 -4.77 -5.51 -8.40
CA ALA A 87 -5.86 -4.62 -8.01
C ALA A 87 -5.26 -3.52 -7.12
N PRO A 88 -5.83 -2.29 -7.14
CA PRO A 88 -5.57 -1.34 -6.07
C PRO A 88 -6.10 -1.96 -4.78
N THR A 89 -5.34 -1.84 -3.70
CA THR A 89 -5.82 -2.15 -2.37
C THR A 89 -5.51 -0.95 -1.52
N THR A 90 -6.52 -0.10 -1.38
CA THR A 90 -6.51 1.04 -0.50
C THR A 90 -7.16 0.61 0.80
N LEU A 91 -6.73 1.22 1.90
CA LEU A 91 -7.39 1.15 3.19
C LEU A 91 -7.44 2.59 3.67
N THR A 92 -8.59 3.02 4.19
CA THR A 92 -8.81 4.39 4.65
C THR A 92 -9.19 4.33 6.14
N GLN A 93 -8.69 5.26 6.94
CA GLN A 93 -8.80 5.27 8.39
C GLN A 93 -8.42 6.67 8.87
N GLN A 94 -9.14 7.19 9.87
CA GLN A 94 -8.66 8.31 10.66
C GLN A 94 -8.02 7.75 11.94
N THR A 95 -7.26 8.58 12.64
CA THR A 95 -6.72 8.35 13.99
C THR A 95 -6.03 6.99 14.09
N MET A 1 -7.56 -25.29 -15.78
CA MET A 1 -7.94 -24.40 -16.87
C MET A 1 -8.55 -23.11 -16.32
N ARG A 2 -7.69 -22.16 -15.88
CA ARG A 2 -7.94 -20.76 -15.51
C ARG A 2 -6.87 -20.26 -14.52
N GLY A 3 -6.72 -18.94 -14.46
CA GLY A 3 -6.14 -18.21 -13.35
C GLY A 3 -6.79 -16.82 -13.33
N SER A 4 -6.63 -16.09 -12.22
CA SER A 4 -6.90 -14.66 -12.20
C SER A 4 -5.79 -13.92 -12.95
N GLU A 5 -5.96 -12.61 -13.04
CA GLU A 5 -5.04 -11.69 -13.69
C GLU A 5 -3.65 -11.74 -13.03
N VAL A 6 -3.53 -11.19 -11.82
CA VAL A 6 -2.30 -11.09 -11.04
C VAL A 6 -2.71 -11.27 -9.56
N PRO A 7 -1.88 -11.88 -8.70
CA PRO A 7 -2.12 -11.92 -7.26
C PRO A 7 -1.93 -10.51 -6.67
N GLN A 8 -2.99 -9.93 -6.12
CA GLN A 8 -2.91 -8.68 -5.39
C GLN A 8 -2.60 -8.94 -3.91
N LEU A 9 -2.28 -7.91 -3.14
CA LEU A 9 -2.00 -8.04 -1.71
C LEU A 9 -3.32 -8.17 -0.96
N THR A 10 -3.80 -9.40 -0.86
CA THR A 10 -4.98 -9.75 -0.09
C THR A 10 -4.68 -9.79 1.42
N ASP A 11 -3.44 -10.10 1.84
CA ASP A 11 -3.03 -10.17 3.26
C ASP A 11 -2.70 -8.79 3.85
N LEU A 12 -2.92 -7.73 3.08
CA LEU A 12 -2.65 -6.34 3.43
C LEU A 12 -3.34 -5.99 4.73
N SER A 13 -2.63 -5.41 5.69
CA SER A 13 -3.21 -4.70 6.82
C SER A 13 -2.28 -3.59 7.29
N PHE A 14 -2.79 -2.68 8.12
CA PHE A 14 -2.03 -1.68 8.82
C PHE A 14 -1.83 -2.14 10.26
N VAL A 15 -0.78 -1.64 10.91
CA VAL A 15 -0.42 -1.90 12.29
C VAL A 15 0.19 -0.60 12.85
N ASP A 16 0.37 -0.51 14.17
CA ASP A 16 1.03 0.55 14.91
C ASP A 16 0.65 1.91 14.34
N ILE A 17 -0.67 2.15 14.30
CA ILE A 17 -1.32 3.37 13.85
C ILE A 17 -1.19 4.37 14.99
N THR A 18 0.05 4.77 15.27
CA THR A 18 0.40 5.80 16.24
C THR A 18 0.40 7.20 15.59
N ASP A 19 0.46 8.26 16.40
CA ASP A 19 0.36 9.68 16.03
C ASP A 19 1.65 10.20 15.35
N SER A 20 2.55 9.29 14.95
CA SER A 20 3.78 9.60 14.23
C SER A 20 4.00 8.86 12.93
N SER A 21 3.25 7.80 12.70
CA SER A 21 3.60 6.80 11.71
C SER A 21 2.51 5.75 11.68
N ILE A 22 2.28 5.18 10.50
CA ILE A 22 1.45 4.00 10.35
C ILE A 22 2.37 2.90 9.84
N GLY A 23 2.18 1.69 10.34
CA GLY A 23 2.85 0.51 9.85
C GLY A 23 1.91 -0.27 8.94
N LEU A 24 2.47 -1.17 8.14
CA LEU A 24 1.76 -2.04 7.23
C LEU A 24 2.39 -3.43 7.27
N ARG A 25 1.59 -4.44 6.96
CA ARG A 25 2.06 -5.79 6.72
C ARG A 25 1.37 -6.32 5.48
N TRP A 26 1.97 -7.28 4.78
CA TRP A 26 1.36 -8.09 3.75
C TRP A 26 2.26 -9.31 3.48
N THR A 27 1.95 -10.07 2.42
CA THR A 27 2.65 -11.30 2.06
C THR A 27 3.54 -11.01 0.84
N PRO A 28 4.87 -10.92 0.98
CA PRO A 28 5.76 -10.73 -0.14
C PRO A 28 5.67 -11.91 -1.12
N LEU A 29 5.39 -11.61 -2.38
CA LEU A 29 5.34 -12.50 -3.53
C LEU A 29 6.69 -12.47 -4.22
N ASN A 30 7.56 -13.45 -3.92
CA ASN A 30 8.91 -13.55 -4.48
C ASN A 30 8.89 -14.02 -5.95
N SER A 31 7.87 -13.62 -6.68
CA SER A 31 7.66 -13.79 -8.10
C SER A 31 8.85 -13.18 -8.85
N SER A 32 9.58 -13.99 -9.63
CA SER A 32 10.77 -13.64 -10.42
C SER A 32 10.47 -12.70 -11.60
N THR A 33 9.62 -11.71 -11.38
CA THR A 33 8.99 -10.87 -12.40
C THR A 33 8.33 -9.63 -11.80
N ILE A 34 8.02 -9.64 -10.51
CA ILE A 34 7.55 -8.46 -9.79
C ILE A 34 8.58 -7.35 -10.01
N ILE A 35 8.13 -6.10 -10.13
CA ILE A 35 9.03 -4.96 -10.05
C ILE A 35 9.11 -4.57 -8.57
N GLY A 36 7.94 -4.37 -7.95
CA GLY A 36 7.83 -4.05 -6.55
C GLY A 36 6.36 -3.76 -6.22
N TYR A 37 6.13 -2.95 -5.20
CA TYR A 37 4.80 -2.50 -4.81
C TYR A 37 4.92 -0.99 -4.61
N ARG A 38 3.94 -0.25 -5.12
CA ARG A 38 3.85 1.20 -4.99
C ARG A 38 2.87 1.44 -3.86
N ILE A 39 3.26 2.21 -2.85
CA ILE A 39 2.31 2.73 -1.88
C ILE A 39 2.02 4.18 -2.29
N THR A 40 0.86 4.66 -1.90
CA THR A 40 0.47 6.05 -1.94
C THR A 40 -0.37 6.32 -0.69
N VAL A 41 -0.36 7.58 -0.25
CA VAL A 41 -1.25 8.14 0.75
C VAL A 41 -1.85 9.42 0.22
N VAL A 42 -3.15 9.57 0.41
CA VAL A 42 -3.87 10.81 0.11
C VAL A 42 -4.74 11.15 1.33
N ALA A 43 -5.23 12.39 1.45
CA ALA A 43 -6.04 12.84 2.58
C ALA A 43 -7.49 12.50 2.27
N ALA A 44 -8.07 11.53 2.99
CA ALA A 44 -9.47 11.07 2.94
C ALA A 44 -10.00 10.71 1.54
N GLY A 45 -9.14 10.66 0.52
CA GLY A 45 -9.55 10.60 -0.87
C GLY A 45 -10.16 11.92 -1.36
N GLU A 46 -10.04 13.02 -0.61
CA GLU A 46 -10.57 14.35 -0.92
C GLU A 46 -9.66 15.05 -1.95
N GLY A 47 -9.20 14.33 -2.96
CA GLY A 47 -8.34 14.84 -4.02
C GLY A 47 -6.89 15.00 -3.58
N ILE A 48 -6.70 15.77 -2.51
CA ILE A 48 -5.45 16.18 -1.88
C ILE A 48 -4.52 14.97 -1.72
N PRO A 49 -3.46 14.86 -2.55
CA PRO A 49 -2.46 13.81 -2.40
C PRO A 49 -1.57 14.13 -1.20
N ILE A 50 -0.72 13.16 -0.84
CA ILE A 50 0.44 13.38 0.01
C ILE A 50 1.63 12.93 -0.84
N PHE A 51 2.10 11.69 -0.71
CA PHE A 51 3.33 11.22 -1.32
C PHE A 51 3.22 9.75 -1.69
N GLU A 52 4.15 9.26 -2.51
CA GLU A 52 4.13 7.96 -3.15
C GLU A 52 5.51 7.36 -2.97
N ASP A 53 5.67 6.40 -2.04
CA ASP A 53 6.93 5.70 -1.83
C ASP A 53 6.83 4.29 -2.40
N PHE A 54 7.95 3.67 -2.67
CA PHE A 54 8.06 2.30 -3.14
C PHE A 54 8.54 1.44 -1.99
N VAL A 55 8.61 0.15 -2.23
CA VAL A 55 9.39 -0.75 -1.40
C VAL A 55 10.43 -1.45 -2.30
N ASP A 56 11.20 -2.40 -1.76
CA ASP A 56 12.25 -3.17 -2.45
C ASP A 56 11.69 -3.96 -3.64
N SER A 57 11.07 -5.11 -3.34
CA SER A 57 10.47 -6.14 -4.16
C SER A 57 10.06 -7.34 -3.30
N SER A 58 10.61 -7.48 -2.08
CA SER A 58 10.26 -8.55 -1.15
C SER A 58 10.02 -8.10 0.29
N VAL A 59 9.60 -6.86 0.44
CA VAL A 59 9.19 -6.40 1.76
C VAL A 59 7.83 -7.03 2.08
N GLY A 60 7.63 -7.48 3.32
CA GLY A 60 6.34 -7.93 3.83
C GLY A 60 5.85 -7.07 4.98
N TYR A 61 6.63 -6.08 5.39
CA TYR A 61 6.37 -5.23 6.54
C TYR A 61 6.99 -3.87 6.20
N TYR A 62 6.20 -2.82 6.05
CA TYR A 62 6.64 -1.52 5.54
C TYR A 62 5.98 -0.44 6.38
N THR A 63 6.69 0.65 6.70
CA THR A 63 6.24 1.67 7.64
C THR A 63 6.33 3.04 6.98
N VAL A 64 5.47 3.98 7.41
CA VAL A 64 5.32 5.32 6.88
C VAL A 64 5.43 6.29 8.06
N THR A 65 5.79 7.54 7.82
CA THR A 65 5.86 8.63 8.81
C THR A 65 5.11 9.82 8.18
N GLY A 66 5.27 11.05 8.68
CA GLY A 66 4.81 12.26 7.98
C GLY A 66 3.30 12.45 7.98
N LEU A 67 2.58 11.62 8.73
CA LEU A 67 1.15 11.68 8.90
C LEU A 67 0.84 12.77 9.92
N GLU A 68 -0.33 13.41 9.76
CA GLU A 68 -0.78 14.52 10.55
C GLU A 68 -2.16 14.18 11.13
N PRO A 69 -2.25 13.81 12.42
CA PRO A 69 -3.42 13.17 12.98
C PRO A 69 -4.60 14.12 13.10
N GLY A 70 -5.81 13.55 13.14
CA GLY A 70 -7.07 14.27 13.21
C GLY A 70 -7.74 14.30 11.83
N ILE A 71 -6.95 14.27 10.77
CA ILE A 71 -7.41 14.07 9.41
C ILE A 71 -7.45 12.55 9.18
N ASP A 72 -8.24 12.14 8.19
CA ASP A 72 -8.33 10.77 7.72
C ASP A 72 -7.51 10.64 6.43
N TYR A 73 -6.86 9.50 6.21
CA TYR A 73 -6.00 9.28 5.06
C TYR A 73 -6.41 7.93 4.42
N ASP A 74 -6.51 7.94 3.09
CA ASP A 74 -6.65 6.74 2.26
C ASP A 74 -5.20 6.30 2.05
N ILE A 75 -4.82 5.11 2.54
CA ILE A 75 -3.53 4.52 2.20
C ILE A 75 -3.79 3.47 1.14
N SER A 76 -3.17 3.61 -0.03
CA SER A 76 -3.33 2.69 -1.14
C SER A 76 -2.02 2.00 -1.47
N VAL A 77 -2.11 0.72 -1.83
CA VAL A 77 -0.96 -0.13 -2.06
C VAL A 77 -1.30 -0.98 -3.28
N ILE A 78 -0.44 -1.05 -4.30
CA ILE A 78 -0.62 -1.91 -5.47
C ILE A 78 0.67 -2.62 -5.86
N THR A 79 0.50 -3.78 -6.50
CA THR A 79 1.54 -4.70 -6.89
C THR A 79 1.73 -4.58 -8.39
N LEU A 80 2.95 -4.28 -8.84
CA LEU A 80 3.27 -4.16 -10.25
C LEU A 80 4.25 -5.25 -10.64
N ILE A 81 3.95 -5.91 -11.75
CA ILE A 81 4.74 -7.00 -12.30
C ILE A 81 5.10 -6.69 -13.75
N ASN A 82 5.85 -7.60 -14.37
CA ASN A 82 6.06 -7.71 -15.81
C ASN A 82 4.78 -7.34 -16.58
N GLY A 83 4.74 -6.13 -17.16
CA GLY A 83 3.66 -5.59 -17.97
C GLY A 83 2.28 -5.60 -17.32
N GLY A 84 2.18 -5.86 -16.02
CA GLY A 84 0.97 -6.36 -15.40
C GLY A 84 0.68 -5.59 -14.12
N GLU A 85 -0.61 -5.41 -13.86
CA GLU A 85 -1.14 -4.76 -12.67
C GLU A 85 -2.15 -5.67 -12.00
N SER A 86 -2.30 -5.44 -10.71
CA SER A 86 -3.20 -6.12 -9.80
C SER A 86 -4.37 -5.18 -9.46
N ALA A 87 -5.15 -5.50 -8.43
CA ALA A 87 -6.04 -4.50 -7.83
C ALA A 87 -5.26 -3.73 -6.76
N PRO A 88 -5.34 -2.39 -6.70
CA PRO A 88 -4.83 -1.62 -5.57
C PRO A 88 -5.64 -2.01 -4.33
N THR A 89 -5.00 -2.39 -3.23
CA THR A 89 -5.66 -2.47 -1.94
C THR A 89 -5.58 -1.08 -1.32
N THR A 90 -6.67 -0.32 -1.34
CA THR A 90 -6.78 0.95 -0.63
C THR A 90 -7.57 0.69 0.65
N LEU A 91 -6.97 0.98 1.81
CA LEU A 91 -7.68 0.96 3.09
C LEU A 91 -7.53 2.32 3.74
N THR A 92 -8.53 2.69 4.53
CA THR A 92 -8.74 4.06 4.93
C THR A 92 -8.98 4.08 6.44
N GLN A 93 -8.36 5.06 7.10
CA GLN A 93 -8.09 5.03 8.52
C GLN A 93 -7.91 6.49 8.95
N GLN A 94 -8.37 6.85 10.14
CA GLN A 94 -8.06 8.15 10.74
C GLN A 94 -6.83 8.02 11.65
N THR A 95 -6.17 9.15 11.93
CA THR A 95 -4.88 9.24 12.59
C THR A 95 -3.87 8.31 11.91
N MET A 1 -17.01 -7.01 -16.28
CA MET A 1 -16.17 -8.22 -16.24
C MET A 1 -14.73 -7.78 -16.36
N ARG A 2 -13.89 -8.04 -15.35
CA ARG A 2 -12.43 -8.02 -15.32
C ARG A 2 -11.95 -7.75 -13.90
N GLY A 3 -10.81 -8.30 -13.51
CA GLY A 3 -10.19 -8.05 -12.21
C GLY A 3 -10.25 -9.26 -11.31
N SER A 4 -9.82 -10.41 -11.80
CA SER A 4 -9.42 -11.56 -10.99
C SER A 4 -8.17 -12.18 -11.65
N GLU A 5 -7.27 -11.32 -12.14
CA GLU A 5 -6.34 -11.67 -13.20
C GLU A 5 -4.91 -11.72 -12.67
N VAL A 6 -4.38 -10.56 -12.26
CA VAL A 6 -3.14 -10.45 -11.52
C VAL A 6 -3.52 -10.54 -10.03
N PRO A 7 -2.80 -11.29 -9.19
CA PRO A 7 -3.04 -11.32 -7.76
C PRO A 7 -2.75 -9.94 -7.17
N GLN A 8 -3.55 -9.50 -6.18
CA GLN A 8 -3.22 -8.34 -5.35
C GLN A 8 -2.70 -8.84 -3.99
N LEU A 9 -2.15 -7.94 -3.18
CA LEU A 9 -1.81 -8.23 -1.78
C LEU A 9 -3.10 -8.28 -0.96
N THR A 10 -3.79 -9.39 -1.02
CA THR A 10 -4.97 -9.67 -0.20
C THR A 10 -4.60 -9.65 1.29
N ASP A 11 -3.33 -9.94 1.62
CA ASP A 11 -2.77 -9.92 2.98
C ASP A 11 -2.48 -8.51 3.50
N LEU A 12 -2.70 -7.48 2.68
CA LEU A 12 -2.41 -6.08 3.02
C LEU A 12 -3.19 -5.66 4.25
N SER A 13 -2.47 -5.35 5.32
CA SER A 13 -2.99 -4.78 6.54
C SER A 13 -2.13 -3.63 7.01
N PHE A 14 -2.69 -2.78 7.87
CA PHE A 14 -1.94 -1.76 8.58
C PHE A 14 -1.80 -2.23 10.02
N VAL A 15 -0.65 -1.94 10.63
CA VAL A 15 -0.32 -2.26 12.02
C VAL A 15 0.56 -1.14 12.58
N ASP A 16 0.73 -1.07 13.89
CA ASP A 16 1.52 -0.07 14.58
C ASP A 16 1.11 1.35 14.14
N ILE A 17 -0.21 1.56 14.08
CA ILE A 17 -0.92 2.74 13.60
C ILE A 17 -0.80 3.81 14.70
N THR A 18 0.42 4.25 14.95
CA THR A 18 0.75 5.28 15.93
C THR A 18 0.67 6.69 15.30
N ASP A 19 0.82 7.71 16.14
CA ASP A 19 0.83 9.13 15.79
C ASP A 19 2.15 9.57 15.11
N SER A 20 3.11 8.67 14.92
CA SER A 20 4.42 9.00 14.36
C SER A 20 4.72 8.41 12.99
N SER A 21 3.95 7.42 12.57
CA SER A 21 4.08 6.68 11.34
C SER A 21 3.01 5.59 11.34
N ILE A 22 2.71 5.04 10.18
CA ILE A 22 1.76 3.94 10.03
C ILE A 22 2.59 2.77 9.47
N GLY A 23 2.52 1.60 10.11
CA GLY A 23 3.16 0.39 9.60
C GLY A 23 2.22 -0.33 8.62
N LEU A 24 2.76 -1.15 7.74
CA LEU A 24 1.99 -2.03 6.85
C LEU A 24 2.57 -3.41 6.92
N ARG A 25 1.73 -4.42 6.72
CA ARG A 25 2.16 -5.81 6.73
C ARG A 25 1.47 -6.50 5.57
N TRP A 26 2.19 -7.28 4.78
CA TRP A 26 1.61 -8.06 3.69
C TRP A 26 2.54 -9.24 3.36
N THR A 27 2.08 -10.14 2.48
CA THR A 27 2.84 -11.31 2.03
C THR A 27 3.73 -10.92 0.84
N PRO A 28 5.06 -10.81 1.00
CA PRO A 28 5.93 -10.52 -0.13
C PRO A 28 5.86 -11.68 -1.13
N LEU A 29 5.52 -11.39 -2.39
CA LEU A 29 5.53 -12.35 -3.49
C LEU A 29 6.93 -12.37 -4.05
N ASN A 30 7.71 -13.39 -3.71
CA ASN A 30 9.06 -13.59 -4.23
C ASN A 30 8.97 -14.21 -5.64
N SER A 31 8.15 -13.61 -6.51
CA SER A 31 7.73 -14.17 -7.80
C SER A 31 8.95 -14.37 -8.70
N SER A 32 9.73 -13.29 -8.93
CA SER A 32 10.99 -13.16 -9.68
C SER A 32 11.12 -11.72 -10.18
N THR A 33 10.57 -11.42 -11.34
CA THR A 33 10.71 -10.20 -12.13
C THR A 33 9.76 -9.11 -11.58
N ILE A 34 8.92 -9.42 -10.58
CA ILE A 34 8.18 -8.45 -9.77
C ILE A 34 9.01 -7.19 -9.52
N ILE A 35 8.40 -6.01 -9.70
CA ILE A 35 9.11 -4.75 -9.59
C ILE A 35 9.15 -4.37 -8.11
N GLY A 36 8.00 -4.43 -7.44
CA GLY A 36 7.86 -3.90 -6.11
C GLY A 36 6.39 -3.77 -5.75
N TYR A 37 6.14 -2.91 -4.78
CA TYR A 37 4.82 -2.45 -4.42
C TYR A 37 4.97 -0.94 -4.32
N ARG A 38 3.94 -0.19 -4.70
CA ARG A 38 3.95 1.25 -4.80
C ARG A 38 2.89 1.78 -3.85
N ILE A 39 3.28 2.47 -2.79
CA ILE A 39 2.33 3.04 -1.84
C ILE A 39 1.99 4.45 -2.32
N THR A 40 0.79 4.93 -2.00
CA THR A 40 0.33 6.30 -2.15
C THR A 40 -0.59 6.60 -0.97
N VAL A 41 -0.22 7.56 -0.14
CA VAL A 41 -1.15 8.20 0.80
C VAL A 41 -1.74 9.46 0.20
N VAL A 42 -3.07 9.57 0.31
CA VAL A 42 -3.76 10.86 0.16
C VAL A 42 -4.66 11.07 1.37
N ALA A 43 -5.13 12.30 1.58
CA ALA A 43 -6.19 12.65 2.51
C ALA A 43 -7.51 12.23 1.86
N ALA A 44 -8.18 11.21 2.40
CA ALA A 44 -9.35 10.58 1.79
C ALA A 44 -10.58 11.50 1.74
N GLY A 45 -10.62 12.58 2.52
CA GLY A 45 -11.77 13.46 2.57
C GLY A 45 -11.81 14.44 1.40
N GLU A 46 -10.65 14.77 0.83
CA GLU A 46 -10.53 15.82 -0.17
C GLU A 46 -9.63 15.42 -1.36
N GLY A 47 -8.87 14.34 -1.24
CA GLY A 47 -7.95 13.84 -2.26
C GLY A 47 -6.60 14.55 -2.31
N ILE A 48 -6.30 15.45 -1.37
CA ILE A 48 -4.98 16.01 -1.10
C ILE A 48 -3.90 14.91 -1.08
N PRO A 49 -3.04 14.78 -2.11
CA PRO A 49 -2.04 13.75 -2.17
C PRO A 49 -0.89 14.11 -1.25
N ILE A 50 -0.45 13.17 -0.41
CA ILE A 50 0.69 13.39 0.48
C ILE A 50 1.93 13.08 -0.34
N PHE A 51 2.19 11.79 -0.60
CA PHE A 51 3.26 11.35 -1.48
C PHE A 51 2.97 9.95 -1.99
N GLU A 52 3.77 9.50 -2.96
CA GLU A 52 3.88 8.11 -3.33
C GLU A 52 5.31 7.65 -3.11
N ASP A 53 5.47 6.37 -2.81
CA ASP A 53 6.70 5.80 -2.28
C ASP A 53 6.76 4.32 -2.69
N PHE A 54 7.93 3.71 -2.55
CA PHE A 54 8.18 2.37 -3.05
C PHE A 54 8.74 1.48 -1.94
N VAL A 55 8.78 0.18 -2.22
CA VAL A 55 9.49 -0.80 -1.44
C VAL A 55 10.43 -1.58 -2.36
N ASP A 56 11.15 -2.59 -1.84
CA ASP A 56 12.26 -3.23 -2.55
C ASP A 56 11.75 -4.08 -3.72
N SER A 57 11.04 -5.15 -3.37
CA SER A 57 10.45 -6.22 -4.19
C SER A 57 10.05 -7.43 -3.34
N SER A 58 10.65 -7.63 -2.16
CA SER A 58 10.32 -8.75 -1.28
C SER A 58 10.11 -8.31 0.17
N VAL A 59 9.77 -7.04 0.38
CA VAL A 59 9.43 -6.49 1.68
C VAL A 59 8.03 -6.99 2.04
N GLY A 60 7.86 -7.50 3.27
CA GLY A 60 6.61 -7.96 3.86
C GLY A 60 6.19 -7.16 5.10
N TYR A 61 6.96 -6.12 5.45
CA TYR A 61 6.67 -5.17 6.52
C TYR A 61 7.35 -3.86 6.19
N TYR A 62 6.58 -2.78 6.06
CA TYR A 62 7.04 -1.45 5.65
C TYR A 62 6.40 -0.42 6.57
N THR A 63 6.92 0.80 6.58
CA THR A 63 6.40 1.91 7.38
C THR A 63 6.29 3.13 6.47
N VAL A 64 5.30 3.99 6.72
CA VAL A 64 5.12 5.26 6.08
C VAL A 64 5.15 6.31 7.17
N THR A 65 5.71 7.48 6.88
CA THR A 65 5.68 8.65 7.74
C THR A 65 4.87 9.73 6.99
N GLY A 66 4.86 10.96 7.50
CA GLY A 66 4.20 12.07 6.84
C GLY A 66 2.69 12.04 7.05
N LEU A 67 2.21 11.29 8.05
CA LEU A 67 0.83 11.37 8.49
C LEU A 67 0.70 12.52 9.50
N GLU A 68 -0.51 13.06 9.67
CA GLU A 68 -0.86 13.98 10.74
C GLU A 68 -2.27 13.62 11.22
N PRO A 69 -2.52 13.59 12.54
CA PRO A 69 -3.82 13.24 13.06
C PRO A 69 -4.89 14.26 12.63
N GLY A 70 -6.13 13.82 12.62
CA GLY A 70 -7.31 14.67 12.46
C GLY A 70 -8.08 14.40 11.17
N ILE A 71 -7.39 13.90 10.15
CA ILE A 71 -7.91 13.70 8.80
C ILE A 71 -7.94 12.18 8.53
N ASP A 72 -8.80 11.76 7.59
CA ASP A 72 -8.88 10.39 7.11
C ASP A 72 -7.90 10.25 5.95
N TYR A 73 -7.13 9.18 5.90
CA TYR A 73 -6.08 8.98 4.91
C TYR A 73 -6.40 7.68 4.15
N ASP A 74 -6.43 7.78 2.82
CA ASP A 74 -6.53 6.66 1.89
C ASP A 74 -5.10 6.20 1.72
N ILE A 75 -4.72 5.06 2.30
CA ILE A 75 -3.40 4.50 2.08
C ILE A 75 -3.57 3.43 1.00
N SER A 76 -3.17 3.77 -0.22
CA SER A 76 -3.22 2.96 -1.43
C SER A 76 -1.90 2.23 -1.57
N VAL A 77 -1.92 0.99 -2.02
CA VAL A 77 -0.78 0.10 -2.04
C VAL A 77 -0.92 -0.80 -3.28
N ILE A 78 -0.32 -0.37 -4.38
CA ILE A 78 -0.41 -1.01 -5.68
C ILE A 78 0.62 -2.12 -5.73
N THR A 79 0.26 -3.28 -6.30
CA THR A 79 1.20 -4.36 -6.56
C THR A 79 1.49 -4.39 -8.06
N LEU A 80 2.77 -4.44 -8.43
CA LEU A 80 3.24 -4.35 -9.79
C LEU A 80 4.21 -5.51 -10.02
N ILE A 81 3.84 -6.45 -10.87
CA ILE A 81 4.47 -7.76 -11.00
C ILE A 81 5.23 -7.83 -12.33
N ASN A 82 5.60 -9.03 -12.78
CA ASN A 82 5.92 -9.19 -14.19
C ASN A 82 4.80 -8.62 -15.06
N GLY A 83 5.08 -7.49 -15.72
CA GLY A 83 4.26 -6.87 -16.76
C GLY A 83 2.77 -6.98 -16.49
N GLY A 84 2.34 -6.61 -15.29
CA GLY A 84 0.95 -6.67 -14.91
C GLY A 84 0.78 -6.01 -13.55
N GLU A 85 -0.33 -5.33 -13.37
CA GLU A 85 -0.72 -4.64 -12.14
C GLU A 85 -2.03 -5.23 -11.65
N SER A 86 -2.25 -5.14 -10.35
CA SER A 86 -3.32 -5.88 -9.69
C SER A 86 -4.67 -5.14 -9.77
N ALA A 87 -5.65 -5.55 -8.97
CA ALA A 87 -6.69 -4.62 -8.53
C ALA A 87 -6.05 -3.77 -7.43
N PRO A 88 -6.39 -2.47 -7.32
CA PRO A 88 -5.82 -1.62 -6.28
C PRO A 88 -6.29 -2.13 -4.91
N THR A 89 -5.36 -2.16 -3.98
CA THR A 89 -5.60 -2.39 -2.57
C THR A 89 -5.44 -1.02 -1.91
N THR A 90 -6.55 -0.39 -1.54
CA THR A 90 -6.55 0.84 -0.77
C THR A 90 -7.39 0.60 0.49
N LEU A 91 -6.91 1.06 1.63
CA LEU A 91 -7.63 1.04 2.89
C LEU A 91 -7.58 2.47 3.44
N THR A 92 -8.73 3.04 3.77
CA THR A 92 -8.81 4.37 4.37
C THR A 92 -8.87 4.19 5.90
N GLN A 93 -8.27 5.11 6.66
CA GLN A 93 -8.35 5.14 8.12
C GLN A 93 -8.12 6.58 8.58
N GLN A 94 -8.89 7.04 9.57
CA GLN A 94 -8.68 8.30 10.27
C GLN A 94 -7.88 8.00 11.54
N THR A 95 -6.87 8.82 11.83
CA THR A 95 -5.95 8.63 12.95
C THR A 95 -5.70 9.98 13.62
N MET A 1 -9.63 -1.20 -13.29
CA MET A 1 -10.34 -0.03 -12.74
C MET A 1 -11.82 -0.30 -12.43
N ARG A 2 -12.39 -1.43 -12.84
CA ARG A 2 -13.76 -1.81 -12.55
C ARG A 2 -13.73 -3.25 -12.06
N GLY A 3 -13.04 -3.46 -10.93
CA GLY A 3 -12.35 -4.69 -10.65
C GLY A 3 -11.11 -4.82 -11.54
N SER A 4 -10.28 -5.83 -11.25
CA SER A 4 -9.15 -6.25 -12.06
C SER A 4 -8.74 -7.66 -11.60
N GLU A 5 -8.18 -8.49 -12.48
CA GLU A 5 -7.85 -9.88 -12.20
C GLU A 5 -6.68 -9.98 -11.25
N VAL A 6 -5.51 -9.49 -11.70
CA VAL A 6 -4.17 -9.91 -11.32
C VAL A 6 -4.03 -10.13 -9.80
N PRO A 7 -3.40 -11.20 -9.31
CA PRO A 7 -3.38 -11.52 -7.89
C PRO A 7 -2.65 -10.42 -7.10
N GLN A 8 -3.28 -9.93 -6.05
CA GLN A 8 -2.79 -8.84 -5.19
C GLN A 8 -2.17 -9.40 -3.91
N LEU A 9 -1.66 -8.51 -3.07
CA LEU A 9 -1.35 -8.81 -1.68
C LEU A 9 -2.67 -8.94 -0.93
N THR A 10 -3.24 -10.14 -0.94
CA THR A 10 -4.41 -10.51 -0.19
C THR A 10 -4.21 -10.31 1.33
N ASP A 11 -2.94 -10.25 1.78
CA ASP A 11 -2.56 -9.95 3.17
C ASP A 11 -2.27 -8.47 3.43
N LEU A 12 -2.53 -7.59 2.45
CA LEU A 12 -2.32 -6.15 2.64
C LEU A 12 -3.18 -5.64 3.80
N SER A 13 -2.54 -5.35 4.93
CA SER A 13 -3.16 -4.74 6.07
C SER A 13 -2.19 -3.78 6.73
N PHE A 14 -2.70 -2.90 7.60
CA PHE A 14 -1.90 -1.92 8.30
C PHE A 14 -1.84 -2.33 9.77
N VAL A 15 -0.85 -1.82 10.48
CA VAL A 15 -0.55 -2.12 11.87
C VAL A 15 0.01 -0.82 12.48
N ASP A 16 0.13 -0.77 13.81
CA ASP A 16 0.71 0.31 14.59
C ASP A 16 0.24 1.66 14.02
N ILE A 17 -1.09 1.84 14.03
CA ILE A 17 -1.78 3.02 13.56
C ILE A 17 -1.67 4.06 14.68
N THR A 18 -0.44 4.43 15.01
CA THR A 18 -0.05 5.44 15.98
C THR A 18 -0.33 6.84 15.42
N ASP A 19 -0.11 7.86 16.24
CA ASP A 19 -0.16 9.28 15.87
C ASP A 19 1.12 9.75 15.15
N SER A 20 2.12 8.87 15.07
CA SER A 20 3.49 9.18 14.68
C SER A 20 3.91 8.64 13.33
N SER A 21 3.10 7.75 12.77
CA SER A 21 3.43 6.86 11.68
C SER A 21 2.27 5.92 11.46
N ILE A 22 2.34 5.15 10.37
CA ILE A 22 1.54 3.95 10.21
C ILE A 22 2.49 2.83 9.80
N GLY A 23 2.19 1.59 10.17
CA GLY A 23 2.90 0.41 9.69
C GLY A 23 2.01 -0.34 8.71
N LEU A 24 2.64 -1.18 7.90
CA LEU A 24 2.01 -2.06 6.94
C LEU A 24 2.48 -3.47 7.21
N ARG A 25 1.61 -4.45 6.99
CA ARG A 25 2.05 -5.82 6.76
C ARG A 25 1.48 -6.28 5.43
N TRP A 26 2.12 -7.26 4.84
CA TRP A 26 1.62 -8.08 3.77
C TRP A 26 2.51 -9.34 3.73
N THR A 27 2.29 -10.19 2.73
CA THR A 27 2.95 -11.48 2.59
C THR A 27 4.01 -11.31 1.51
N PRO A 28 5.32 -11.28 1.84
CA PRO A 28 6.36 -11.02 0.85
C PRO A 28 6.29 -12.09 -0.24
N LEU A 29 6.14 -11.68 -1.50
CA LEU A 29 5.93 -12.58 -2.64
C LEU A 29 7.23 -12.98 -3.33
N ASN A 30 8.30 -12.20 -3.13
CA ASN A 30 9.69 -12.45 -3.53
C ASN A 30 9.84 -13.00 -4.95
N SER A 31 8.89 -12.64 -5.82
CA SER A 31 8.71 -13.24 -7.12
C SER A 31 9.62 -12.51 -8.08
N SER A 32 10.73 -13.15 -8.48
CA SER A 32 11.86 -12.71 -9.30
C SER A 32 11.59 -11.88 -10.59
N THR A 33 10.33 -11.61 -10.92
CA THR A 33 9.80 -11.01 -12.13
C THR A 33 9.00 -9.73 -11.84
N ILE A 34 8.67 -9.53 -10.57
CA ILE A 34 7.93 -8.40 -10.02
C ILE A 34 8.67 -7.07 -10.28
N ILE A 35 7.98 -5.93 -10.19
CA ILE A 35 8.63 -4.63 -10.13
C ILE A 35 8.70 -4.16 -8.68
N GLY A 36 7.60 -4.24 -7.93
CA GLY A 36 7.52 -3.70 -6.59
C GLY A 36 6.09 -3.71 -6.03
N TYR A 37 5.90 -3.00 -4.91
CA TYR A 37 4.63 -2.69 -4.27
C TYR A 37 4.68 -1.16 -4.12
N ARG A 38 3.91 -0.44 -4.92
CA ARG A 38 3.85 1.02 -4.92
C ARG A 38 2.86 1.42 -3.83
N ILE A 39 3.28 2.20 -2.85
CA ILE A 39 2.35 2.81 -1.90
C ILE A 39 2.07 4.22 -2.39
N THR A 40 0.87 4.71 -2.14
CA THR A 40 0.44 6.06 -2.40
C THR A 40 -0.53 6.47 -1.30
N VAL A 41 -0.06 7.21 -0.31
CA VAL A 41 -0.95 7.94 0.58
C VAL A 41 -1.51 9.15 -0.17
N VAL A 42 -2.82 9.34 -0.05
CA VAL A 42 -3.51 10.58 -0.35
C VAL A 42 -4.32 10.92 0.91
N ALA A 43 -4.81 12.14 1.04
CA ALA A 43 -5.73 12.46 2.11
C ALA A 43 -7.06 11.83 1.71
N ALA A 44 -7.75 11.18 2.63
CA ALA A 44 -9.13 10.83 2.39
C ALA A 44 -9.94 12.12 2.21
N GLY A 45 -11.13 12.01 1.64
CA GLY A 45 -12.14 13.05 1.69
C GLY A 45 -11.88 14.26 0.78
N GLU A 46 -10.69 14.45 0.18
CA GLU A 46 -10.53 15.35 -0.95
C GLU A 46 -9.47 14.78 -1.87
N GLY A 47 -9.35 15.27 -3.10
CA GLY A 47 -8.39 14.78 -4.08
C GLY A 47 -6.93 15.09 -3.77
N ILE A 48 -6.63 15.77 -2.66
CA ILE A 48 -5.32 16.06 -2.09
C ILE A 48 -4.42 14.80 -2.08
N PRO A 49 -3.42 14.70 -2.96
CA PRO A 49 -2.32 13.76 -2.78
C PRO A 49 -1.55 14.04 -1.48
N ILE A 50 -0.80 13.05 -1.00
CA ILE A 50 0.20 13.23 0.04
C ILE A 50 1.53 12.93 -0.65
N PHE A 51 2.00 11.67 -0.73
CA PHE A 51 3.18 11.32 -1.52
C PHE A 51 3.03 9.93 -2.13
N GLU A 52 3.91 9.56 -3.05
CA GLU A 52 3.98 8.24 -3.68
C GLU A 52 5.30 7.60 -3.26
N ASP A 53 5.35 6.28 -3.10
CA ASP A 53 6.45 5.55 -2.48
C ASP A 53 6.57 4.17 -3.14
N PHE A 54 7.72 3.51 -2.97
CA PHE A 54 8.06 2.23 -3.57
C PHE A 54 8.85 1.41 -2.56
N VAL A 55 8.81 0.08 -2.63
CA VAL A 55 9.74 -0.77 -1.91
C VAL A 55 10.40 -1.74 -2.92
N ASP A 56 11.25 -2.65 -2.43
CA ASP A 56 12.24 -3.35 -3.25
C ASP A 56 11.63 -4.27 -4.30
N SER A 57 10.84 -5.23 -3.82
CA SER A 57 10.28 -6.42 -4.46
C SER A 57 9.98 -7.51 -3.41
N SER A 58 10.87 -7.63 -2.41
CA SER A 58 10.94 -8.75 -1.50
C SER A 58 10.40 -8.43 -0.10
N VAL A 59 9.89 -7.22 0.09
CA VAL A 59 9.43 -6.74 1.39
C VAL A 59 8.08 -7.39 1.72
N GLY A 60 7.79 -7.59 3.00
CA GLY A 60 6.51 -8.05 3.55
C GLY A 60 5.97 -7.12 4.64
N TYR A 61 6.69 -6.07 5.00
CA TYR A 61 6.39 -5.22 6.14
C TYR A 61 7.14 -3.90 5.95
N TYR A 62 6.47 -2.76 6.04
CA TYR A 62 7.14 -1.46 5.93
C TYR A 62 6.40 -0.41 6.76
N THR A 63 7.00 0.76 6.99
CA THR A 63 6.49 1.81 7.88
C THR A 63 6.57 3.18 7.16
N VAL A 64 5.52 3.98 7.29
CA VAL A 64 5.43 5.36 6.82
C VAL A 64 5.79 6.28 8.00
N THR A 65 6.08 7.55 7.75
CA THR A 65 6.10 8.59 8.76
C THR A 65 5.55 9.88 8.12
N GLY A 66 5.64 11.04 8.79
CA GLY A 66 5.25 12.34 8.25
C GLY A 66 3.75 12.50 8.14
N LEU A 67 3.00 11.63 8.82
CA LEU A 67 1.55 11.69 8.91
C LEU A 67 1.17 12.86 9.81
N GLU A 68 -0.06 13.33 9.67
CA GLU A 68 -0.66 14.30 10.56
C GLU A 68 -1.97 13.69 11.02
N PRO A 69 -2.07 13.23 12.28
CA PRO A 69 -3.22 12.53 12.80
C PRO A 69 -4.44 13.45 12.87
N GLY A 70 -5.62 12.87 13.08
CA GLY A 70 -6.89 13.56 13.11
C GLY A 70 -7.48 13.66 11.71
N ILE A 71 -6.65 13.75 10.67
CA ILE A 71 -7.08 13.65 9.29
C ILE A 71 -7.14 12.16 8.95
N ASP A 72 -7.96 11.83 7.96
CA ASP A 72 -8.17 10.49 7.43
C ASP A 72 -7.39 10.36 6.12
N TYR A 73 -6.80 9.19 5.85
CA TYR A 73 -5.75 9.00 4.85
C TYR A 73 -6.04 7.75 4.03
N ASP A 74 -6.18 7.91 2.71
CA ASP A 74 -6.33 6.78 1.80
C ASP A 74 -4.94 6.28 1.46
N ILE A 75 -4.47 5.26 2.18
CA ILE A 75 -3.22 4.62 1.86
C ILE A 75 -3.55 3.57 0.78
N SER A 76 -3.18 3.83 -0.49
CA SER A 76 -3.21 2.82 -1.54
C SER A 76 -1.89 2.10 -1.57
N VAL A 77 -1.95 0.81 -1.92
CA VAL A 77 -0.83 -0.08 -2.09
C VAL A 77 -1.19 -0.95 -3.29
N ILE A 78 -0.46 -0.80 -4.40
CA ILE A 78 -0.68 -1.54 -5.64
C ILE A 78 0.52 -2.45 -5.82
N THR A 79 0.30 -3.75 -6.06
CA THR A 79 1.34 -4.68 -6.47
C THR A 79 1.54 -4.55 -7.98
N LEU A 80 2.80 -4.49 -8.44
CA LEU A 80 3.16 -4.37 -9.85
C LEU A 80 4.09 -5.55 -10.15
N ILE A 81 3.65 -6.47 -11.00
CA ILE A 81 4.30 -7.73 -11.32
C ILE A 81 4.89 -7.67 -12.75
N ASN A 82 5.31 -8.80 -13.32
CA ASN A 82 5.64 -8.91 -14.73
C ASN A 82 4.57 -8.21 -15.57
N GLY A 83 4.94 -7.07 -16.17
CA GLY A 83 4.14 -6.20 -17.01
C GLY A 83 2.64 -6.29 -16.74
N GLY A 84 2.22 -5.90 -15.55
CA GLY A 84 0.85 -6.02 -15.09
C GLY A 84 0.80 -5.57 -13.64
N GLU A 85 -0.38 -5.17 -13.15
CA GLU A 85 -0.56 -4.69 -11.79
C GLU A 85 -1.85 -5.25 -11.25
N SER A 86 -1.92 -5.45 -9.94
CA SER A 86 -3.09 -5.99 -9.27
C SER A 86 -4.09 -4.85 -8.97
N ALA A 87 -5.20 -5.20 -8.33
CA ALA A 87 -6.27 -4.29 -8.01
C ALA A 87 -5.79 -3.27 -6.98
N PRO A 88 -6.31 -2.04 -6.98
CA PRO A 88 -5.97 -1.05 -5.97
C PRO A 88 -6.56 -1.53 -4.63
N THR A 89 -5.68 -2.06 -3.80
CA THR A 89 -5.97 -2.52 -2.46
C THR A 89 -5.68 -1.30 -1.57
N THR A 90 -6.71 -0.50 -1.28
CA THR A 90 -6.59 0.74 -0.50
C THR A 90 -7.36 0.48 0.80
N LEU A 91 -6.95 1.12 1.92
CA LEU A 91 -7.52 0.81 3.22
C LEU A 91 -7.55 2.08 4.09
N THR A 92 -8.42 3.02 3.72
CA THR A 92 -8.42 4.36 4.32
C THR A 92 -8.98 4.27 5.74
N GLN A 93 -8.31 4.91 6.68
CA GLN A 93 -8.57 4.91 8.12
C GLN A 93 -7.94 6.15 8.75
N GLN A 94 -8.64 6.74 9.72
CA GLN A 94 -8.25 7.99 10.34
C GLN A 94 -7.40 7.71 11.58
N THR A 95 -6.60 8.72 11.97
CA THR A 95 -5.73 8.68 13.15
C THR A 95 -4.90 7.40 13.08
N MET A 1 -8.62 -23.34 -15.88
CA MET A 1 -8.66 -22.27 -14.87
C MET A 1 -8.88 -20.94 -15.56
N ARG A 2 -9.81 -20.12 -15.06
CA ARG A 2 -9.98 -18.72 -15.47
C ARG A 2 -10.32 -17.90 -14.23
N GLY A 3 -10.72 -16.65 -14.41
CA GLY A 3 -11.32 -15.87 -13.34
C GLY A 3 -10.28 -15.26 -12.42
N SER A 4 -9.13 -14.85 -12.97
CA SER A 4 -8.13 -14.03 -12.32
C SER A 4 -7.42 -13.24 -13.41
N GLU A 5 -7.02 -12.00 -13.13
CA GLU A 5 -5.98 -11.33 -13.87
C GLU A 5 -4.68 -11.49 -13.07
N VAL A 6 -4.18 -10.44 -12.42
CA VAL A 6 -2.96 -10.44 -11.63
C VAL A 6 -3.32 -10.64 -10.14
N PRO A 7 -2.51 -11.36 -9.35
CA PRO A 7 -2.76 -11.51 -7.92
C PRO A 7 -2.36 -10.25 -7.14
N GLN A 8 -3.30 -9.61 -6.43
CA GLN A 8 -3.04 -8.47 -5.56
C GLN A 8 -2.50 -8.92 -4.20
N LEU A 9 -2.03 -7.99 -3.38
CA LEU A 9 -1.75 -8.24 -1.96
C LEU A 9 -3.08 -8.42 -1.22
N THR A 10 -3.66 -9.61 -1.33
CA THR A 10 -4.94 -10.01 -0.75
C THR A 10 -4.88 -10.02 0.79
N ASP A 11 -3.69 -9.97 1.38
CA ASP A 11 -3.46 -9.91 2.83
C ASP A 11 -2.83 -8.57 3.23
N LEU A 12 -3.04 -7.53 2.41
CA LEU A 12 -2.68 -6.15 2.76
C LEU A 12 -3.36 -5.71 4.06
N SER A 13 -2.59 -5.21 5.03
CA SER A 13 -3.11 -4.62 6.24
C SER A 13 -2.19 -3.50 6.75
N PHE A 14 -2.70 -2.68 7.67
CA PHE A 14 -1.93 -1.71 8.44
C PHE A 14 -1.90 -2.16 9.89
N VAL A 15 -0.88 -1.74 10.61
CA VAL A 15 -0.64 -1.99 12.02
C VAL A 15 0.05 -0.73 12.58
N ASP A 16 0.28 -0.68 13.89
CA ASP A 16 1.24 0.22 14.52
C ASP A 16 0.88 1.67 14.12
N ILE A 17 -0.41 1.98 14.24
CA ILE A 17 -1.04 3.23 13.84
C ILE A 17 -0.76 4.26 14.94
N THR A 18 0.51 4.63 15.08
CA THR A 18 1.00 5.63 16.03
C THR A 18 0.45 7.01 15.64
N ASP A 19 0.77 8.03 16.45
CA ASP A 19 0.66 9.45 16.08
C ASP A 19 1.77 9.91 15.13
N SER A 20 2.72 9.02 14.81
CA SER A 20 4.01 9.40 14.24
C SER A 20 4.39 8.70 12.94
N SER A 21 3.70 7.64 12.60
CA SER A 21 3.99 6.71 11.54
C SER A 21 2.83 5.71 11.43
N ILE A 22 2.79 4.93 10.36
CA ILE A 22 1.84 3.81 10.24
C ILE A 22 2.59 2.60 9.71
N GLY A 23 2.53 1.49 10.45
CA GLY A 23 3.09 0.23 10.02
C GLY A 23 2.15 -0.47 9.03
N LEU A 24 2.69 -1.42 8.28
CA LEU A 24 1.95 -2.22 7.31
C LEU A 24 2.33 -3.68 7.50
N ARG A 25 1.48 -4.58 7.00
CA ARG A 25 1.91 -5.95 6.72
C ARG A 25 1.29 -6.34 5.39
N TRP A 26 1.98 -7.19 4.64
CA TRP A 26 1.38 -8.01 3.60
C TRP A 26 2.29 -9.22 3.36
N THR A 27 1.85 -10.19 2.54
CA THR A 27 2.63 -11.35 2.15
C THR A 27 3.60 -10.95 1.04
N PRO A 28 4.92 -10.83 1.30
CA PRO A 28 5.87 -10.57 0.23
C PRO A 28 5.81 -11.71 -0.79
N LEU A 29 5.77 -11.33 -2.05
CA LEU A 29 5.98 -12.17 -3.21
C LEU A 29 7.43 -12.03 -3.60
N ASN A 30 8.08 -13.16 -3.87
CA ASN A 30 9.47 -13.25 -4.30
C ASN A 30 9.47 -13.97 -5.66
N SER A 31 8.45 -13.69 -6.46
CA SER A 31 8.19 -14.23 -7.78
C SER A 31 9.07 -13.51 -8.78
N SER A 32 10.17 -14.13 -9.21
CA SER A 32 11.22 -13.56 -10.04
C SER A 32 10.71 -13.04 -11.40
N THR A 33 10.18 -11.82 -11.41
CA THR A 33 9.42 -11.09 -12.42
C THR A 33 8.77 -9.85 -11.79
N ILE A 34 8.53 -9.87 -10.47
CA ILE A 34 7.95 -8.80 -9.68
C ILE A 34 8.86 -7.56 -9.73
N ILE A 35 8.34 -6.37 -9.42
CA ILE A 35 9.14 -5.15 -9.35
C ILE A 35 9.00 -4.59 -7.94
N GLY A 36 7.78 -4.49 -7.41
CA GLY A 36 7.57 -4.03 -6.05
C GLY A 36 6.11 -3.80 -5.75
N TYR A 37 5.85 -2.92 -4.77
CA TYR A 37 4.53 -2.54 -4.33
C TYR A 37 4.62 -1.03 -4.16
N ARG A 38 3.70 -0.27 -4.74
CA ARG A 38 3.69 1.18 -4.70
C ARG A 38 2.70 1.61 -3.64
N ILE A 39 3.17 2.28 -2.59
CA ILE A 39 2.29 2.88 -1.60
C ILE A 39 1.99 4.29 -2.06
N THR A 40 0.82 4.78 -1.69
CA THR A 40 0.37 6.13 -1.85
C THR A 40 -0.50 6.42 -0.63
N VAL A 41 -0.52 7.65 -0.18
CA VAL A 41 -1.31 8.11 0.95
C VAL A 41 -1.89 9.43 0.49
N VAL A 42 -3.19 9.61 0.72
CA VAL A 42 -3.99 10.75 0.35
C VAL A 42 -4.89 11.10 1.54
N ALA A 43 -5.47 12.29 1.56
CA ALA A 43 -6.55 12.59 2.51
C ALA A 43 -7.81 11.97 1.93
N ALA A 44 -8.44 11.05 2.65
CA ALA A 44 -9.82 10.55 2.56
C ALA A 44 -10.42 10.24 1.17
N GLY A 45 -9.61 10.10 0.11
CA GLY A 45 -10.12 10.13 -1.26
C GLY A 45 -10.75 11.48 -1.61
N GLU A 46 -10.37 12.53 -0.89
CA GLU A 46 -10.81 13.93 -1.00
C GLU A 46 -10.26 14.59 -2.28
N GLY A 47 -9.58 13.84 -3.15
CA GLY A 47 -8.77 14.31 -4.27
C GLY A 47 -7.35 14.54 -3.78
N ILE A 48 -7.22 15.35 -2.71
CA ILE A 48 -6.00 15.80 -2.06
C ILE A 48 -5.00 14.65 -1.86
N PRO A 49 -3.92 14.57 -2.67
CA PRO A 49 -2.84 13.62 -2.48
C PRO A 49 -1.89 14.13 -1.39
N ILE A 50 -1.28 13.21 -0.63
CA ILE A 50 -0.24 13.54 0.33
C ILE A 50 1.09 13.15 -0.32
N PHE A 51 1.48 11.88 -0.40
CA PHE A 51 2.71 11.48 -1.10
C PHE A 51 2.59 10.04 -1.63
N GLU A 52 3.58 9.63 -2.42
CA GLU A 52 3.75 8.25 -2.88
C GLU A 52 5.06 7.70 -2.34
N ASP A 53 5.14 6.39 -2.18
CA ASP A 53 6.33 5.70 -1.73
C ASP A 53 6.40 4.34 -2.41
N PHE A 54 7.56 3.70 -2.34
CA PHE A 54 7.82 2.42 -2.95
C PHE A 54 8.63 1.59 -1.96
N VAL A 55 8.65 0.27 -2.12
CA VAL A 55 9.45 -0.60 -1.28
C VAL A 55 10.35 -1.45 -2.17
N ASP A 56 11.13 -2.36 -1.58
CA ASP A 56 12.26 -3.05 -2.21
C ASP A 56 11.82 -3.82 -3.44
N SER A 57 11.05 -4.86 -3.17
CA SER A 57 10.44 -5.82 -4.08
C SER A 57 9.68 -6.85 -3.29
N SER A 58 10.23 -7.33 -2.19
CA SER A 58 9.62 -8.42 -1.44
C SER A 58 9.71 -8.06 0.03
N VAL A 59 9.29 -6.82 0.27
CA VAL A 59 9.17 -6.32 1.64
C VAL A 59 7.92 -6.95 2.27
N GLY A 60 8.08 -7.61 3.42
CA GLY A 60 7.03 -8.34 4.14
C GLY A 60 6.51 -7.60 5.40
N TYR A 61 7.08 -6.43 5.68
CA TYR A 61 6.63 -5.45 6.66
C TYR A 61 7.25 -4.11 6.27
N TYR A 62 6.48 -3.03 6.25
CA TYR A 62 6.92 -1.68 5.90
C TYR A 62 6.31 -0.73 6.93
N THR A 63 6.81 0.48 7.03
CA THR A 63 6.24 1.54 7.85
C THR A 63 6.41 2.83 7.06
N VAL A 64 5.45 3.74 7.19
CA VAL A 64 5.47 5.06 6.58
C VAL A 64 5.62 6.06 7.72
N THR A 65 6.34 7.15 7.49
CA THR A 65 6.43 8.26 8.44
C THR A 65 6.10 9.55 7.65
N GLY A 66 6.17 10.70 8.32
CA GLY A 66 5.88 12.00 7.74
C GLY A 66 4.40 12.24 7.51
N LEU A 67 3.54 11.40 8.09
CA LEU A 67 2.12 11.62 8.16
C LEU A 67 1.85 12.78 9.13
N GLU A 68 0.62 13.30 9.09
CA GLU A 68 0.12 14.36 9.96
C GLU A 68 -1.25 13.93 10.50
N PRO A 69 -1.35 13.53 11.79
CA PRO A 69 -2.59 13.03 12.37
C PRO A 69 -3.60 14.16 12.53
N GLY A 70 -4.88 13.82 12.50
CA GLY A 70 -6.01 14.72 12.58
C GLY A 70 -6.92 14.48 11.39
N ILE A 71 -6.34 14.34 10.19
CA ILE A 71 -7.10 14.10 8.97
C ILE A 71 -7.39 12.60 8.85
N ASP A 72 -8.33 12.28 7.96
CA ASP A 72 -8.81 10.95 7.58
C ASP A 72 -8.13 10.60 6.25
N TYR A 73 -7.66 9.38 6.06
CA TYR A 73 -6.63 9.04 5.09
C TYR A 73 -7.03 7.79 4.30
N ASP A 74 -6.72 7.76 2.99
CA ASP A 74 -6.94 6.61 2.09
C ASP A 74 -5.60 6.00 1.69
N ILE A 75 -5.12 5.04 2.47
CA ILE A 75 -3.78 4.50 2.35
C ILE A 75 -3.87 3.44 1.25
N SER A 76 -3.23 3.73 0.14
CA SER A 76 -3.41 3.09 -1.14
C SER A 76 -2.15 2.30 -1.47
N VAL A 77 -2.25 1.01 -1.77
CA VAL A 77 -1.11 0.13 -1.96
C VAL A 77 -1.40 -0.70 -3.22
N ILE A 78 -0.75 -0.34 -4.34
CA ILE A 78 -0.80 -1.11 -5.57
C ILE A 78 0.26 -2.20 -5.45
N THR A 79 -0.05 -3.35 -6.02
CA THR A 79 0.85 -4.47 -6.23
C THR A 79 1.16 -4.49 -7.73
N LEU A 80 2.44 -4.59 -8.14
CA LEU A 80 2.79 -4.59 -9.55
C LEU A 80 3.73 -5.75 -9.84
N ILE A 81 3.69 -6.28 -11.06
CA ILE A 81 4.58 -7.33 -11.55
C ILE A 81 5.05 -6.97 -12.95
N ASN A 82 5.88 -7.83 -13.56
CA ASN A 82 6.25 -7.81 -14.98
C ASN A 82 5.06 -7.36 -15.82
N GLY A 83 5.20 -6.23 -16.51
CA GLY A 83 4.19 -5.66 -17.41
C GLY A 83 2.78 -5.83 -16.85
N GLY A 84 2.56 -5.52 -15.57
CA GLY A 84 1.35 -5.94 -14.88
C GLY A 84 1.11 -5.08 -13.64
N GLU A 85 -0.15 -5.00 -13.23
CA GLU A 85 -0.63 -4.22 -12.10
C GLU A 85 -1.86 -4.96 -11.58
N SER A 86 -1.91 -5.24 -10.28
CA SER A 86 -3.07 -5.81 -9.63
C SER A 86 -4.04 -4.68 -9.23
N ALA A 87 -5.15 -5.05 -8.60
CA ALA A 87 -6.11 -4.06 -8.15
C ALA A 87 -5.45 -3.07 -7.18
N PRO A 88 -5.80 -1.77 -7.25
CA PRO A 88 -5.38 -0.79 -6.26
C PRO A 88 -6.11 -1.08 -4.95
N THR A 89 -5.45 -1.73 -4.00
CA THR A 89 -6.05 -2.00 -2.71
C THR A 89 -5.83 -0.74 -1.90
N THR A 90 -6.91 -0.18 -1.35
CA THR A 90 -6.84 0.94 -0.42
C THR A 90 -7.60 0.49 0.83
N LEU A 91 -7.28 1.10 1.97
CA LEU A 91 -8.00 0.98 3.22
C LEU A 91 -8.00 2.38 3.84
N THR A 92 -9.09 2.81 4.47
CA THR A 92 -9.10 4.07 5.21
C THR A 92 -8.40 3.84 6.57
N GLN A 93 -7.70 4.86 7.10
CA GLN A 93 -7.45 5.02 8.54
C GLN A 93 -7.61 6.49 8.89
N GLN A 94 -7.86 6.77 10.17
CA GLN A 94 -7.94 8.09 10.76
C GLN A 94 -6.99 8.16 11.94
N THR A 95 -6.35 9.32 12.14
CA THR A 95 -5.64 9.68 13.37
C THR A 95 -4.75 8.55 13.89
N MET A 1 -4.20 -22.96 -17.42
CA MET A 1 -4.61 -21.93 -18.40
C MET A 1 -5.24 -20.74 -17.68
N ARG A 2 -4.50 -19.62 -17.58
CA ARG A 2 -4.97 -18.24 -17.37
C ARG A 2 -6.20 -18.12 -16.47
N GLY A 3 -5.99 -18.33 -15.18
CA GLY A 3 -6.97 -17.99 -14.15
C GLY A 3 -6.60 -16.61 -13.64
N SER A 4 -7.59 -15.71 -13.61
CA SER A 4 -7.50 -14.29 -13.29
C SER A 4 -6.33 -13.57 -14.00
N GLU A 5 -5.91 -12.40 -13.52
CA GLU A 5 -4.94 -11.54 -14.19
C GLU A 5 -3.71 -11.35 -13.30
N VAL A 6 -3.79 -10.56 -12.22
CA VAL A 6 -2.67 -10.41 -11.28
C VAL A 6 -3.25 -10.49 -9.86
N PRO A 7 -2.65 -11.27 -8.92
CA PRO A 7 -3.19 -11.45 -7.57
C PRO A 7 -2.85 -10.27 -6.65
N GLN A 8 -3.87 -9.61 -6.09
CA GLN A 8 -3.72 -8.49 -5.17
C GLN A 8 -3.27 -8.95 -3.80
N LEU A 9 -2.77 -8.03 -2.97
CA LEU A 9 -2.30 -8.37 -1.63
C LEU A 9 -3.48 -8.63 -0.69
N THR A 10 -4.03 -9.83 -0.77
CA THR A 10 -4.99 -10.42 0.15
C THR A 10 -4.47 -10.43 1.62
N ASP A 11 -3.19 -10.16 1.82
CA ASP A 11 -2.58 -10.04 3.14
C ASP A 11 -2.16 -8.61 3.51
N LEU A 12 -2.48 -7.61 2.67
CA LEU A 12 -2.30 -6.20 3.00
C LEU A 12 -3.04 -5.87 4.30
N SER A 13 -2.30 -5.44 5.32
CA SER A 13 -2.80 -4.82 6.53
C SER A 13 -1.87 -3.69 6.96
N PHE A 14 -2.34 -2.83 7.86
CA PHE A 14 -1.49 -1.89 8.58
C PHE A 14 -1.40 -2.37 10.02
N VAL A 15 -0.32 -1.99 10.70
CA VAL A 15 -0.01 -2.24 12.07
C VAL A 15 0.74 -1.01 12.60
N ASP A 16 1.04 -0.97 13.90
CA ASP A 16 1.89 0.06 14.52
C ASP A 16 1.42 1.45 14.08
N ILE A 17 0.10 1.66 14.10
CA ILE A 17 -0.57 2.89 13.71
C ILE A 17 -0.44 3.84 14.90
N THR A 18 0.79 4.19 15.27
CA THR A 18 1.07 5.26 16.21
C THR A 18 0.61 6.60 15.61
N ASP A 19 0.54 7.62 16.47
CA ASP A 19 0.32 9.02 16.09
C ASP A 19 1.58 9.64 15.48
N SER A 20 2.64 8.86 15.28
CA SER A 20 3.98 9.26 14.84
C SER A 20 4.55 8.55 13.61
N SER A 21 3.82 7.60 13.04
CA SER A 21 4.12 6.77 11.87
C SER A 21 2.98 5.76 11.65
N ILE A 22 2.94 5.10 10.50
CA ILE A 22 2.09 3.91 10.30
C ILE A 22 3.00 2.77 9.84
N GLY A 23 2.76 1.56 10.33
CA GLY A 23 3.38 0.35 9.83
C GLY A 23 2.45 -0.33 8.85
N LEU A 24 3.02 -1.16 7.97
CA LEU A 24 2.30 -1.99 7.01
C LEU A 24 2.78 -3.41 7.18
N ARG A 25 1.92 -4.37 6.82
CA ARG A 25 2.29 -5.78 6.74
C ARG A 25 1.64 -6.34 5.49
N TRP A 26 2.33 -7.22 4.78
CA TRP A 26 1.74 -8.05 3.72
C TRP A 26 2.62 -9.29 3.47
N THR A 27 2.26 -10.09 2.45
CA THR A 27 2.95 -11.30 2.05
C THR A 27 3.88 -10.93 0.89
N PRO A 28 5.21 -10.88 1.05
CA PRO A 28 6.09 -10.62 -0.08
C PRO A 28 5.87 -11.73 -1.13
N LEU A 29 5.64 -11.29 -2.37
CA LEU A 29 5.36 -12.11 -3.53
C LEU A 29 6.68 -12.32 -4.22
N ASN A 30 7.33 -13.45 -3.99
CA ASN A 30 8.65 -13.75 -4.53
C ASN A 30 8.59 -14.10 -6.03
N SER A 31 7.61 -13.56 -6.77
CA SER A 31 7.47 -13.87 -8.18
C SER A 31 8.69 -13.27 -8.87
N SER A 32 9.39 -14.02 -9.71
CA SER A 32 10.62 -13.58 -10.38
C SER A 32 10.32 -12.63 -11.54
N THR A 33 9.55 -11.57 -11.27
CA THR A 33 8.88 -10.74 -12.28
C THR A 33 8.07 -9.61 -11.61
N ILE A 34 7.80 -9.69 -10.31
CA ILE A 34 7.24 -8.59 -9.53
C ILE A 34 8.21 -7.40 -9.64
N ILE A 35 7.71 -6.16 -9.74
CA ILE A 35 8.58 -5.00 -9.66
C ILE A 35 8.74 -4.71 -8.17
N GLY A 36 7.65 -4.33 -7.52
CA GLY A 36 7.64 -3.80 -6.18
C GLY A 36 6.21 -3.70 -5.69
N TYR A 37 6.05 -3.00 -4.57
CA TYR A 37 4.75 -2.52 -4.11
C TYR A 37 4.92 -1.01 -3.96
N ARG A 38 3.93 -0.24 -4.37
CA ARG A 38 3.98 1.21 -4.41
C ARG A 38 2.84 1.73 -3.57
N ILE A 39 3.16 2.47 -2.52
CA ILE A 39 2.20 3.05 -1.63
C ILE A 39 1.94 4.47 -2.16
N THR A 40 0.73 4.98 -1.95
CA THR A 40 0.30 6.31 -2.30
C THR A 40 -0.67 6.68 -1.18
N VAL A 41 -0.24 7.50 -0.23
CA VAL A 41 -1.12 8.10 0.75
C VAL A 41 -1.72 9.38 0.16
N VAL A 42 -3.04 9.48 0.20
CA VAL A 42 -3.78 10.68 -0.15
C VAL A 42 -4.63 11.06 1.07
N ALA A 43 -5.14 12.29 1.09
CA ALA A 43 -6.07 12.75 2.11
C ALA A 43 -7.48 12.46 1.59
N ALA A 44 -8.14 11.51 2.24
CA ALA A 44 -9.47 11.01 1.97
C ALA A 44 -9.71 10.66 0.49
N GLY A 45 -10.98 10.48 0.15
CA GLY A 45 -11.46 10.53 -1.21
C GLY A 45 -11.23 11.88 -1.91
N GLU A 46 -10.50 12.85 -1.36
CA GLU A 46 -10.31 14.13 -2.01
C GLU A 46 -9.21 14.01 -3.08
N GLY A 47 -8.46 12.91 -3.08
CA GLY A 47 -7.42 12.58 -4.04
C GLY A 47 -6.14 13.40 -3.87
N ILE A 48 -6.20 14.45 -3.04
CA ILE A 48 -5.11 15.27 -2.55
C ILE A 48 -3.93 14.39 -2.07
N PRO A 49 -2.82 14.31 -2.83
CA PRO A 49 -1.71 13.42 -2.53
C PRO A 49 -0.91 13.97 -1.35
N ILE A 50 -0.68 13.14 -0.33
CA ILE A 50 0.26 13.45 0.75
C ILE A 50 1.66 13.04 0.26
N PHE A 51 1.84 11.73 -0.01
CA PHE A 51 3.14 11.10 -0.17
C PHE A 51 2.95 9.87 -1.04
N GLU A 52 4.00 9.44 -1.71
CA GLU A 52 4.04 8.22 -2.50
C GLU A 52 5.43 7.64 -2.31
N ASP A 53 5.52 6.33 -2.42
CA ASP A 53 6.59 5.60 -1.79
C ASP A 53 6.67 4.18 -2.35
N PHE A 54 7.84 3.58 -2.21
CA PHE A 54 8.23 2.36 -2.88
C PHE A 54 8.95 1.47 -1.88
N VAL A 55 8.93 0.17 -2.10
CA VAL A 55 9.75 -0.78 -1.37
C VAL A 55 10.51 -1.64 -2.38
N ASP A 56 11.29 -2.62 -1.90
CA ASP A 56 12.33 -3.26 -2.71
C ASP A 56 11.73 -4.11 -3.83
N SER A 57 10.90 -5.08 -3.45
CA SER A 57 10.45 -6.23 -4.23
C SER A 57 9.95 -7.36 -3.33
N SER A 58 10.64 -7.69 -2.23
CA SER A 58 10.18 -8.77 -1.34
C SER A 58 10.15 -8.29 0.10
N VAL A 59 9.77 -7.03 0.25
CA VAL A 59 9.44 -6.48 1.57
C VAL A 59 8.09 -7.06 1.98
N GLY A 60 7.95 -7.53 3.23
CA GLY A 60 6.69 -7.99 3.84
C GLY A 60 6.26 -7.17 5.05
N TYR A 61 7.09 -6.23 5.50
CA TYR A 61 6.82 -5.27 6.57
C TYR A 61 7.46 -3.94 6.14
N TYR A 62 6.73 -2.83 6.22
CA TYR A 62 7.23 -1.49 5.89
C TYR A 62 6.63 -0.51 6.90
N THR A 63 7.15 0.71 6.97
CA THR A 63 6.69 1.75 7.89
C THR A 63 6.94 3.13 7.28
N VAL A 64 6.07 4.08 7.56
CA VAL A 64 5.96 5.36 6.90
C VAL A 64 5.78 6.45 7.94
N THR A 65 6.10 7.70 7.60
CA THR A 65 6.12 8.83 8.52
C THR A 65 5.52 10.05 7.80
N GLY A 66 5.41 11.18 8.51
CA GLY A 66 4.88 12.41 7.94
C GLY A 66 3.37 12.32 7.74
N LEU A 67 2.71 11.44 8.49
CA LEU A 67 1.27 11.48 8.71
C LEU A 67 1.00 12.63 9.69
N GLU A 68 -0.25 13.04 9.80
CA GLU A 68 -0.73 13.98 10.81
C GLU A 68 -2.14 13.55 11.22
N PRO A 69 -2.47 13.54 12.53
CA PRO A 69 -3.81 13.19 12.98
C PRO A 69 -4.85 14.22 12.56
N GLY A 70 -6.12 13.82 12.59
CA GLY A 70 -7.28 14.68 12.44
C GLY A 70 -7.84 14.71 11.02
N ILE A 71 -7.10 14.22 10.04
CA ILE A 71 -7.54 14.09 8.64
C ILE A 71 -7.66 12.60 8.33
N ASP A 72 -8.56 12.28 7.39
CA ASP A 72 -8.78 10.95 6.82
C ASP A 72 -7.73 10.70 5.77
N TYR A 73 -7.01 9.58 5.85
CA TYR A 73 -5.93 9.24 4.93
C TYR A 73 -6.34 7.97 4.18
N ASP A 74 -6.44 8.04 2.85
CA ASP A 74 -6.57 6.88 1.97
C ASP A 74 -5.17 6.36 1.71
N ILE A 75 -4.82 5.29 2.40
CA ILE A 75 -3.49 4.70 2.39
C ILE A 75 -3.55 3.63 1.32
N SER A 76 -3.24 3.98 0.07
CA SER A 76 -3.33 3.05 -1.04
C SER A 76 -1.98 2.41 -1.29
N VAL A 77 -1.99 1.17 -1.79
CA VAL A 77 -0.86 0.29 -1.97
C VAL A 77 -1.23 -0.51 -3.23
N ILE A 78 -0.38 -0.47 -4.25
CA ILE A 78 -0.56 -1.17 -5.51
C ILE A 78 0.60 -2.15 -5.64
N THR A 79 0.30 -3.34 -6.14
CA THR A 79 1.22 -4.43 -6.37
C THR A 79 1.44 -4.52 -7.89
N LEU A 80 2.68 -4.28 -8.34
CA LEU A 80 3.04 -4.13 -9.74
C LEU A 80 3.98 -5.26 -10.16
N ILE A 81 3.76 -5.82 -11.34
CA ILE A 81 4.46 -6.95 -11.92
C ILE A 81 4.79 -6.65 -13.39
N ASN A 82 5.39 -7.63 -14.09
CA ASN A 82 5.43 -7.71 -15.55
C ASN A 82 4.16 -7.18 -16.20
N GLY A 83 4.26 -5.98 -16.79
CA GLY A 83 3.25 -5.44 -17.67
C GLY A 83 1.84 -5.43 -17.05
N GLY A 84 1.71 -5.31 -15.73
CA GLY A 84 0.43 -5.42 -15.07
C GLY A 84 0.53 -4.98 -13.63
N GLU A 85 -0.62 -4.62 -13.09
CA GLU A 85 -0.83 -4.17 -11.73
C GLU A 85 -2.04 -4.97 -11.22
N SER A 86 -2.09 -5.21 -9.91
CA SER A 86 -3.18 -5.96 -9.30
C SER A 86 -4.35 -5.03 -9.01
N ALA A 87 -5.37 -5.50 -8.28
CA ALA A 87 -6.37 -4.59 -7.71
C ALA A 87 -5.67 -3.63 -6.76
N PRO A 88 -6.11 -2.36 -6.66
CA PRO A 88 -5.61 -1.47 -5.64
C PRO A 88 -6.00 -2.03 -4.28
N THR A 89 -5.07 -2.01 -3.34
CA THR A 89 -5.32 -2.36 -1.96
C THR A 89 -5.22 -1.05 -1.18
N THR A 90 -6.35 -0.42 -0.92
CA THR A 90 -6.44 0.83 -0.17
C THR A 90 -7.19 0.54 1.12
N LEU A 91 -6.77 1.20 2.20
CA LEU A 91 -7.42 1.19 3.49
C LEU A 91 -7.45 2.64 3.93
N THR A 92 -8.64 3.26 3.98
CA THR A 92 -8.75 4.61 4.53
C THR A 92 -8.89 4.51 6.05
N GLN A 93 -8.51 5.57 6.78
CA GLN A 93 -8.74 5.71 8.21
C GLN A 93 -8.56 7.18 8.60
N GLN A 94 -9.52 7.72 9.34
CA GLN A 94 -9.41 9.02 9.98
C GLN A 94 -8.94 8.86 11.43
N THR A 95 -7.64 8.65 11.61
CA THR A 95 -6.97 8.75 12.91
C THR A 95 -7.60 7.78 13.92
N MET A 1 -14.33 -16.58 -14.11
CA MET A 1 -14.96 -15.70 -15.13
C MET A 1 -15.64 -14.53 -14.45
N ARG A 2 -14.92 -13.41 -14.32
CA ARG A 2 -15.38 -12.08 -13.88
C ARG A 2 -14.28 -11.04 -13.81
N GLY A 3 -13.00 -11.43 -13.80
CA GLY A 3 -11.92 -10.58 -13.34
C GLY A 3 -10.88 -11.45 -12.64
N SER A 4 -10.13 -10.87 -11.69
CA SER A 4 -9.21 -11.53 -10.78
C SER A 4 -8.07 -12.29 -11.48
N GLU A 5 -7.41 -11.65 -12.46
CA GLU A 5 -6.19 -12.14 -13.09
C GLU A 5 -5.04 -12.13 -12.06
N VAL A 6 -4.42 -10.98 -11.78
CA VAL A 6 -3.25 -10.96 -10.93
C VAL A 6 -3.78 -11.14 -9.49
N PRO A 7 -3.19 -12.02 -8.67
CA PRO A 7 -3.56 -12.16 -7.27
C PRO A 7 -2.96 -10.96 -6.56
N GLN A 8 -3.79 -10.09 -5.99
CA GLN A 8 -3.37 -8.89 -5.28
C GLN A 8 -2.75 -9.21 -3.92
N LEU A 9 -2.28 -8.18 -3.22
CA LEU A 9 -2.02 -8.24 -1.79
C LEU A 9 -3.35 -8.33 -1.06
N THR A 10 -3.92 -9.52 -1.08
CA THR A 10 -5.09 -9.90 -0.28
C THR A 10 -4.75 -9.74 1.21
N ASP A 11 -3.47 -9.90 1.57
CA ASP A 11 -2.95 -9.76 2.92
C ASP A 11 -2.63 -8.32 3.33
N LEU A 12 -2.93 -7.32 2.49
CA LEU A 12 -2.59 -5.92 2.76
C LEU A 12 -3.34 -5.43 3.99
N SER A 13 -2.63 -5.04 5.05
CA SER A 13 -3.20 -4.32 6.18
C SER A 13 -2.19 -3.44 6.90
N PHE A 14 -2.69 -2.53 7.73
CA PHE A 14 -1.87 -1.60 8.48
C PHE A 14 -1.65 -2.15 9.88
N VAL A 15 -0.63 -1.65 10.54
CA VAL A 15 -0.23 -1.98 11.89
C VAL A 15 0.33 -0.69 12.52
N ASP A 16 0.62 -0.71 13.82
CA ASP A 16 1.44 0.29 14.48
C ASP A 16 0.84 1.69 14.30
N ILE A 17 -0.49 1.80 14.49
CA ILE A 17 -1.31 2.96 14.16
C ILE A 17 -1.18 4.03 15.28
N THR A 18 0.06 4.39 15.61
CA THR A 18 0.41 5.43 16.57
C THR A 18 0.30 6.81 15.90
N ASP A 19 0.48 7.87 16.68
CA ASP A 19 0.39 9.26 16.19
C ASP A 19 1.67 9.72 15.48
N SER A 20 2.69 8.85 15.40
CA SER A 20 4.07 9.16 15.01
C SER A 20 4.63 8.32 13.86
N SER A 21 3.84 7.39 13.33
CA SER A 21 3.97 6.76 12.02
C SER A 21 2.73 5.88 11.83
N ILE A 22 2.55 5.29 10.66
CA ILE A 22 1.68 4.13 10.47
C ILE A 22 2.55 3.02 9.89
N GLY A 23 2.29 1.78 10.27
CA GLY A 23 2.96 0.61 9.73
C GLY A 23 2.07 -0.08 8.71
N LEU A 24 2.65 -0.95 7.89
CA LEU A 24 1.96 -1.85 6.98
C LEU A 24 2.51 -3.26 7.16
N ARG A 25 1.70 -4.23 6.77
CA ARG A 25 2.17 -5.59 6.53
C ARG A 25 1.48 -6.08 5.28
N TRP A 26 2.15 -6.93 4.52
CA TRP A 26 1.53 -7.77 3.50
C TRP A 26 2.38 -9.02 3.29
N THR A 27 1.96 -9.91 2.38
CA THR A 27 2.63 -11.16 2.09
C THR A 27 3.57 -10.89 0.92
N PRO A 28 4.90 -10.83 1.12
CA PRO A 28 5.83 -10.57 0.05
C PRO A 28 5.76 -11.69 -0.99
N LEU A 29 5.80 -11.29 -2.25
CA LEU A 29 5.88 -12.14 -3.42
C LEU A 29 7.34 -12.24 -3.78
N ASN A 30 7.82 -13.46 -4.03
CA ASN A 30 9.22 -13.76 -4.34
C ASN A 30 9.36 -14.08 -5.83
N SER A 31 8.37 -13.69 -6.65
CA SER A 31 8.26 -14.22 -8.00
C SER A 31 9.48 -13.77 -8.83
N SER A 32 9.82 -14.46 -9.93
CA SER A 32 10.91 -14.10 -10.82
C SER A 32 10.48 -13.02 -11.83
N THR A 33 9.76 -11.98 -11.38
CA THR A 33 9.19 -10.96 -12.26
C THR A 33 8.58 -9.78 -11.49
N ILE A 34 8.24 -9.98 -10.21
CA ILE A 34 7.59 -8.96 -9.39
C ILE A 34 8.54 -7.77 -9.21
N ILE A 35 8.12 -6.58 -9.63
CA ILE A 35 9.01 -5.42 -9.53
C ILE A 35 8.91 -4.87 -8.13
N GLY A 36 7.69 -4.71 -7.61
CA GLY A 36 7.55 -4.16 -6.28
C GLY A 36 6.14 -3.73 -5.93
N TYR A 37 6.06 -2.77 -5.02
CA TYR A 37 4.79 -2.24 -4.54
C TYR A 37 4.97 -0.73 -4.43
N ARG A 38 3.89 0.00 -4.71
CA ARG A 38 3.84 1.44 -4.81
C ARG A 38 2.79 1.94 -3.85
N ILE A 39 3.17 2.76 -2.86
CA ILE A 39 2.32 3.12 -1.74
C ILE A 39 2.02 4.60 -1.83
N THR A 40 0.75 4.93 -2.03
CA THR A 40 0.34 6.28 -2.40
C THR A 40 -0.70 6.68 -1.39
N VAL A 41 -0.30 7.53 -0.46
CA VAL A 41 -1.19 8.12 0.52
C VAL A 41 -1.79 9.39 -0.04
N VAL A 42 -3.08 9.56 0.22
CA VAL A 42 -3.78 10.83 0.02
C VAL A 42 -4.61 11.09 1.27
N ALA A 43 -5.07 12.32 1.48
CA ALA A 43 -5.97 12.65 2.57
C ALA A 43 -7.38 12.26 2.12
N ALA A 44 -8.01 11.33 2.84
CA ALA A 44 -9.44 10.99 2.81
C ALA A 44 -9.98 10.51 1.46
N GLY A 45 -9.09 10.18 0.51
CA GLY A 45 -9.48 9.99 -0.87
C GLY A 45 -10.01 11.29 -1.49
N GLU A 46 -9.76 12.46 -0.91
CA GLU A 46 -10.34 13.73 -1.33
C GLU A 46 -9.66 14.26 -2.61
N GLY A 47 -8.59 13.60 -3.07
CA GLY A 47 -7.75 13.99 -4.20
C GLY A 47 -6.42 14.55 -3.71
N ILE A 48 -6.45 15.30 -2.60
CA ILE A 48 -5.34 15.92 -1.87
C ILE A 48 -4.19 14.90 -1.71
N PRO A 49 -3.11 14.97 -2.52
CA PRO A 49 -2.04 14.00 -2.47
C PRO A 49 -1.14 14.27 -1.25
N ILE A 50 -0.51 13.22 -0.75
CA ILE A 50 0.64 13.36 0.13
C ILE A 50 1.84 12.96 -0.75
N PHE A 51 2.25 11.69 -0.77
CA PHE A 51 3.33 11.24 -1.64
C PHE A 51 3.08 9.81 -2.09
N GLU A 52 3.90 9.36 -3.05
CA GLU A 52 3.97 8.00 -3.56
C GLU A 52 5.38 7.48 -3.24
N ASP A 53 5.43 6.34 -2.54
CA ASP A 53 6.61 5.59 -2.12
C ASP A 53 6.77 4.36 -3.02
N PHE A 54 7.98 3.81 -3.07
CA PHE A 54 8.22 2.47 -3.55
C PHE A 54 9.04 1.74 -2.50
N VAL A 55 8.93 0.42 -2.47
CA VAL A 55 9.68 -0.42 -1.53
C VAL A 55 10.64 -1.28 -2.36
N ASP A 56 11.34 -2.24 -1.79
CA ASP A 56 12.26 -3.13 -2.53
C ASP A 56 11.51 -3.91 -3.63
N SER A 57 10.78 -4.96 -3.24
CA SER A 57 10.29 -6.03 -4.11
C SER A 57 9.74 -7.19 -3.29
N SER A 58 10.41 -7.49 -2.18
CA SER A 58 10.17 -8.65 -1.33
C SER A 58 9.91 -8.21 0.10
N VAL A 59 9.52 -6.94 0.28
CA VAL A 59 9.32 -6.38 1.60
C VAL A 59 8.03 -6.96 2.16
N GLY A 60 8.12 -7.56 3.34
CA GLY A 60 7.01 -8.14 4.08
C GLY A 60 6.57 -7.25 5.25
N TYR A 61 7.17 -6.06 5.40
CA TYR A 61 6.81 -5.09 6.43
C TYR A 61 7.40 -3.70 6.09
N TYR A 62 6.59 -2.62 6.08
CA TYR A 62 7.05 -1.26 5.77
C TYR A 62 6.36 -0.27 6.73
N THR A 63 6.90 0.94 6.85
CA THR A 63 6.46 1.95 7.81
C THR A 63 6.44 3.31 7.10
N VAL A 64 5.53 4.20 7.48
CA VAL A 64 5.31 5.49 6.83
C VAL A 64 5.23 6.55 7.92
N THR A 65 5.75 7.74 7.64
CA THR A 65 5.96 8.78 8.64
C THR A 65 5.63 10.13 8.02
N GLY A 66 5.86 11.22 8.75
CA GLY A 66 5.48 12.56 8.37
C GLY A 66 3.98 12.70 8.19
N LEU A 67 3.20 11.87 8.87
CA LEU A 67 1.77 12.01 8.96
C LEU A 67 1.46 13.09 10.01
N GLU A 68 0.23 13.56 10.03
CA GLU A 68 -0.39 14.35 11.08
C GLU A 68 -1.72 13.65 11.37
N PRO A 69 -2.11 13.39 12.63
CA PRO A 69 -3.38 12.73 12.97
C PRO A 69 -4.53 13.73 12.89
N GLY A 70 -5.78 13.26 12.95
CA GLY A 70 -6.96 14.10 13.02
C GLY A 70 -7.72 14.22 11.70
N ILE A 71 -7.23 13.64 10.61
CA ILE A 71 -7.88 13.61 9.31
C ILE A 71 -7.97 12.15 8.87
N ASP A 72 -8.80 11.90 7.85
CA ASP A 72 -8.91 10.58 7.24
C ASP A 72 -7.86 10.45 6.15
N TYR A 73 -7.37 9.24 5.90
CA TYR A 73 -6.31 8.97 4.94
C TYR A 73 -6.65 7.71 4.14
N ASP A 74 -6.57 7.77 2.81
CA ASP A 74 -6.56 6.58 1.97
C ASP A 74 -5.11 6.21 1.72
N ILE A 75 -4.66 5.12 2.32
CA ILE A 75 -3.30 4.60 2.17
C ILE A 75 -3.41 3.46 1.13
N SER A 76 -3.17 3.76 -0.16
CA SER A 76 -3.30 2.75 -1.20
C SER A 76 -1.97 2.12 -1.51
N VAL A 77 -2.02 0.88 -2.00
CA VAL A 77 -0.87 0.03 -2.22
C VAL A 77 -1.17 -0.73 -3.51
N ILE A 78 -0.61 -0.25 -4.61
CA ILE A 78 -0.71 -0.90 -5.91
C ILE A 78 0.52 -1.80 -6.03
N THR A 79 0.24 -3.05 -6.38
CA THR A 79 1.21 -4.11 -6.46
C THR A 79 1.46 -4.40 -7.94
N LEU A 80 2.72 -4.35 -8.40
CA LEU A 80 3.06 -4.41 -9.81
C LEU A 80 4.02 -5.57 -10.11
N ILE A 81 3.91 -6.13 -11.32
CA ILE A 81 4.77 -7.16 -11.88
C ILE A 81 5.13 -6.74 -13.31
N ASN A 82 5.86 -7.60 -14.02
CA ASN A 82 6.06 -7.54 -15.48
C ASN A 82 4.80 -7.02 -16.18
N GLY A 83 4.87 -5.79 -16.69
CA GLY A 83 3.83 -5.11 -17.46
C GLY A 83 2.42 -5.37 -16.94
N GLY A 84 2.26 -5.34 -15.61
CA GLY A 84 1.06 -5.83 -14.96
C GLY A 84 0.92 -5.23 -13.57
N GLU A 85 -0.30 -5.23 -13.04
CA GLU A 85 -0.67 -4.72 -11.73
C GLU A 85 -1.79 -5.58 -11.16
N SER A 86 -2.00 -5.51 -9.86
CA SER A 86 -3.12 -6.15 -9.19
C SER A 86 -4.32 -5.19 -9.18
N ALA A 87 -5.38 -5.54 -8.43
CA ALA A 87 -6.42 -4.58 -8.09
C ALA A 87 -5.83 -3.49 -7.17
N PRO A 88 -6.39 -2.26 -7.18
CA PRO A 88 -5.94 -1.21 -6.30
C PRO A 88 -6.40 -1.53 -4.87
N THR A 89 -5.49 -2.00 -4.01
CA THR A 89 -5.81 -2.21 -2.60
C THR A 89 -5.58 -0.89 -1.87
N THR A 90 -6.48 -0.57 -0.95
CA THR A 90 -6.40 0.60 -0.07
C THR A 90 -7.00 0.19 1.28
N LEU A 91 -6.89 1.05 2.29
CA LEU A 91 -7.77 1.07 3.45
C LEU A 91 -7.87 2.56 3.84
N THR A 92 -9.07 3.03 4.12
CA THR A 92 -9.39 4.35 4.66
C THR A 92 -9.13 4.29 6.17
N GLN A 93 -8.02 4.86 6.66
CA GLN A 93 -7.73 5.05 8.08
C GLN A 93 -7.85 6.51 8.54
N GLN A 94 -8.87 6.85 9.33
CA GLN A 94 -8.83 8.03 10.19
C GLN A 94 -8.03 7.63 11.44
N THR A 95 -7.30 8.55 12.06
CA THR A 95 -6.48 8.25 13.23
C THR A 95 -6.58 9.47 14.14
N MET A 1 -15.03 -7.48 -18.71
CA MET A 1 -14.49 -8.64 -19.41
C MET A 1 -13.07 -8.94 -18.90
N ARG A 2 -12.88 -9.00 -17.57
CA ARG A 2 -11.66 -9.38 -16.89
C ARG A 2 -12.03 -9.97 -15.53
N GLY A 3 -11.07 -10.52 -14.79
CA GLY A 3 -11.33 -10.97 -13.44
C GLY A 3 -10.05 -11.49 -12.77
N SER A 4 -9.84 -11.08 -11.51
CA SER A 4 -8.87 -11.62 -10.54
C SER A 4 -7.40 -11.63 -10.98
N GLU A 5 -7.09 -10.96 -12.09
CA GLU A 5 -6.02 -11.32 -13.01
C GLU A 5 -4.63 -11.28 -12.35
N VAL A 6 -4.02 -10.11 -12.17
CA VAL A 6 -2.74 -10.03 -11.51
C VAL A 6 -2.99 -10.18 -10.00
N PRO A 7 -2.20 -11.00 -9.27
CA PRO A 7 -2.45 -11.30 -7.86
C PRO A 7 -2.26 -10.05 -6.98
N GLN A 8 -3.21 -9.79 -6.07
CA GLN A 8 -3.21 -8.70 -5.10
C GLN A 8 -2.84 -9.23 -3.73
N LEU A 9 -2.33 -8.36 -2.86
CA LEU A 9 -1.80 -8.71 -1.56
C LEU A 9 -2.93 -9.07 -0.60
N THR A 10 -3.34 -10.32 -0.61
CA THR A 10 -4.39 -10.84 0.25
C THR A 10 -3.99 -10.81 1.75
N ASP A 11 -2.72 -10.56 2.10
CA ASP A 11 -2.28 -10.32 3.48
C ASP A 11 -2.24 -8.82 3.85
N LEU A 12 -2.60 -7.90 2.94
CA LEU A 12 -2.44 -6.45 3.14
C LEU A 12 -3.12 -5.97 4.42
N SER A 13 -2.34 -5.65 5.46
CA SER A 13 -2.81 -5.30 6.79
C SER A 13 -1.99 -4.16 7.35
N PHE A 14 -2.61 -3.19 8.02
CA PHE A 14 -1.89 -2.15 8.74
C PHE A 14 -1.73 -2.59 10.20
N VAL A 15 -0.73 -2.06 10.89
CA VAL A 15 -0.51 -2.17 12.32
C VAL A 15 0.11 -0.86 12.83
N ASP A 16 0.15 -0.67 14.16
CA ASP A 16 0.79 0.46 14.86
C ASP A 16 0.31 1.76 14.24
N ILE A 17 -1.01 1.98 14.30
CA ILE A 17 -1.73 3.08 13.69
C ILE A 17 -1.58 4.31 14.60
N THR A 18 -0.34 4.77 14.73
CA THR A 18 0.01 5.88 15.61
C THR A 18 0.03 7.22 14.86
N ASP A 19 0.16 8.33 15.60
CA ASP A 19 -0.09 9.69 15.13
C ASP A 19 1.02 10.20 14.20
N SER A 20 2.09 9.42 14.00
CA SER A 20 3.30 9.82 13.30
C SER A 20 3.68 8.90 12.15
N SER A 21 3.07 7.71 12.11
CA SER A 21 3.49 6.60 11.28
C SER A 21 2.51 5.46 11.37
N ILE A 22 2.40 4.73 10.26
CA ILE A 22 1.55 3.56 10.13
C ILE A 22 2.43 2.42 9.64
N GLY A 23 2.35 1.26 10.27
CA GLY A 23 3.03 0.04 9.84
C GLY A 23 2.12 -0.72 8.88
N LEU A 24 2.73 -1.55 8.04
CA LEU A 24 2.04 -2.38 7.06
C LEU A 24 2.67 -3.76 7.05
N ARG A 25 1.87 -4.82 7.17
CA ARG A 25 2.25 -6.16 6.75
C ARG A 25 1.65 -6.41 5.38
N TRP A 26 2.32 -7.23 4.60
CA TRP A 26 1.71 -8.07 3.56
C TRP A 26 2.59 -9.31 3.42
N THR A 27 2.23 -10.32 2.62
CA THR A 27 3.20 -11.37 2.38
C THR A 27 4.03 -10.91 1.18
N PRO A 28 5.34 -11.16 1.16
CA PRO A 28 6.11 -10.93 -0.04
C PRO A 28 5.84 -12.12 -0.96
N LEU A 29 5.36 -11.86 -2.17
CA LEU A 29 5.04 -12.91 -3.14
C LEU A 29 6.30 -13.48 -3.80
N ASN A 30 7.41 -12.73 -3.77
CA ASN A 30 8.72 -13.05 -4.34
C ASN A 30 8.61 -13.48 -5.81
N SER A 31 7.61 -12.94 -6.53
CA SER A 31 7.02 -13.46 -7.75
C SER A 31 7.97 -13.41 -8.98
N SER A 32 9.23 -13.02 -8.82
CA SER A 32 10.27 -12.81 -9.83
C SER A 32 9.95 -11.67 -10.80
N THR A 33 8.87 -11.82 -11.58
CA THR A 33 8.33 -10.91 -12.59
C THR A 33 7.80 -9.60 -12.00
N ILE A 34 7.50 -9.61 -10.70
CA ILE A 34 7.23 -8.43 -9.91
C ILE A 34 8.38 -7.43 -10.03
N ILE A 35 8.08 -6.13 -9.88
CA ILE A 35 9.07 -5.08 -9.74
C ILE A 35 9.17 -4.77 -8.25
N GLY A 36 8.06 -4.38 -7.63
CA GLY A 36 8.00 -4.01 -6.23
C GLY A 36 6.56 -3.69 -5.84
N TYR A 37 6.39 -2.88 -4.80
CA TYR A 37 5.11 -2.33 -4.43
C TYR A 37 5.32 -0.84 -4.32
N ARG A 38 4.29 -0.09 -4.70
CA ARG A 38 4.23 1.35 -4.60
C ARG A 38 3.14 1.62 -3.60
N ILE A 39 3.46 2.36 -2.54
CA ILE A 39 2.46 2.89 -1.63
C ILE A 39 2.14 4.29 -2.13
N THR A 40 0.96 4.77 -1.79
CA THR A 40 0.53 6.14 -1.97
C THR A 40 -0.35 6.44 -0.77
N VAL A 41 -0.26 7.66 -0.28
CA VAL A 41 -1.17 8.19 0.71
C VAL A 41 -1.75 9.46 0.16
N VAL A 42 -3.05 9.59 0.40
CA VAL A 42 -3.78 10.79 0.07
C VAL A 42 -4.59 11.13 1.33
N ALA A 43 -5.07 12.36 1.39
CA ALA A 43 -6.08 12.75 2.37
C ALA A 43 -7.43 12.37 1.76
N ALA A 44 -8.11 11.40 2.39
CA ALA A 44 -9.48 11.08 2.04
C ALA A 44 -10.31 12.36 2.16
N GLY A 45 -11.21 12.57 1.22
CA GLY A 45 -12.10 13.72 1.19
C GLY A 45 -11.91 14.55 -0.07
N GLU A 46 -10.67 14.82 -0.43
CA GLU A 46 -10.33 15.38 -1.74
C GLU A 46 -9.59 14.33 -2.57
N GLY A 47 -8.90 13.40 -1.93
CA GLY A 47 -7.99 12.48 -2.61
C GLY A 47 -6.70 13.18 -3.02
N ILE A 48 -6.45 14.39 -2.49
CA ILE A 48 -5.20 15.13 -2.48
C ILE A 48 -4.05 14.16 -2.18
N PRO A 49 -3.23 13.77 -3.17
CA PRO A 49 -2.16 12.80 -2.98
C PRO A 49 -0.93 13.50 -2.44
N ILE A 50 -0.40 12.98 -1.33
CA ILE A 50 0.71 13.58 -0.63
C ILE A 50 1.99 13.07 -1.32
N PHE A 51 2.34 11.79 -1.17
CA PHE A 51 3.51 11.20 -1.83
C PHE A 51 3.22 9.75 -2.20
N GLU A 52 4.07 9.20 -3.07
CA GLU A 52 4.15 7.79 -3.39
C GLU A 52 5.51 7.32 -2.89
N ASP A 53 5.52 6.28 -2.07
CA ASP A 53 6.70 5.61 -1.53
C ASP A 53 6.90 4.31 -2.28
N PHE A 54 8.10 3.73 -2.19
CA PHE A 54 8.41 2.44 -2.76
C PHE A 54 8.96 1.53 -1.68
N VAL A 55 8.95 0.23 -1.94
CA VAL A 55 9.57 -0.76 -1.10
C VAL A 55 10.51 -1.59 -1.97
N ASP A 56 11.15 -2.62 -1.40
CA ASP A 56 12.27 -3.30 -2.05
C ASP A 56 11.87 -4.13 -3.28
N SER A 57 11.18 -5.26 -3.07
CA SER A 57 10.83 -6.36 -3.97
C SER A 57 10.60 -7.65 -3.14
N SER A 58 11.11 -7.76 -1.92
CA SER A 58 10.79 -8.86 -1.00
C SER A 58 10.52 -8.36 0.43
N VAL A 59 10.21 -7.07 0.59
CA VAL A 59 9.73 -6.54 1.86
C VAL A 59 8.28 -7.00 2.03
N GLY A 60 7.98 -7.59 3.19
CA GLY A 60 6.65 -7.96 3.69
C GLY A 60 6.31 -7.29 5.02
N TYR A 61 7.19 -6.43 5.55
CA TYR A 61 6.87 -5.51 6.64
C TYR A 61 7.50 -4.15 6.36
N TYR A 62 6.72 -3.08 6.42
CA TYR A 62 7.10 -1.72 6.03
C TYR A 62 6.46 -0.72 7.01
N THR A 63 6.93 0.53 7.02
CA THR A 63 6.39 1.65 7.79
C THR A 63 6.30 2.86 6.85
N VAL A 64 5.18 3.61 6.87
CA VAL A 64 5.11 4.94 6.29
C VAL A 64 5.25 5.94 7.44
N THR A 65 5.71 7.15 7.15
CA THR A 65 5.90 8.20 8.14
C THR A 65 5.39 9.53 7.58
N GLY A 66 5.30 10.58 8.41
CA GLY A 66 4.85 11.89 7.97
C GLY A 66 3.34 11.98 7.85
N LEU A 67 2.67 11.17 8.66
CA LEU A 67 1.25 11.03 8.81
C LEU A 67 0.72 12.38 9.28
N GLU A 68 -0.57 12.60 9.05
CA GLU A 68 -1.26 13.87 9.22
C GLU A 68 -2.41 13.68 10.23
N PRO A 69 -2.10 13.69 11.53
CA PRO A 69 -3.04 13.32 12.54
C PRO A 69 -4.12 14.38 12.62
N GLY A 70 -5.37 13.97 12.48
CA GLY A 70 -6.53 14.84 12.44
C GLY A 70 -7.43 14.60 11.24
N ILE A 71 -6.89 14.09 10.14
CA ILE A 71 -7.58 13.84 8.89
C ILE A 71 -7.70 12.31 8.71
N ASP A 72 -8.54 11.88 7.77
CA ASP A 72 -8.69 10.49 7.32
C ASP A 72 -7.82 10.32 6.08
N TYR A 73 -6.94 9.33 6.06
CA TYR A 73 -6.00 9.10 4.96
C TYR A 73 -6.31 7.77 4.30
N ASP A 74 -6.50 7.77 2.98
CA ASP A 74 -6.66 6.55 2.18
C ASP A 74 -5.25 6.11 1.80
N ILE A 75 -4.73 5.08 2.47
CA ILE A 75 -3.41 4.54 2.19
C ILE A 75 -3.59 3.46 1.12
N SER A 76 -3.30 3.77 -0.14
CA SER A 76 -3.29 2.79 -1.21
C SER A 76 -1.92 2.14 -1.32
N VAL A 77 -1.90 0.85 -1.62
CA VAL A 77 -0.72 0.03 -1.71
C VAL A 77 -1.01 -0.83 -2.94
N ILE A 78 -0.16 -0.73 -3.97
CA ILE A 78 -0.40 -1.36 -5.26
C ILE A 78 0.82 -2.23 -5.60
N THR A 79 0.59 -3.41 -6.18
CA THR A 79 1.66 -4.28 -6.64
C THR A 79 1.81 -4.04 -8.14
N LEU A 80 3.05 -3.94 -8.60
CA LEU A 80 3.40 -3.76 -9.99
C LEU A 80 4.26 -4.92 -10.45
N ILE A 81 3.92 -5.48 -11.60
CA ILE A 81 4.58 -6.63 -12.22
C ILE A 81 4.90 -6.31 -13.68
N ASN A 82 5.35 -7.34 -14.40
CA ASN A 82 5.50 -7.40 -15.87
C ASN A 82 4.38 -6.60 -16.53
N GLY A 83 4.72 -5.37 -16.94
CA GLY A 83 3.85 -4.33 -17.47
C GLY A 83 2.39 -4.45 -17.04
N GLY A 84 2.13 -4.54 -15.73
CA GLY A 84 0.83 -4.92 -15.21
C GLY A 84 0.71 -4.61 -13.73
N GLU A 85 -0.53 -4.54 -13.24
CA GLU A 85 -0.92 -4.04 -11.93
C GLU A 85 -2.01 -4.95 -11.36
N SER A 86 -2.04 -5.15 -10.04
CA SER A 86 -3.07 -5.95 -9.37
C SER A 86 -4.31 -5.11 -9.09
N ALA A 87 -5.28 -5.67 -8.39
CA ALA A 87 -6.37 -4.86 -7.84
C ALA A 87 -5.74 -3.87 -6.86
N PRO A 88 -6.10 -2.58 -6.89
CA PRO A 88 -5.59 -1.62 -5.91
C PRO A 88 -6.13 -2.06 -4.55
N THR A 89 -5.26 -2.11 -3.55
CA THR A 89 -5.61 -2.58 -2.23
C THR A 89 -5.36 -1.40 -1.29
N THR A 90 -6.44 -0.85 -0.75
CA THR A 90 -6.41 0.35 0.06
C THR A 90 -7.09 -0.01 1.39
N LEU A 91 -6.71 0.66 2.47
CA LEU A 91 -7.60 0.87 3.61
C LEU A 91 -7.49 2.36 3.95
N THR A 92 -8.51 2.95 4.54
CA THR A 92 -8.51 4.34 4.96
C THR A 92 -8.55 4.35 6.50
N GLN A 93 -7.73 5.17 7.14
CA GLN A 93 -7.57 5.20 8.58
C GLN A 93 -7.60 6.68 8.98
N GLN A 94 -8.63 7.04 9.74
CA GLN A 94 -8.66 8.30 10.44
C GLN A 94 -7.95 8.09 11.79
N THR A 95 -6.79 8.70 11.97
CA THR A 95 -6.14 8.82 13.27
C THR A 95 -5.51 10.20 13.24
N MET A 1 -12.61 -22.96 -17.77
CA MET A 1 -11.65 -21.93 -18.21
C MET A 1 -12.16 -20.57 -17.79
N ARG A 2 -11.32 -19.77 -17.12
CA ARG A 2 -11.46 -18.40 -16.61
C ARG A 2 -10.49 -18.28 -15.44
N GLY A 3 -10.02 -17.08 -15.10
CA GLY A 3 -9.12 -16.92 -13.97
C GLY A 3 -8.89 -15.45 -13.63
N SER A 4 -8.62 -15.15 -12.36
CA SER A 4 -8.23 -13.83 -11.90
C SER A 4 -6.90 -13.43 -12.54
N GLU A 5 -6.65 -12.13 -12.69
CA GLU A 5 -5.67 -11.61 -13.62
C GLU A 5 -4.27 -11.60 -13.03
N VAL A 6 -4.10 -10.88 -11.91
CA VAL A 6 -2.90 -10.88 -11.09
C VAL A 6 -3.37 -11.00 -9.64
N PRO A 7 -2.72 -11.79 -8.76
CA PRO A 7 -3.05 -11.81 -7.34
C PRO A 7 -2.60 -10.49 -6.71
N GLN A 8 -3.53 -9.80 -6.03
CA GLN A 8 -3.16 -8.73 -5.12
C GLN A 8 -2.57 -9.39 -3.88
N LEU A 9 -1.92 -8.57 -3.05
CA LEU A 9 -1.61 -8.96 -1.69
C LEU A 9 -2.94 -9.08 -0.97
N THR A 10 -3.53 -10.26 -1.03
CA THR A 10 -4.72 -10.63 -0.28
C THR A 10 -4.37 -10.67 1.23
N ASP A 11 -3.07 -10.67 1.58
CA ASP A 11 -2.54 -10.54 2.94
C ASP A 11 -2.29 -9.09 3.38
N LEU A 12 -2.65 -8.09 2.56
CA LEU A 12 -2.44 -6.68 2.85
C LEU A 12 -3.21 -6.29 4.11
N SER A 13 -2.52 -5.78 5.13
CA SER A 13 -3.13 -5.27 6.35
C SER A 13 -2.30 -4.11 6.91
N PHE A 14 -2.87 -3.35 7.84
CA PHE A 14 -2.21 -2.23 8.49
C PHE A 14 -2.14 -2.49 9.99
N VAL A 15 -1.11 -1.96 10.62
CA VAL A 15 -0.79 -2.11 12.04
C VAL A 15 -0.17 -0.79 12.51
N ASP A 16 0.11 -0.67 13.81
CA ASP A 16 1.03 0.34 14.34
C ASP A 16 0.60 1.74 13.91
N ILE A 17 -0.71 2.00 14.03
CA ILE A 17 -1.39 3.23 13.66
C ILE A 17 -1.22 4.21 14.82
N THR A 18 0.04 4.48 15.18
CA THR A 18 0.39 5.55 16.09
C THR A 18 0.15 6.89 15.38
N ASP A 19 0.16 7.98 16.12
CA ASP A 19 -0.09 9.32 15.59
C ASP A 19 1.07 9.92 14.80
N SER A 20 2.09 9.12 14.56
CA SER A 20 3.40 9.50 14.05
C SER A 20 3.86 8.76 12.80
N SER A 21 3.15 7.71 12.40
CA SER A 21 3.45 6.80 11.30
C SER A 21 2.37 5.72 11.23
N ILE A 22 2.32 4.97 10.13
CA ILE A 22 1.34 3.88 9.95
C ILE A 22 2.12 2.66 9.46
N GLY A 23 1.94 1.52 10.10
CA GLY A 23 2.58 0.27 9.69
C GLY A 23 1.72 -0.42 8.64
N LEU A 24 2.38 -1.17 7.75
CA LEU A 24 1.76 -2.05 6.77
C LEU A 24 2.39 -3.42 6.90
N ARG A 25 1.57 -4.45 6.75
CA ARG A 25 2.00 -5.83 6.69
C ARG A 25 1.47 -6.43 5.40
N TRP A 26 2.23 -7.29 4.75
CA TRP A 26 1.72 -8.17 3.71
C TRP A 26 2.66 -9.38 3.58
N THR A 27 2.45 -10.24 2.58
CA THR A 27 3.22 -11.44 2.35
C THR A 27 4.09 -11.23 1.09
N PRO A 28 5.42 -11.02 1.22
CA PRO A 28 6.27 -10.69 0.10
C PRO A 28 6.36 -11.83 -0.93
N LEU A 29 6.05 -11.53 -2.18
CA LEU A 29 6.18 -12.45 -3.30
C LEU A 29 7.59 -12.36 -3.85
N ASN A 30 8.46 -13.33 -3.55
CA ASN A 30 9.80 -13.40 -4.14
C ASN A 30 9.72 -14.02 -5.54
N SER A 31 8.81 -13.53 -6.39
CA SER A 31 8.46 -14.22 -7.62
C SER A 31 9.65 -14.35 -8.57
N SER A 32 10.20 -13.24 -9.08
CA SER A 32 11.36 -13.13 -9.99
C SER A 32 11.37 -11.83 -10.80
N THR A 33 10.18 -11.42 -11.27
CA THR A 33 9.95 -10.43 -12.31
C THR A 33 8.78 -9.50 -11.92
N ILE A 34 8.12 -9.80 -10.79
CA ILE A 34 7.55 -8.77 -9.93
C ILE A 34 8.56 -7.61 -9.77
N ILE A 35 8.07 -6.37 -9.89
CA ILE A 35 8.87 -5.15 -9.85
C ILE A 35 8.86 -4.55 -8.44
N GLY A 36 7.69 -4.52 -7.80
CA GLY A 36 7.62 -4.08 -6.42
C GLY A 36 6.20 -3.81 -5.99
N TYR A 37 6.08 -3.00 -4.94
CA TYR A 37 4.79 -2.53 -4.48
C TYR A 37 4.95 -1.03 -4.34
N ARG A 38 4.06 -0.29 -5.00
CA ARG A 38 3.97 1.15 -4.92
C ARG A 38 2.98 1.42 -3.81
N ILE A 39 3.33 2.34 -2.91
CA ILE A 39 2.42 2.88 -1.93
C ILE A 39 2.17 4.33 -2.33
N THR A 40 0.97 4.81 -2.02
CA THR A 40 0.62 6.20 -2.13
C THR A 40 -0.25 6.48 -0.89
N VAL A 41 -0.35 7.74 -0.52
CA VAL A 41 -1.14 8.18 0.60
C VAL A 41 -1.81 9.45 0.10
N VAL A 42 -3.13 9.55 0.17
CA VAL A 42 -3.79 10.85 -0.02
C VAL A 42 -4.67 11.17 1.19
N ALA A 43 -5.06 12.42 1.37
CA ALA A 43 -5.97 12.85 2.41
C ALA A 43 -7.36 12.70 1.79
N ALA A 44 -8.13 11.72 2.22
CA ALA A 44 -9.44 11.42 1.64
C ALA A 44 -10.37 12.63 1.65
N GLY A 45 -10.19 13.52 2.65
CA GLY A 45 -10.99 14.72 2.82
C GLY A 45 -10.90 15.75 1.69
N GLU A 46 -9.87 15.69 0.83
CA GLU A 46 -9.78 16.59 -0.33
C GLU A 46 -9.08 15.94 -1.52
N GLY A 47 -8.73 14.65 -1.46
CA GLY A 47 -7.95 13.94 -2.46
C GLY A 47 -6.48 14.39 -2.51
N ILE A 48 -6.10 15.41 -1.75
CA ILE A 48 -4.76 15.98 -1.58
C ILE A 48 -3.73 14.86 -1.39
N PRO A 49 -2.90 14.55 -2.40
CA PRO A 49 -1.95 13.46 -2.32
C PRO A 49 -0.73 13.88 -1.49
N ILE A 50 -0.34 13.01 -0.56
CA ILE A 50 0.72 13.30 0.39
C ILE A 50 2.02 12.97 -0.33
N PHE A 51 2.29 11.70 -0.63
CA PHE A 51 3.40 11.27 -1.46
C PHE A 51 3.12 9.87 -2.00
N GLU A 52 4.02 9.40 -2.86
CA GLU A 52 4.07 8.03 -3.36
C GLU A 52 5.44 7.45 -3.01
N ASP A 53 5.44 6.33 -2.29
CA ASP A 53 6.60 5.57 -1.86
C ASP A 53 6.74 4.31 -2.70
N PHE A 54 7.90 3.67 -2.63
CA PHE A 54 8.14 2.34 -3.18
C PHE A 54 8.83 1.49 -2.13
N VAL A 55 8.81 0.16 -2.30
CA VAL A 55 9.61 -0.72 -1.49
C VAL A 55 10.48 -1.59 -2.43
N ASP A 56 11.23 -2.53 -1.86
CA ASP A 56 12.33 -3.20 -2.55
C ASP A 56 11.87 -4.11 -3.70
N SER A 57 11.13 -5.17 -3.37
CA SER A 57 10.68 -6.34 -4.16
C SER A 57 10.42 -7.56 -3.25
N SER A 58 10.88 -7.54 -1.99
CA SER A 58 10.71 -8.65 -1.06
C SER A 58 10.28 -8.18 0.33
N VAL A 59 9.86 -6.91 0.47
CA VAL A 59 9.42 -6.39 1.76
C VAL A 59 8.05 -6.98 2.08
N GLY A 60 7.84 -7.36 3.35
CA GLY A 60 6.56 -7.82 3.89
C GLY A 60 6.21 -7.15 5.22
N TYR A 61 7.01 -6.17 5.64
CA TYR A 61 6.71 -5.28 6.74
C TYR A 61 7.30 -3.92 6.41
N TYR A 62 6.50 -2.87 6.42
CA TYR A 62 6.84 -1.53 5.95
C TYR A 62 6.11 -0.51 6.83
N THR A 63 6.52 0.75 6.81
CA THR A 63 5.91 1.81 7.59
C THR A 63 5.96 3.12 6.79
N VAL A 64 4.84 3.82 6.71
CA VAL A 64 4.72 5.15 6.10
C VAL A 64 4.90 6.17 7.23
N THR A 65 5.44 7.35 6.92
CA THR A 65 5.52 8.51 7.79
C THR A 65 4.81 9.68 7.05
N GLY A 66 4.89 10.92 7.53
CA GLY A 66 4.32 12.09 6.83
C GLY A 66 2.82 12.25 7.10
N LEU A 67 2.32 11.57 8.13
CA LEU A 67 0.92 11.66 8.55
C LEU A 67 0.70 12.98 9.30
N GLU A 68 -0.54 13.45 9.26
CA GLU A 68 -1.10 14.46 10.13
C GLU A 68 -2.31 13.84 10.84
N PRO A 69 -2.28 13.67 12.17
CA PRO A 69 -3.36 13.01 12.90
C PRO A 69 -4.65 13.82 12.80
N GLY A 70 -5.77 13.12 12.73
CA GLY A 70 -7.12 13.66 12.79
C GLY A 70 -7.79 13.78 11.42
N ILE A 71 -7.07 13.59 10.31
CA ILE A 71 -7.64 13.59 8.97
C ILE A 71 -7.72 12.13 8.51
N ASP A 72 -8.69 11.84 7.65
CA ASP A 72 -8.94 10.54 7.05
C ASP A 72 -7.96 10.34 5.89
N TYR A 73 -7.12 9.31 5.93
CA TYR A 73 -5.98 9.13 5.04
C TYR A 73 -6.20 7.83 4.24
N ASP A 74 -6.25 7.92 2.91
CA ASP A 74 -6.32 6.80 1.97
C ASP A 74 -4.90 6.30 1.73
N ILE A 75 -4.43 5.33 2.53
CA ILE A 75 -3.13 4.72 2.26
C ILE A 75 -3.38 3.63 1.22
N SER A 76 -2.93 3.83 -0.01
CA SER A 76 -3.28 3.06 -1.19
C SER A 76 -2.07 2.31 -1.72
N VAL A 77 -2.18 0.99 -1.81
CA VAL A 77 -1.02 0.12 -2.00
C VAL A 77 -1.38 -0.88 -3.09
N ILE A 78 -0.49 -1.06 -4.06
CA ILE A 78 -0.67 -1.95 -5.20
C ILE A 78 0.64 -2.63 -5.59
N THR A 79 0.50 -3.81 -6.19
CA THR A 79 1.58 -4.66 -6.64
C THR A 79 1.63 -4.55 -8.15
N LEU A 80 2.83 -4.38 -8.68
CA LEU A 80 3.12 -4.24 -10.09
C LEU A 80 4.07 -5.36 -10.51
N ILE A 81 3.76 -5.99 -11.63
CA ILE A 81 4.49 -7.13 -12.19
C ILE A 81 4.78 -6.83 -13.66
N ASN A 82 5.52 -7.70 -14.36
CA ASN A 82 5.72 -7.59 -15.80
C ASN A 82 4.38 -7.34 -16.50
N GLY A 83 4.23 -6.11 -17.02
CA GLY A 83 3.07 -5.62 -17.75
C GLY A 83 1.74 -6.11 -17.17
N GLY A 84 1.60 -6.12 -15.84
CA GLY A 84 0.47 -6.72 -15.17
C GLY A 84 0.18 -5.99 -13.88
N GLU A 85 -1.10 -5.90 -13.54
CA GLU A 85 -1.59 -4.92 -12.58
C GLU A 85 -2.53 -5.63 -11.60
N SER A 86 -2.16 -5.62 -10.32
CA SER A 86 -2.98 -6.20 -9.25
C SER A 86 -4.03 -5.17 -8.81
N ALA A 87 -4.78 -5.45 -7.74
CA ALA A 87 -5.88 -4.57 -7.31
C ALA A 87 -5.37 -3.45 -6.40
N PRO A 88 -5.76 -2.18 -6.62
CA PRO A 88 -5.38 -1.06 -5.76
C PRO A 88 -6.06 -1.31 -4.40
N THR A 89 -5.28 -1.65 -3.37
CA THR A 89 -5.79 -2.00 -2.07
C THR A 89 -5.48 -0.84 -1.14
N THR A 90 -6.48 -0.02 -0.83
CA THR A 90 -6.37 1.02 0.18
C THR A 90 -6.91 0.44 1.49
N LEU A 91 -6.54 1.01 2.66
CA LEU A 91 -7.37 0.93 3.85
C LEU A 91 -7.46 2.35 4.42
N THR A 92 -8.58 3.02 4.19
CA THR A 92 -8.78 4.41 4.57
C THR A 92 -9.24 4.48 6.02
N GLN A 93 -8.44 5.15 6.86
CA GLN A 93 -8.66 5.29 8.29
C GLN A 93 -8.38 6.73 8.69
N GLN A 94 -8.99 7.22 9.76
CA GLN A 94 -8.45 8.37 10.48
C GLN A 94 -7.32 7.86 11.38
N THR A 95 -6.40 8.73 11.76
CA THR A 95 -5.26 8.38 12.61
C THR A 95 -5.28 9.32 13.81
#